data_1R6K
# 
_entry.id   1R6K 
# 
_audit_conform.dict_name       mmcif_pdbx.dic 
_audit_conform.dict_version    5.386 
_audit_conform.dict_location   http://mmcif.pdb.org/dictionaries/ascii/mmcif_pdbx.dic 
# 
loop_
_database_2.database_id 
_database_2.database_code 
_database_2.pdbx_database_accession 
_database_2.pdbx_DOI 
PDB   1R6K         pdb_00001r6k 10.2210/pdb1r6k/pdb 
RCSB  RCSB020498   ?            ?                   
WWPDB D_1000020498 ?            ?                   
# 
loop_
_pdbx_audit_revision_history.ordinal 
_pdbx_audit_revision_history.data_content_type 
_pdbx_audit_revision_history.major_revision 
_pdbx_audit_revision_history.minor_revision 
_pdbx_audit_revision_history.revision_date 
1 'Structure model' 1 0 2004-02-24 
2 'Structure model' 1 1 2008-04-29 
3 'Structure model' 1 2 2011-07-13 
4 'Structure model' 1 3 2011-11-16 
5 'Structure model' 1 4 2018-01-24 
6 'Structure model' 1 5 2024-02-14 
# 
_pdbx_audit_revision_details.ordinal             1 
_pdbx_audit_revision_details.revision_ordinal    1 
_pdbx_audit_revision_details.data_content_type   'Structure model' 
_pdbx_audit_revision_details.provider            repository 
_pdbx_audit_revision_details.type                'Initial release' 
_pdbx_audit_revision_details.description         ? 
_pdbx_audit_revision_details.details             ? 
# 
loop_
_pdbx_audit_revision_group.ordinal 
_pdbx_audit_revision_group.revision_ordinal 
_pdbx_audit_revision_group.data_content_type 
_pdbx_audit_revision_group.group 
1 2 'Structure model' 'Version format compliance' 
2 3 'Structure model' 'Version format compliance' 
3 4 'Structure model' 'Atomic model'              
4 5 'Structure model' 'Database references'       
5 6 'Structure model' 'Data collection'           
6 6 'Structure model' 'Database references'       
# 
loop_
_pdbx_audit_revision_category.ordinal 
_pdbx_audit_revision_category.revision_ordinal 
_pdbx_audit_revision_category.data_content_type 
_pdbx_audit_revision_category.category 
1 5 'Structure model' citation_author    
2 6 'Structure model' chem_comp_atom     
3 6 'Structure model' chem_comp_bond     
4 6 'Structure model' database_2         
5 6 'Structure model' struct_ref_seq_dif 
# 
loop_
_pdbx_audit_revision_item.ordinal 
_pdbx_audit_revision_item.revision_ordinal 
_pdbx_audit_revision_item.data_content_type 
_pdbx_audit_revision_item.item 
1 5 'Structure model' '_citation_author.name'               
2 6 'Structure model' '_database_2.pdbx_DOI'                
3 6 'Structure model' '_database_2.pdbx_database_accession' 
4 6 'Structure model' '_struct_ref_seq_dif.details'         
# 
_pdbx_database_status.entry_id                        1R6K 
_pdbx_database_status.status_code                     REL 
_pdbx_database_status.recvd_initial_deposition_date   2003-10-15 
_pdbx_database_status.deposit_site                    RCSB 
_pdbx_database_status.process_site                    RCSB 
_pdbx_database_status.status_code_sf                  REL 
_pdbx_database_status.status_code_mr                  ? 
_pdbx_database_status.SG_entry                        N 
_pdbx_database_status.pdb_format_compatible           Y 
_pdbx_database_status.status_code_cs                  ? 
_pdbx_database_status.methods_development_category    ? 
_pdbx_database_status.status_code_nmr_data            ? 
# 
_pdbx_database_related.db_name        PDB 
_pdbx_database_related.db_id          1R6N 
_pdbx_database_related.details        'HPV11 E2 TAD complex form' 
_pdbx_database_related.content_type   unspecified 
# 
loop_
_audit_author.name 
_audit_author.pdbx_ordinal 
'Wang, Y.'     1 
'Coulombe, R.' 2 
# 
_citation.id                        primary 
_citation.title                     
'Crystal Structure of the E2 Transactivation Domain of Human Papillomavirus Type 11 Bound to a Protein Interaction Inhibitor' 
_citation.journal_abbrev            J.Biol.Chem. 
_citation.journal_volume            279 
_citation.page_first                6976 
_citation.page_last                 6985 
_citation.year                      2004 
_citation.journal_id_ASTM           JBCHA3 
_citation.country                   US 
_citation.journal_id_ISSN           0021-9258 
_citation.journal_id_CSD            0071 
_citation.book_publisher            ? 
_citation.pdbx_database_id_PubMed   14634007 
_citation.pdbx_database_id_DOI      10.1074/jbc.M311376200 
# 
loop_
_citation_author.citation_id 
_citation_author.name 
_citation_author.ordinal 
_citation_author.identifier_ORCID 
primary 'Wang, Y.'         1  ? 
primary 'Coulombe, R.'     2  ? 
primary 'Cameron, D.R.'    3  ? 
primary 'Thauvette, L.'    4  ? 
primary 'Massariol, M.-J.' 5  ? 
primary 'Amon, L.M.'       6  ? 
primary 'Fink, D.'         7  ? 
primary 'Titolo, S.'       8  ? 
primary 'Welchner, E.'     9  ? 
primary 'Yoakim, C.'       10 ? 
primary 'Archambault, J.'  11 ? 
primary 'White, P.W.'      12 ? 
# 
loop_
_entity.id 
_entity.type 
_entity.src_method 
_entity.pdbx_description 
_entity.formula_weight 
_entity.pdbx_number_of_molecules 
_entity.pdbx_ec 
_entity.pdbx_mutation 
_entity.pdbx_fragment 
_entity.details 
1 polymer man 'HPV11 REGULATORY PROTEIN E2' 23918.117 1  ? ? 'TRANSACTIVATION DOMAIN (RESIDUES 2-201)' 'apo form' 
2 water   nat water                         18.015    36 ? ? ?                                         ?          
# 
_entity_name_com.entity_id   1 
_entity_name_com.name        'HPV11 E2 TAD; E2 protein' 
# 
_entity_poly.entity_id                      1 
_entity_poly.type                           'polypeptide(L)' 
_entity_poly.nstd_linkage                   no 
_entity_poly.nstd_monomer                   no 
_entity_poly.pdbx_seq_one_letter_code       
;GHHHHHHEAIAKRLDACQDQLLELYEENSIDIHKHIMHWKCIRLESVLLHKAKQMGLSHIGLQVVPPLTVSETKGHNAIE
MQMHLESLAKTQYGVEPWTLQDTSYEMWLTPPKRCFKKQGNTVEVKFDGCEDNVMEYVVWTHIYLQDNDSWVKVTSSVDA
KGIYYTCGQFKTYYVNFNKEAQKYGSTNHWEVCYGSTVICSPASVSS
;
_entity_poly.pdbx_seq_one_letter_code_can   
;GHHHHHHEAIAKRLDACQDQLLELYEENSIDIHKHIMHWKCIRLESVLLHKAKQMGLSHIGLQVVPPLTVSETKGHNAIE
MQMHLESLAKTQYGVEPWTLQDTSYEMWLTPPKRCFKKQGNTVEVKFDGCEDNVMEYVVWTHIYLQDNDSWVKVTSSVDA
KGIYYTCGQFKTYYVNFNKEAQKYGSTNHWEVCYGSTVICSPASVSS
;
_entity_poly.pdbx_strand_id                 A 
_entity_poly.pdbx_target_identifier         ? 
# 
_pdbx_entity_nonpoly.entity_id   2 
_pdbx_entity_nonpoly.name        water 
_pdbx_entity_nonpoly.comp_id     HOH 
# 
loop_
_entity_poly_seq.entity_id 
_entity_poly_seq.num 
_entity_poly_seq.mon_id 
_entity_poly_seq.hetero 
1 1   GLY n 
1 2   HIS n 
1 3   HIS n 
1 4   HIS n 
1 5   HIS n 
1 6   HIS n 
1 7   HIS n 
1 8   GLU n 
1 9   ALA n 
1 10  ILE n 
1 11  ALA n 
1 12  LYS n 
1 13  ARG n 
1 14  LEU n 
1 15  ASP n 
1 16  ALA n 
1 17  CYS n 
1 18  GLN n 
1 19  ASP n 
1 20  GLN n 
1 21  LEU n 
1 22  LEU n 
1 23  GLU n 
1 24  LEU n 
1 25  TYR n 
1 26  GLU n 
1 27  GLU n 
1 28  ASN n 
1 29  SER n 
1 30  ILE n 
1 31  ASP n 
1 32  ILE n 
1 33  HIS n 
1 34  LYS n 
1 35  HIS n 
1 36  ILE n 
1 37  MET n 
1 38  HIS n 
1 39  TRP n 
1 40  LYS n 
1 41  CYS n 
1 42  ILE n 
1 43  ARG n 
1 44  LEU n 
1 45  GLU n 
1 46  SER n 
1 47  VAL n 
1 48  LEU n 
1 49  LEU n 
1 50  HIS n 
1 51  LYS n 
1 52  ALA n 
1 53  LYS n 
1 54  GLN n 
1 55  MET n 
1 56  GLY n 
1 57  LEU n 
1 58  SER n 
1 59  HIS n 
1 60  ILE n 
1 61  GLY n 
1 62  LEU n 
1 63  GLN n 
1 64  VAL n 
1 65  VAL n 
1 66  PRO n 
1 67  PRO n 
1 68  LEU n 
1 69  THR n 
1 70  VAL n 
1 71  SER n 
1 72  GLU n 
1 73  THR n 
1 74  LYS n 
1 75  GLY n 
1 76  HIS n 
1 77  ASN n 
1 78  ALA n 
1 79  ILE n 
1 80  GLU n 
1 81  MET n 
1 82  GLN n 
1 83  MET n 
1 84  HIS n 
1 85  LEU n 
1 86  GLU n 
1 87  SER n 
1 88  LEU n 
1 89  ALA n 
1 90  LYS n 
1 91  THR n 
1 92  GLN n 
1 93  TYR n 
1 94  GLY n 
1 95  VAL n 
1 96  GLU n 
1 97  PRO n 
1 98  TRP n 
1 99  THR n 
1 100 LEU n 
1 101 GLN n 
1 102 ASP n 
1 103 THR n 
1 104 SER n 
1 105 TYR n 
1 106 GLU n 
1 107 MET n 
1 108 TRP n 
1 109 LEU n 
1 110 THR n 
1 111 PRO n 
1 112 PRO n 
1 113 LYS n 
1 114 ARG n 
1 115 CYS n 
1 116 PHE n 
1 117 LYS n 
1 118 LYS n 
1 119 GLN n 
1 120 GLY n 
1 121 ASN n 
1 122 THR n 
1 123 VAL n 
1 124 GLU n 
1 125 VAL n 
1 126 LYS n 
1 127 PHE n 
1 128 ASP n 
1 129 GLY n 
1 130 CYS n 
1 131 GLU n 
1 132 ASP n 
1 133 ASN n 
1 134 VAL n 
1 135 MET n 
1 136 GLU n 
1 137 TYR n 
1 138 VAL n 
1 139 VAL n 
1 140 TRP n 
1 141 THR n 
1 142 HIS n 
1 143 ILE n 
1 144 TYR n 
1 145 LEU n 
1 146 GLN n 
1 147 ASP n 
1 148 ASN n 
1 149 ASP n 
1 150 SER n 
1 151 TRP n 
1 152 VAL n 
1 153 LYS n 
1 154 VAL n 
1 155 THR n 
1 156 SER n 
1 157 SER n 
1 158 VAL n 
1 159 ASP n 
1 160 ALA n 
1 161 LYS n 
1 162 GLY n 
1 163 ILE n 
1 164 TYR n 
1 165 TYR n 
1 166 THR n 
1 167 CYS n 
1 168 GLY n 
1 169 GLN n 
1 170 PHE n 
1 171 LYS n 
1 172 THR n 
1 173 TYR n 
1 174 TYR n 
1 175 VAL n 
1 176 ASN n 
1 177 PHE n 
1 178 ASN n 
1 179 LYS n 
1 180 GLU n 
1 181 ALA n 
1 182 GLN n 
1 183 LYS n 
1 184 TYR n 
1 185 GLY n 
1 186 SER n 
1 187 THR n 
1 188 ASN n 
1 189 HIS n 
1 190 TRP n 
1 191 GLU n 
1 192 VAL n 
1 193 CYS n 
1 194 TYR n 
1 195 GLY n 
1 196 SER n 
1 197 THR n 
1 198 VAL n 
1 199 ILE n 
1 200 CYS n 
1 201 SER n 
1 202 PRO n 
1 203 ALA n 
1 204 SER n 
1 205 VAL n 
1 206 SER n 
1 207 SER n 
# 
_entity_src_gen.entity_id                          1 
_entity_src_gen.pdbx_src_id                        1 
_entity_src_gen.pdbx_alt_source_flag               sample 
_entity_src_gen.pdbx_seq_type                      ? 
_entity_src_gen.pdbx_beg_seq_num                   ? 
_entity_src_gen.pdbx_end_seq_num                   ? 
_entity_src_gen.gene_src_common_name               ? 
_entity_src_gen.gene_src_genus                     Alphapapillomavirus 
_entity_src_gen.pdbx_gene_src_gene                 E2 
_entity_src_gen.gene_src_species                   'Human papillomavirus - 6' 
_entity_src_gen.gene_src_strain                    ? 
_entity_src_gen.gene_src_tissue                    ? 
_entity_src_gen.gene_src_tissue_fraction           ? 
_entity_src_gen.gene_src_details                   ? 
_entity_src_gen.pdbx_gene_src_fragment             ? 
_entity_src_gen.pdbx_gene_src_scientific_name      'Human papillomavirus type 11' 
_entity_src_gen.pdbx_gene_src_ncbi_taxonomy_id     10580 
_entity_src_gen.pdbx_gene_src_variant              ? 
_entity_src_gen.pdbx_gene_src_cell_line            ? 
_entity_src_gen.pdbx_gene_src_atcc                 ? 
_entity_src_gen.pdbx_gene_src_organ                ? 
_entity_src_gen.pdbx_gene_src_organelle            ? 
_entity_src_gen.pdbx_gene_src_cell                 ? 
_entity_src_gen.pdbx_gene_src_cellular_location    ? 
_entity_src_gen.host_org_common_name               ? 
_entity_src_gen.pdbx_host_org_scientific_name      'Escherichia coli' 
_entity_src_gen.pdbx_host_org_ncbi_taxonomy_id     562 
_entity_src_gen.host_org_genus                     Escherichia 
_entity_src_gen.pdbx_host_org_gene                 ? 
_entity_src_gen.pdbx_host_org_organ                ? 
_entity_src_gen.host_org_species                   ? 
_entity_src_gen.pdbx_host_org_tissue               ? 
_entity_src_gen.pdbx_host_org_tissue_fraction      ? 
_entity_src_gen.pdbx_host_org_strain               B834 
_entity_src_gen.pdbx_host_org_variant              ? 
_entity_src_gen.pdbx_host_org_cell_line            ? 
_entity_src_gen.pdbx_host_org_atcc                 ? 
_entity_src_gen.pdbx_host_org_culture_collection   ? 
_entity_src_gen.pdbx_host_org_cell                 ? 
_entity_src_gen.pdbx_host_org_organelle            ? 
_entity_src_gen.pdbx_host_org_cellular_location    ? 
_entity_src_gen.pdbx_host_org_vector_type          plasmid 
_entity_src_gen.pdbx_host_org_vector               ? 
_entity_src_gen.host_org_details                   ? 
_entity_src_gen.expression_system_id               ? 
_entity_src_gen.plasmid_name                       ? 
_entity_src_gen.plasmid_details                    ? 
_entity_src_gen.pdbx_description                   ? 
# 
loop_
_chem_comp.id 
_chem_comp.type 
_chem_comp.mon_nstd_flag 
_chem_comp.name 
_chem_comp.pdbx_synonyms 
_chem_comp.formula 
_chem_comp.formula_weight 
ALA 'L-peptide linking' y ALANINE         ? 'C3 H7 N O2'     89.093  
ARG 'L-peptide linking' y ARGININE        ? 'C6 H15 N4 O2 1' 175.209 
ASN 'L-peptide linking' y ASPARAGINE      ? 'C4 H8 N2 O3'    132.118 
ASP 'L-peptide linking' y 'ASPARTIC ACID' ? 'C4 H7 N O4'     133.103 
CYS 'L-peptide linking' y CYSTEINE        ? 'C3 H7 N O2 S'   121.158 
GLN 'L-peptide linking' y GLUTAMINE       ? 'C5 H10 N2 O3'   146.144 
GLU 'L-peptide linking' y 'GLUTAMIC ACID' ? 'C5 H9 N O4'     147.129 
GLY 'peptide linking'   y GLYCINE         ? 'C2 H5 N O2'     75.067  
HIS 'L-peptide linking' y HISTIDINE       ? 'C6 H10 N3 O2 1' 156.162 
HOH non-polymer         . WATER           ? 'H2 O'           18.015  
ILE 'L-peptide linking' y ISOLEUCINE      ? 'C6 H13 N O2'    131.173 
LEU 'L-peptide linking' y LEUCINE         ? 'C6 H13 N O2'    131.173 
LYS 'L-peptide linking' y LYSINE          ? 'C6 H15 N2 O2 1' 147.195 
MET 'L-peptide linking' y METHIONINE      ? 'C5 H11 N O2 S'  149.211 
PHE 'L-peptide linking' y PHENYLALANINE   ? 'C9 H11 N O2'    165.189 
PRO 'L-peptide linking' y PROLINE         ? 'C5 H9 N O2'     115.130 
SER 'L-peptide linking' y SERINE          ? 'C3 H7 N O3'     105.093 
THR 'L-peptide linking' y THREONINE       ? 'C4 H9 N O3'     119.119 
TRP 'L-peptide linking' y TRYPTOPHAN      ? 'C11 H12 N2 O2'  204.225 
TYR 'L-peptide linking' y TYROSINE        ? 'C9 H11 N O3'    181.189 
VAL 'L-peptide linking' y VALINE          ? 'C5 H11 N O2'    117.146 
# 
loop_
_pdbx_poly_seq_scheme.asym_id 
_pdbx_poly_seq_scheme.entity_id 
_pdbx_poly_seq_scheme.seq_id 
_pdbx_poly_seq_scheme.mon_id 
_pdbx_poly_seq_scheme.ndb_seq_num 
_pdbx_poly_seq_scheme.pdb_seq_num 
_pdbx_poly_seq_scheme.auth_seq_num 
_pdbx_poly_seq_scheme.pdb_mon_id 
_pdbx_poly_seq_scheme.auth_mon_id 
_pdbx_poly_seq_scheme.pdb_strand_id 
_pdbx_poly_seq_scheme.pdb_ins_code 
_pdbx_poly_seq_scheme.hetero 
A 1 1   GLY 1   -5  ?   ?   ?   A . n 
A 1 2   HIS 2   -4  ?   ?   ?   A . n 
A 1 3   HIS 3   -3  ?   ?   ?   A . n 
A 1 4   HIS 4   -2  ?   ?   ?   A . n 
A 1 5   HIS 5   -1  ?   ?   ?   A . n 
A 1 6   HIS 6   0   ?   ?   ?   A . n 
A 1 7   HIS 7   1   ?   ?   ?   A . n 
A 1 8   GLU 8   2   ?   ?   ?   A . n 
A 1 9   ALA 9   3   3   ALA ALA A . n 
A 1 10  ILE 10  4   4   ILE ILE A . n 
A 1 11  ALA 11  5   5   ALA ALA A . n 
A 1 12  LYS 12  6   6   LYS LYS A . n 
A 1 13  ARG 13  7   7   ARG ARG A . n 
A 1 14  LEU 14  8   8   LEU LEU A . n 
A 1 15  ASP 15  9   9   ASP ASP A . n 
A 1 16  ALA 16  10  10  ALA ALA A . n 
A 1 17  CYS 17  11  11  CYS CYS A . n 
A 1 18  GLN 18  12  12  GLN GLN A . n 
A 1 19  ASP 19  13  13  ASP ASP A . n 
A 1 20  GLN 20  14  14  GLN GLN A . n 
A 1 21  LEU 21  15  15  LEU LEU A . n 
A 1 22  LEU 22  16  16  LEU LEU A . n 
A 1 23  GLU 23  17  17  GLU GLU A . n 
A 1 24  LEU 24  18  18  LEU LEU A . n 
A 1 25  TYR 25  19  19  TYR TYR A . n 
A 1 26  GLU 26  20  20  GLU GLU A . n 
A 1 27  GLU 27  21  21  GLU GLU A . n 
A 1 28  ASN 28  22  22  ASN ASN A . n 
A 1 29  SER 29  23  23  SER SER A . n 
A 1 30  ILE 30  24  24  ILE ILE A . n 
A 1 31  ASP 31  25  25  ASP ASP A . n 
A 1 32  ILE 32  26  26  ILE ILE A . n 
A 1 33  HIS 33  27  27  HIS HIS A . n 
A 1 34  LYS 34  28  28  LYS LYS A . n 
A 1 35  HIS 35  29  29  HIS HIS A . n 
A 1 36  ILE 36  30  30  ILE ILE A . n 
A 1 37  MET 37  31  31  MET MET A . n 
A 1 38  HIS 38  32  32  HIS HIS A . n 
A 1 39  TRP 39  33  33  TRP TRP A . n 
A 1 40  LYS 40  34  34  LYS LYS A . n 
A 1 41  CYS 41  35  35  CYS CYS A . n 
A 1 42  ILE 42  36  36  ILE ILE A . n 
A 1 43  ARG 43  37  37  ARG ARG A . n 
A 1 44  LEU 44  38  38  LEU LEU A . n 
A 1 45  GLU 45  39  39  GLU GLU A . n 
A 1 46  SER 46  40  40  SER SER A . n 
A 1 47  VAL 47  41  41  VAL VAL A . n 
A 1 48  LEU 48  42  42  LEU LEU A . n 
A 1 49  LEU 49  43  43  LEU LEU A . n 
A 1 50  HIS 50  44  44  HIS HIS A . n 
A 1 51  LYS 51  45  45  LYS LYS A . n 
A 1 52  ALA 52  46  46  ALA ALA A . n 
A 1 53  LYS 53  47  47  LYS LYS A . n 
A 1 54  GLN 54  48  48  GLN GLN A . n 
A 1 55  MET 55  49  49  MET MET A . n 
A 1 56  GLY 56  50  50  GLY GLY A . n 
A 1 57  LEU 57  51  51  LEU LEU A . n 
A 1 58  SER 58  52  52  SER SER A . n 
A 1 59  HIS 59  53  53  HIS HIS A . n 
A 1 60  ILE 60  54  54  ILE ILE A . n 
A 1 61  GLY 61  55  55  GLY GLY A . n 
A 1 62  LEU 62  56  56  LEU LEU A . n 
A 1 63  GLN 63  57  57  GLN GLN A . n 
A 1 64  VAL 64  58  58  VAL VAL A . n 
A 1 65  VAL 65  59  59  VAL VAL A . n 
A 1 66  PRO 66  60  60  PRO PRO A . n 
A 1 67  PRO 67  61  61  PRO PRO A . n 
A 1 68  LEU 68  62  62  LEU LEU A . n 
A 1 69  THR 69  63  63  THR THR A . n 
A 1 70  VAL 70  64  64  VAL VAL A . n 
A 1 71  SER 71  65  65  SER SER A . n 
A 1 72  GLU 72  66  66  GLU GLU A . n 
A 1 73  THR 73  67  67  THR THR A . n 
A 1 74  LYS 74  68  68  LYS LYS A . n 
A 1 75  GLY 75  69  69  GLY GLY A . n 
A 1 76  HIS 76  70  70  HIS HIS A . n 
A 1 77  ASN 77  71  71  ASN ASN A . n 
A 1 78  ALA 78  72  72  ALA ALA A . n 
A 1 79  ILE 79  73  73  ILE ILE A . n 
A 1 80  GLU 80  74  74  GLU GLU A . n 
A 1 81  MET 81  75  75  MET MET A . n 
A 1 82  GLN 82  76  76  GLN GLN A . n 
A 1 83  MET 83  77  77  MET MET A . n 
A 1 84  HIS 84  78  78  HIS HIS A . n 
A 1 85  LEU 85  79  79  LEU LEU A . n 
A 1 86  GLU 86  80  80  GLU GLU A . n 
A 1 87  SER 87  81  81  SER SER A . n 
A 1 88  LEU 88  82  82  LEU LEU A . n 
A 1 89  ALA 89  83  83  ALA ALA A . n 
A 1 90  LYS 90  84  84  LYS LYS A . n 
A 1 91  THR 91  85  85  THR THR A . n 
A 1 92  GLN 92  86  86  GLN GLN A . n 
A 1 93  TYR 93  87  87  TYR TYR A . n 
A 1 94  GLY 94  88  88  GLY GLY A . n 
A 1 95  VAL 95  89  89  VAL VAL A . n 
A 1 96  GLU 96  90  90  GLU GLU A . n 
A 1 97  PRO 97  91  91  PRO PRO A . n 
A 1 98  TRP 98  92  92  TRP TRP A . n 
A 1 99  THR 99  93  93  THR THR A . n 
A 1 100 LEU 100 94  94  LEU LEU A . n 
A 1 101 GLN 101 95  95  GLN GLN A . n 
A 1 102 ASP 102 96  96  ASP ASP A . n 
A 1 103 THR 103 97  97  THR THR A . n 
A 1 104 SER 104 98  98  SER SER A . n 
A 1 105 TYR 105 99  99  TYR TYR A . n 
A 1 106 GLU 106 100 100 GLU GLU A . n 
A 1 107 MET 107 101 101 MET MET A . n 
A 1 108 TRP 108 102 102 TRP TRP A . n 
A 1 109 LEU 109 103 103 LEU LEU A . n 
A 1 110 THR 110 104 104 THR THR A . n 
A 1 111 PRO 111 105 105 PRO PRO A . n 
A 1 112 PRO 112 106 106 PRO PRO A . n 
A 1 113 LYS 113 107 107 LYS LYS A . n 
A 1 114 ARG 114 108 108 ARG ARG A . n 
A 1 115 CYS 115 109 109 CYS CYS A . n 
A 1 116 PHE 116 110 110 PHE PHE A . n 
A 1 117 LYS 117 111 111 LYS LYS A . n 
A 1 118 LYS 118 112 112 LYS LYS A . n 
A 1 119 GLN 119 113 113 GLN GLN A . n 
A 1 120 GLY 120 114 114 GLY GLY A . n 
A 1 121 ASN 121 115 115 ASN ASN A . n 
A 1 122 THR 122 116 116 THR THR A . n 
A 1 123 VAL 123 117 117 VAL VAL A . n 
A 1 124 GLU 124 118 118 GLU GLU A . n 
A 1 125 VAL 125 119 119 VAL VAL A . n 
A 1 126 LYS 126 120 120 LYS LYS A . n 
A 1 127 PHE 127 121 121 PHE PHE A . n 
A 1 128 ASP 128 122 ?   ?   ?   A . n 
A 1 129 GLY 129 123 ?   ?   ?   A . n 
A 1 130 CYS 130 124 ?   ?   ?   A . n 
A 1 131 GLU 131 125 ?   ?   ?   A . n 
A 1 132 ASP 132 126 ?   ?   ?   A . n 
A 1 133 ASN 133 127 ?   ?   ?   A . n 
A 1 134 VAL 134 128 128 VAL VAL A . n 
A 1 135 MET 135 129 129 MET MET A . n 
A 1 136 GLU 136 130 130 GLU GLU A . n 
A 1 137 TYR 137 131 131 TYR TYR A . n 
A 1 138 VAL 138 132 132 VAL VAL A . n 
A 1 139 VAL 139 133 133 VAL VAL A . n 
A 1 140 TRP 140 134 134 TRP TRP A . n 
A 1 141 THR 141 135 135 THR THR A . n 
A 1 142 HIS 142 136 136 HIS HIS A . n 
A 1 143 ILE 143 137 137 ILE ILE A . n 
A 1 144 TYR 144 138 138 TYR TYR A . n 
A 1 145 LEU 145 139 139 LEU LEU A . n 
A 1 146 GLN 146 140 140 GLN GLN A . n 
A 1 147 ASP 147 141 141 ASP ASP A . n 
A 1 148 ASN 148 142 142 ASN ASN A . n 
A 1 149 ASP 149 143 143 ASP ASP A . n 
A 1 150 SER 150 144 144 SER SER A . n 
A 1 151 TRP 151 145 145 TRP TRP A . n 
A 1 152 VAL 152 146 146 VAL VAL A . n 
A 1 153 LYS 153 147 147 LYS LYS A . n 
A 1 154 VAL 154 148 148 VAL VAL A . n 
A 1 155 THR 155 149 149 THR THR A . n 
A 1 156 SER 156 150 150 SER SER A . n 
A 1 157 SER 157 151 151 SER SER A . n 
A 1 158 VAL 158 152 152 VAL VAL A . n 
A 1 159 ASP 159 153 153 ASP ASP A . n 
A 1 160 ALA 160 154 154 ALA ALA A . n 
A 1 161 LYS 161 155 155 LYS LYS A . n 
A 1 162 GLY 162 156 156 GLY GLY A . n 
A 1 163 ILE 163 157 157 ILE ILE A . n 
A 1 164 TYR 164 158 158 TYR TYR A . n 
A 1 165 TYR 165 159 159 TYR TYR A . n 
A 1 166 THR 166 160 160 THR THR A . n 
A 1 167 CYS 167 161 161 CYS CYS A . n 
A 1 168 GLY 168 162 162 GLY GLY A . n 
A 1 169 GLN 169 163 163 GLN GLN A . n 
A 1 170 PHE 170 164 164 PHE PHE A . n 
A 1 171 LYS 171 165 165 LYS LYS A . n 
A 1 172 THR 172 166 166 THR THR A . n 
A 1 173 TYR 173 167 167 TYR TYR A . n 
A 1 174 TYR 174 168 168 TYR TYR A . n 
A 1 175 VAL 175 169 169 VAL VAL A . n 
A 1 176 ASN 176 170 170 ASN ASN A . n 
A 1 177 PHE 177 171 171 PHE PHE A . n 
A 1 178 ASN 178 172 172 ASN ASN A . n 
A 1 179 LYS 179 173 173 LYS LYS A . n 
A 1 180 GLU 180 174 174 GLU GLU A . n 
A 1 181 ALA 181 175 175 ALA ALA A . n 
A 1 182 GLN 182 176 176 GLN GLN A . n 
A 1 183 LYS 183 177 177 LYS LYS A . n 
A 1 184 TYR 184 178 178 TYR TYR A . n 
A 1 185 GLY 185 179 179 GLY GLY A . n 
A 1 186 SER 186 180 180 SER SER A . n 
A 1 187 THR 187 181 181 THR THR A . n 
A 1 188 ASN 188 182 182 ASN ASN A . n 
A 1 189 HIS 189 183 183 HIS HIS A . n 
A 1 190 TRP 190 184 184 TRP TRP A . n 
A 1 191 GLU 191 185 185 GLU GLU A . n 
A 1 192 VAL 192 186 186 VAL VAL A . n 
A 1 193 CYS 193 187 187 CYS CYS A . n 
A 1 194 TYR 194 188 188 TYR TYR A . n 
A 1 195 GLY 195 189 189 GLY GLY A . n 
A 1 196 SER 196 190 190 SER SER A . n 
A 1 197 THR 197 191 191 THR THR A . n 
A 1 198 VAL 198 192 192 VAL VAL A . n 
A 1 199 ILE 199 193 193 ILE ILE A . n 
A 1 200 CYS 200 194 194 CYS CYS A . n 
A 1 201 SER 201 195 195 SER SER A . n 
A 1 202 PRO 202 196 ?   ?   ?   A . n 
A 1 203 ALA 203 197 ?   ?   ?   A . n 
A 1 204 SER 204 198 ?   ?   ?   A . n 
A 1 205 VAL 205 199 ?   ?   ?   A . n 
A 1 206 SER 206 200 ?   ?   ?   A . n 
A 1 207 SER 207 201 ?   ?   ?   A . n 
# 
loop_
_pdbx_nonpoly_scheme.asym_id 
_pdbx_nonpoly_scheme.entity_id 
_pdbx_nonpoly_scheme.mon_id 
_pdbx_nonpoly_scheme.ndb_seq_num 
_pdbx_nonpoly_scheme.pdb_seq_num 
_pdbx_nonpoly_scheme.auth_seq_num 
_pdbx_nonpoly_scheme.pdb_mon_id 
_pdbx_nonpoly_scheme.auth_mon_id 
_pdbx_nonpoly_scheme.pdb_strand_id 
_pdbx_nonpoly_scheme.pdb_ins_code 
B 2 HOH 1  202 1  HOH HOH A . 
B 2 HOH 2  203 3  HOH HOH A . 
B 2 HOH 3  204 5  HOH HOH A . 
B 2 HOH 4  205 6  HOH HOH A . 
B 2 HOH 5  206 7  HOH HOH A . 
B 2 HOH 6  207 8  HOH HOH A . 
B 2 HOH 7  208 9  HOH HOH A . 
B 2 HOH 8  209 10 HOH HOH A . 
B 2 HOH 9  210 11 HOH HOH A . 
B 2 HOH 10 211 13 HOH HOH A . 
B 2 HOH 11 212 14 HOH HOH A . 
B 2 HOH 12 213 15 HOH HOH A . 
B 2 HOH 13 214 16 HOH HOH A . 
B 2 HOH 14 215 17 HOH HOH A . 
B 2 HOH 15 216 18 HOH HOH A . 
B 2 HOH 16 217 19 HOH HOH A . 
B 2 HOH 17 218 20 HOH HOH A . 
B 2 HOH 18 219 21 HOH HOH A . 
B 2 HOH 19 220 22 HOH HOH A . 
B 2 HOH 20 221 23 HOH HOH A . 
B 2 HOH 21 222 24 HOH HOH A . 
B 2 HOH 22 223 25 HOH HOH A . 
B 2 HOH 23 224 26 HOH HOH A . 
B 2 HOH 24 225 27 HOH HOH A . 
B 2 HOH 25 226 28 HOH HOH A . 
B 2 HOH 26 227 29 HOH HOH A . 
B 2 HOH 27 228 30 HOH HOH A . 
B 2 HOH 28 229 31 HOH HOH A . 
B 2 HOH 29 230 32 HOH HOH A . 
B 2 HOH 30 231 33 HOH HOH A . 
B 2 HOH 31 232 34 HOH HOH A . 
B 2 HOH 32 233 35 HOH HOH A . 
B 2 HOH 33 234 36 HOH HOH A . 
B 2 HOH 34 235 37 HOH HOH A . 
B 2 HOH 35 236 38 HOH HOH A . 
B 2 HOH 36 237 39 HOH HOH A . 
# 
loop_
_pdbx_unobs_or_zero_occ_atoms.id 
_pdbx_unobs_or_zero_occ_atoms.PDB_model_num 
_pdbx_unobs_or_zero_occ_atoms.polymer_flag 
_pdbx_unobs_or_zero_occ_atoms.occupancy_flag 
_pdbx_unobs_or_zero_occ_atoms.auth_asym_id 
_pdbx_unobs_or_zero_occ_atoms.auth_comp_id 
_pdbx_unobs_or_zero_occ_atoms.auth_seq_id 
_pdbx_unobs_or_zero_occ_atoms.PDB_ins_code 
_pdbx_unobs_or_zero_occ_atoms.auth_atom_id 
_pdbx_unobs_or_zero_occ_atoms.label_alt_id 
_pdbx_unobs_or_zero_occ_atoms.label_asym_id 
_pdbx_unobs_or_zero_occ_atoms.label_comp_id 
_pdbx_unobs_or_zero_occ_atoms.label_seq_id 
_pdbx_unobs_or_zero_occ_atoms.label_atom_id 
1  1 Y 1 A LYS 6   ? CG  ? A LYS 12  CG  
2  1 Y 1 A LYS 6   ? CD  ? A LYS 12  CD  
3  1 Y 1 A LYS 6   ? CE  ? A LYS 12  CE  
4  1 Y 1 A LYS 6   ? NZ  ? A LYS 12  NZ  
5  1 Y 1 A ASP 9   ? CG  ? A ASP 15  CG  
6  1 Y 1 A ASP 9   ? OD1 ? A ASP 15  OD1 
7  1 Y 1 A ASP 9   ? OD2 ? A ASP 15  OD2 
8  1 Y 1 A GLU 17  ? CG  ? A GLU 23  CG  
9  1 Y 1 A GLU 17  ? CD  ? A GLU 23  CD  
10 1 Y 1 A GLU 17  ? OE1 ? A GLU 23  OE1 
11 1 Y 1 A GLU 17  ? OE2 ? A GLU 23  OE2 
12 1 Y 1 A GLN 48  ? CG  ? A GLN 54  CG  
13 1 Y 1 A GLN 48  ? CD  ? A GLN 54  CD  
14 1 Y 1 A GLN 48  ? OE1 ? A GLN 54  OE1 
15 1 Y 1 A GLN 48  ? NE2 ? A GLN 54  NE2 
16 1 Y 1 A GLU 66  ? CG  ? A GLU 72  CG  
17 1 Y 1 A GLU 66  ? CD  ? A GLU 72  CD  
18 1 Y 1 A GLU 66  ? OE1 ? A GLU 72  OE1 
19 1 Y 1 A GLU 66  ? OE2 ? A GLU 72  OE2 
20 1 Y 1 A LYS 107 ? CG  ? A LYS 113 CG  
21 1 Y 1 A LYS 107 ? CD  ? A LYS 113 CD  
22 1 Y 1 A LYS 107 ? CE  ? A LYS 113 CE  
23 1 Y 1 A LYS 107 ? NZ  ? A LYS 113 NZ  
24 1 Y 1 A LYS 120 ? CG  ? A LYS 126 CG  
25 1 Y 1 A LYS 120 ? CD  ? A LYS 126 CD  
26 1 Y 1 A LYS 120 ? CE  ? A LYS 126 CE  
27 1 Y 1 A LYS 120 ? NZ  ? A LYS 126 NZ  
28 1 Y 1 A VAL 128 ? CG1 ? A VAL 134 CG1 
29 1 Y 1 A VAL 128 ? CG2 ? A VAL 134 CG2 
30 1 Y 1 A LYS 173 ? CG  ? A LYS 179 CG  
31 1 Y 1 A LYS 173 ? CD  ? A LYS 179 CD  
32 1 Y 1 A LYS 173 ? CE  ? A LYS 179 CE  
33 1 Y 1 A LYS 173 ? NZ  ? A LYS 179 NZ  
34 1 Y 1 A SER 180 ? OG  ? A SER 186 OG  
35 1 Y 1 A THR 181 ? OG1 ? A THR 187 OG1 
36 1 Y 1 A THR 181 ? CG2 ? A THR 187 CG2 
37 1 Y 1 A ASN 182 ? CG  ? A ASN 188 CG  
38 1 Y 1 A ASN 182 ? OD1 ? A ASN 188 OD1 
39 1 Y 1 A ASN 182 ? ND2 ? A ASN 188 ND2 
40 1 Y 1 A HIS 183 ? CG  ? A HIS 189 CG  
41 1 Y 1 A HIS 183 ? ND1 ? A HIS 189 ND1 
42 1 Y 1 A HIS 183 ? CD2 ? A HIS 189 CD2 
43 1 Y 1 A HIS 183 ? CE1 ? A HIS 189 CE1 
44 1 Y 1 A HIS 183 ? NE2 ? A HIS 189 NE2 
45 1 Y 1 A SER 190 ? OG  ? A SER 196 OG  
46 1 Y 1 A SER 195 ? OG  ? A SER 201 OG  
# 
loop_
_software.name 
_software.classification 
_software.version 
_software.citation_id 
_software.pdbx_ordinal 
DENZO     'data reduction' . ? 1 
SCALEPACK 'data scaling'   . ? 2 
AMoRE     phasing          . ? 3 
CNS       refinement       . ? 4 
# 
_cell.entry_id           1R6K 
_cell.length_a           54.86 
_cell.length_b           169.90 
_cell.length_c           46.11 
_cell.angle_alpha        90.00 
_cell.angle_beta         90.00 
_cell.angle_gamma        90.00 
_cell.Z_PDB              8 
_cell.pdbx_unique_axis   ? 
# 
_symmetry.entry_id                         1R6K 
_symmetry.space_group_name_H-M             'C 2 2 2' 
_symmetry.cell_setting                     orthorhombic 
_symmetry.pdbx_full_space_group_name_H-M   ? 
_symmetry.Int_Tables_number                21 
_symmetry.space_group_name_Hall            ? 
# 
_exptl.entry_id          1R6K 
_exptl.method            'X-RAY DIFFRACTION' 
_exptl.crystals_number   1 
# 
_exptl_crystal.id                    1 
_exptl_crystal.density_Matthews      2.53 
_exptl_crystal.density_percent_sol   51.0 
_exptl_crystal.density_meas          ? 
_exptl_crystal.description           ? 
_exptl_crystal.F_000                 ? 
_exptl_crystal.preparation           ? 
# 
_exptl_crystal_grow.crystal_id      1 
_exptl_crystal_grow.method          'VAPOR DIFFUSION, HANGING DROP' 
_exptl_crystal_grow.temp            277 
_exptl_crystal_grow.pH              5.0 
_exptl_crystal_grow.pdbx_details    
'Na Succinate, PEG 5000, mme, Ammonium Sulfate, pH 5.0, VAPOR DIFFUSION, HANGING DROP, temperature 277K' 
_exptl_crystal_grow.temp_details    ? 
_exptl_crystal_grow.pdbx_pH_range   . 
# 
_diffrn.id                     1 
_diffrn.ambient_temp           100 
_diffrn.ambient_temp_details   ? 
_diffrn.crystal_id             1 
# 
_diffrn_detector.diffrn_id              1 
_diffrn_detector.detector               CCD 
_diffrn_detector.type                   'ADSC QUANTUM 4' 
_diffrn_detector.pdbx_collection_date   2000-03-01 
_diffrn_detector.details                ? 
# 
_diffrn_radiation.diffrn_id                        1 
_diffrn_radiation.wavelength_id                    1 
_diffrn_radiation.pdbx_monochromatic_or_laue_m_l   M 
_diffrn_radiation.monochromator                    ? 
_diffrn_radiation.pdbx_diffrn_protocol             MAD 
_diffrn_radiation.pdbx_scattering_type             x-ray 
# 
loop_
_diffrn_radiation_wavelength.id 
_diffrn_radiation_wavelength.wavelength 
_diffrn_radiation_wavelength.wt 
1 0.9790 1.0 
2 0.9794 1.0 
3 0.9743 1.0 
4 0.9879 1.0 
# 
_diffrn_source.diffrn_id                   1 
_diffrn_source.source                      SYNCHROTRON 
_diffrn_source.type                        'NSLS BEAMLINE X4A' 
_diffrn_source.pdbx_synchrotron_site       NSLS 
_diffrn_source.pdbx_synchrotron_beamline   X4A 
_diffrn_source.pdbx_wavelength             ? 
_diffrn_source.pdbx_wavelength_list        0.9790,0.9794,0.9743,0.9879 
# 
_reflns.entry_id                     1R6K 
_reflns.observed_criterion_sigma_F   0.0 
_reflns.observed_criterion_sigma_I   0.0 
_reflns.d_resolution_high            2.5 
_reflns.d_resolution_low             50.0 
_reflns.number_all                   7497 
_reflns.number_obs                   7497 
_reflns.percent_possible_obs         97.1 
_reflns.pdbx_Rmerge_I_obs            0.087 
_reflns.pdbx_Rsym_value              ? 
_reflns.pdbx_netI_over_sigmaI        28.75 
_reflns.B_iso_Wilson_estimate        ? 
_reflns.pdbx_redundancy              8.88 
_reflns.R_free_details               ? 
_reflns.limit_h_max                  ? 
_reflns.limit_h_min                  ? 
_reflns.limit_k_max                  ? 
_reflns.limit_k_min                  ? 
_reflns.limit_l_max                  ? 
_reflns.limit_l_min                  ? 
_reflns.observed_criterion_F_max     ? 
_reflns.observed_criterion_F_min     ? 
_reflns.pdbx_chi_squared             ? 
_reflns.pdbx_scaling_rejects         ? 
_reflns.pdbx_diffrn_id               1 
_reflns.pdbx_ordinal                 1 
# 
_reflns_shell.d_res_high             2.50 
_reflns_shell.d_res_low              2.59 
_reflns_shell.percent_possible_all   99.0 
_reflns_shell.Rmerge_I_obs           0.342 
_reflns_shell.pdbx_Rsym_value        ? 
_reflns_shell.meanI_over_sigI_obs    5.36 
_reflns_shell.pdbx_redundancy        ? 
_reflns_shell.percent_possible_obs   ? 
_reflns_shell.number_unique_all      768 
_reflns_shell.number_measured_all    ? 
_reflns_shell.number_measured_obs    ? 
_reflns_shell.number_unique_obs      ? 
_reflns_shell.pdbx_chi_squared       ? 
_reflns_shell.pdbx_diffrn_id         ? 
_reflns_shell.pdbx_ordinal           1 
# 
_refine.entry_id                                 1R6K 
_refine.ls_d_res_high                            2.50 
_refine.ls_d_res_low                             50.0 
_refine.pdbx_ls_sigma_F                          0.0 
_refine.pdbx_ls_sigma_I                          0.0 
_refine.ls_number_reflns_all                     13578 
_refine.ls_number_reflns_obs                     13578 
_refine.ls_number_reflns_R_free                  1094 
_refine.ls_percent_reflns_obs                    94.2 
_refine.ls_R_factor_all                          0.2566 
_refine.ls_R_factor_obs                          0.2566 
_refine.ls_R_factor_R_work                       0.2566 
_refine.ls_R_factor_R_free                       0.3032 
_refine.ls_redundancy_reflns_obs                 ? 
_refine.pdbx_data_cutoff_high_absF               ? 
_refine.pdbx_data_cutoff_low_absF                ? 
_refine.ls_number_parameters                     ? 
_refine.ls_number_restraints                     ? 
_refine.ls_percent_reflns_R_free                 ? 
_refine.ls_R_factor_R_free_error                 ? 
_refine.ls_R_factor_R_free_error_details         ? 
_refine.pdbx_method_to_determine_struct          MAD 
_refine.pdbx_starting_model                      ? 
_refine.pdbx_ls_cross_valid_method               THROUGHOUT 
_refine.pdbx_R_Free_selection_details            Random 
_refine.pdbx_stereochem_target_val_spec_case     ? 
_refine.pdbx_stereochemistry_target_values       'Engh & Huber' 
_refine.solvent_model_details                    ? 
_refine.solvent_model_param_bsol                 ? 
_refine.solvent_model_param_ksol                 ? 
_refine.occupancy_max                            ? 
_refine.occupancy_min                            ? 
_refine.pdbx_isotropic_thermal_model             Isotropic 
_refine.B_iso_mean                               44.316 
_refine.aniso_B[1][1]                            ? 
_refine.aniso_B[1][2]                            ? 
_refine.aniso_B[1][3]                            ? 
_refine.aniso_B[2][2]                            ? 
_refine.aniso_B[2][3]                            ? 
_refine.aniso_B[3][3]                            ? 
_refine.details                                  ? 
_refine.B_iso_min                                ? 
_refine.B_iso_max                                ? 
_refine.correlation_coeff_Fo_to_Fc               ? 
_refine.correlation_coeff_Fo_to_Fc_free          ? 
_refine.pdbx_solvent_vdw_probe_radii             ? 
_refine.pdbx_solvent_ion_probe_radii             ? 
_refine.pdbx_solvent_shrinkage_radii             ? 
_refine.overall_SU_R_Cruickshank_DPI             ? 
_refine.overall_SU_R_free                        ? 
_refine.overall_SU_B                             ? 
_refine.overall_SU_ML                            ? 
_refine.pdbx_overall_ESU_R                       ? 
_refine.pdbx_overall_ESU_R_Free                  ? 
_refine.pdbx_data_cutoff_high_rms_absF           ? 
_refine.ls_wR_factor_R_free                      ? 
_refine.ls_wR_factor_R_work                      ? 
_refine.overall_FOM_free_R_set                   ? 
_refine.overall_FOM_work_R_set                   ? 
_refine.pdbx_refine_id                           'X-RAY DIFFRACTION' 
_refine.pdbx_diffrn_id                           1 
_refine.pdbx_TLS_residual_ADP_flag               ? 
_refine.pdbx_overall_phase_error                 ? 
_refine.pdbx_overall_SU_R_free_Cruickshank_DPI   ? 
_refine.pdbx_overall_SU_R_Blow_DPI               ? 
_refine.pdbx_overall_SU_R_free_Blow_DPI          ? 
# 
_refine_analyze.entry_id                        1R6K 
_refine_analyze.Luzzati_coordinate_error_obs    0.40 
_refine_analyze.Luzzati_sigma_a_obs             0.45 
_refine_analyze.Luzzati_d_res_low_obs           5.0 
_refine_analyze.Luzzati_coordinate_error_free   0.48 
_refine_analyze.Luzzati_sigma_a_free            0.52 
_refine_analyze.Luzzati_d_res_low_free          ? 
_refine_analyze.number_disordered_residues      ? 
_refine_analyze.occupancy_sum_non_hydrogen      ? 
_refine_analyze.occupancy_sum_hydrogen          ? 
_refine_analyze.pdbx_Luzzati_d_res_high_obs     ? 
_refine_analyze.pdbx_refine_id                  'X-RAY DIFFRACTION' 
# 
_refine_hist.pdbx_refine_id                   'X-RAY DIFFRACTION' 
_refine_hist.cycle_id                         LAST 
_refine_hist.pdbx_number_atoms_protein        1480 
_refine_hist.pdbx_number_atoms_nucleic_acid   0 
_refine_hist.pdbx_number_atoms_ligand         0 
_refine_hist.number_atoms_solvent             36 
_refine_hist.number_atoms_total               1516 
_refine_hist.d_res_high                       2.50 
_refine_hist.d_res_low                        50.0 
# 
loop_
_refine_ls_restr.type 
_refine_ls_restr.dev_ideal 
_refine_ls_restr.dev_ideal_target 
_refine_ls_restr.weight 
_refine_ls_restr.number 
_refine_ls_restr.pdbx_refine_id 
_refine_ls_restr.pdbx_restraint_function 
c_bond_d           0.08948  ? ? ? 'X-RAY DIFFRACTION' ? 
c_angle_deg        1.32919  ? ? ? 'X-RAY DIFFRACTION' ? 
c_dihedral_angle_d 23.09775 ? ? ? 'X-RAY DIFFRACTION' ? 
c_improper_angle_d 0.85039  ? ? ? 'X-RAY DIFFRACTION' ? 
c_mcangle_it       1.271    ? ? ? 'X-RAY DIFFRACTION' ? 
# 
_struct.entry_id                  1R6K 
_struct.title                     'HPV11 E2 TAD crystal structure' 
_struct.pdbx_model_details        ? 
_struct.pdbx_CASP_flag            ? 
_struct.pdbx_model_type_details   ? 
# 
_struct_keywords.entry_id        1R6K 
_struct_keywords.pdbx_keywords   'TRANSCRIPTION, REPLICATION' 
_struct_keywords.text            
'Papillomavirus; E2 TAD; TAD domain; X-ray structure; TRANSCRIPTION; REPLICATION, TRANSCRIPTION, REPLICATION' 
# 
loop_
_struct_asym.id 
_struct_asym.pdbx_blank_PDB_chainid_flag 
_struct_asym.pdbx_modified 
_struct_asym.entity_id 
_struct_asym.details 
A N N 1 ? 
B N N 2 ? 
# 
_struct_ref.id                         1 
_struct_ref.db_code                    VE2_HPV11 
_struct_ref.db_name                    UNP 
_struct_ref.entity_id                  1 
_struct_ref.pdbx_db_accession          P04015 
_struct_ref.pdbx_align_begin           2 
_struct_ref.pdbx_seq_one_letter_code   
;EAIAKRLDACQDQLLELYEENSIDIHKHIMHWKCIRLESVLLHKAKQMGLSHIGLQVVPPLTVSETKGHNAIEMQMHLES
LAKTQYGVEPWTLQDTSYEMWLTPPKRCFKKQGNTVEVKFDGCEDNVMEYVVWTHIYLQDNDSWVKVTSSVDAKGIYYTC
GQFKTYYVNFNKEAQKYGSTNHWEVCYGSTVICSPASVSS
;
_struct_ref.pdbx_db_isoform            ? 
# 
_struct_ref_seq.align_id                      1 
_struct_ref_seq.ref_id                        1 
_struct_ref_seq.pdbx_PDB_id_code              1R6K 
_struct_ref_seq.pdbx_strand_id                A 
_struct_ref_seq.seq_align_beg                 8 
_struct_ref_seq.pdbx_seq_align_beg_ins_code   ? 
_struct_ref_seq.seq_align_end                 207 
_struct_ref_seq.pdbx_seq_align_end_ins_code   ? 
_struct_ref_seq.pdbx_db_accession             P04015 
_struct_ref_seq.db_align_beg                  2 
_struct_ref_seq.pdbx_db_align_beg_ins_code    ? 
_struct_ref_seq.db_align_end                  201 
_struct_ref_seq.pdbx_db_align_end_ins_code    ? 
_struct_ref_seq.pdbx_auth_seq_align_beg       2 
_struct_ref_seq.pdbx_auth_seq_align_end       201 
# 
loop_
_struct_ref_seq_dif.align_id 
_struct_ref_seq_dif.pdbx_pdb_id_code 
_struct_ref_seq_dif.mon_id 
_struct_ref_seq_dif.pdbx_pdb_strand_id 
_struct_ref_seq_dif.seq_num 
_struct_ref_seq_dif.pdbx_pdb_ins_code 
_struct_ref_seq_dif.pdbx_seq_db_name 
_struct_ref_seq_dif.pdbx_seq_db_accession_code 
_struct_ref_seq_dif.db_mon_id 
_struct_ref_seq_dif.pdbx_seq_db_seq_num 
_struct_ref_seq_dif.details 
_struct_ref_seq_dif.pdbx_auth_seq_num 
_struct_ref_seq_dif.pdbx_ordinal 
1 1R6K GLY A 1 ? UNP P04015 ? ? 'expression tag' -5 1 
1 1R6K HIS A 2 ? UNP P04015 ? ? 'expression tag' -4 2 
1 1R6K HIS A 3 ? UNP P04015 ? ? 'expression tag' -3 3 
1 1R6K HIS A 4 ? UNP P04015 ? ? 'expression tag' -2 4 
1 1R6K HIS A 5 ? UNP P04015 ? ? 'expression tag' -1 5 
1 1R6K HIS A 6 ? UNP P04015 ? ? 'expression tag' 0  6 
1 1R6K HIS A 7 ? UNP P04015 ? ? 'expression tag' 1  7 
# 
_pdbx_struct_assembly.id                   1 
_pdbx_struct_assembly.details              author_defined_assembly 
_pdbx_struct_assembly.method_details       ? 
_pdbx_struct_assembly.oligomeric_details   monomeric 
_pdbx_struct_assembly.oligomeric_count     1 
# 
_pdbx_struct_assembly_gen.assembly_id       1 
_pdbx_struct_assembly_gen.oper_expression   1 
_pdbx_struct_assembly_gen.asym_id_list      A,B 
# 
_pdbx_struct_oper_list.id                   1 
_pdbx_struct_oper_list.type                 'identity operation' 
_pdbx_struct_oper_list.name                 1_555 
_pdbx_struct_oper_list.symmetry_operation   x,y,z 
_pdbx_struct_oper_list.matrix[1][1]         1.0000000000 
_pdbx_struct_oper_list.matrix[1][2]         0.0000000000 
_pdbx_struct_oper_list.matrix[1][3]         0.0000000000 
_pdbx_struct_oper_list.vector[1]            0.0000000000 
_pdbx_struct_oper_list.matrix[2][1]         0.0000000000 
_pdbx_struct_oper_list.matrix[2][2]         1.0000000000 
_pdbx_struct_oper_list.matrix[2][3]         0.0000000000 
_pdbx_struct_oper_list.vector[2]            0.0000000000 
_pdbx_struct_oper_list.matrix[3][1]         0.0000000000 
_pdbx_struct_oper_list.matrix[3][2]         0.0000000000 
_pdbx_struct_oper_list.matrix[3][3]         1.0000000000 
_pdbx_struct_oper_list.vector[3]            0.0000000000 
# 
_struct_biol.id                    1 
_struct_biol.pdbx_parent_biol_id   ? 
_struct_biol.details               ? 
# 
loop_
_struct_conf.conf_type_id 
_struct_conf.id 
_struct_conf.pdbx_PDB_helix_id 
_struct_conf.beg_label_comp_id 
_struct_conf.beg_label_asym_id 
_struct_conf.beg_label_seq_id 
_struct_conf.pdbx_beg_PDB_ins_code 
_struct_conf.end_label_comp_id 
_struct_conf.end_label_asym_id 
_struct_conf.end_label_seq_id 
_struct_conf.pdbx_end_PDB_ins_code 
_struct_conf.beg_auth_comp_id 
_struct_conf.beg_auth_asym_id 
_struct_conf.beg_auth_seq_id 
_struct_conf.end_auth_comp_id 
_struct_conf.end_auth_asym_id 
_struct_conf.end_auth_seq_id 
_struct_conf.pdbx_PDB_helix_class 
_struct_conf.details 
_struct_conf.pdbx_PDB_helix_length 
HELX_P HELX_P1 1 ALA A 9   ? ASN A 28  ? ALA A 3   ASN A 22  1 ? 20 
HELX_P HELX_P2 2 ASP A 31  ? MET A 55  ? ASP A 25  MET A 49  1 ? 25 
HELX_P HELX_P3 3 PRO A 67  ? LYS A 90  ? PRO A 61  LYS A 84  1 ? 24 
HELX_P HELX_P4 4 SER A 104 ? LEU A 109 ? SER A 98  LEU A 103 1 ? 6  
HELX_P HELX_P5 5 PHE A 177 ? ALA A 181 ? PHE A 171 ALA A 175 1 ? 5  
# 
_struct_conf_type.id          HELX_P 
_struct_conf_type.criteria    ? 
_struct_conf_type.reference   ? 
# 
_struct_mon_prot_cis.pdbx_id                1 
_struct_mon_prot_cis.label_comp_id          PRO 
_struct_mon_prot_cis.label_seq_id           111 
_struct_mon_prot_cis.label_asym_id          A 
_struct_mon_prot_cis.label_alt_id           . 
_struct_mon_prot_cis.pdbx_PDB_ins_code      ? 
_struct_mon_prot_cis.auth_comp_id           PRO 
_struct_mon_prot_cis.auth_seq_id            105 
_struct_mon_prot_cis.auth_asym_id           A 
_struct_mon_prot_cis.pdbx_label_comp_id_2   PRO 
_struct_mon_prot_cis.pdbx_label_seq_id_2    112 
_struct_mon_prot_cis.pdbx_label_asym_id_2   A 
_struct_mon_prot_cis.pdbx_PDB_ins_code_2    ? 
_struct_mon_prot_cis.pdbx_auth_comp_id_2    PRO 
_struct_mon_prot_cis.pdbx_auth_seq_id_2     106 
_struct_mon_prot_cis.pdbx_auth_asym_id_2    A 
_struct_mon_prot_cis.pdbx_PDB_model_num     1 
_struct_mon_prot_cis.pdbx_omega_angle       -0.18 
# 
loop_
_struct_sheet.id 
_struct_sheet.type 
_struct_sheet.number_strands 
_struct_sheet.details 
A ? 2 ? 
B ? 5 ? 
C ? 3 ? 
# 
loop_
_struct_sheet_order.sheet_id 
_struct_sheet_order.range_id_1 
_struct_sheet_order.range_id_2 
_struct_sheet_order.offset 
_struct_sheet_order.sense 
A 1 2 ? anti-parallel 
B 1 2 ? anti-parallel 
B 2 3 ? anti-parallel 
B 3 4 ? anti-parallel 
B 4 5 ? anti-parallel 
C 1 2 ? anti-parallel 
C 2 3 ? anti-parallel 
# 
loop_
_struct_sheet_range.sheet_id 
_struct_sheet_range.id 
_struct_sheet_range.beg_label_comp_id 
_struct_sheet_range.beg_label_asym_id 
_struct_sheet_range.beg_label_seq_id 
_struct_sheet_range.pdbx_beg_PDB_ins_code 
_struct_sheet_range.end_label_comp_id 
_struct_sheet_range.end_label_asym_id 
_struct_sheet_range.end_label_seq_id 
_struct_sheet_range.pdbx_end_PDB_ins_code 
_struct_sheet_range.beg_auth_comp_id 
_struct_sheet_range.beg_auth_asym_id 
_struct_sheet_range.beg_auth_seq_id 
_struct_sheet_range.end_auth_comp_id 
_struct_sheet_range.end_auth_asym_id 
_struct_sheet_range.end_auth_seq_id 
A 1 HIS A 59  ? ILE A 60  ? HIS A 53  ILE A 54  
A 2 GLN A 63  ? VAL A 64  ? GLN A 57  VAL A 58  
B 1 SER A 150 ? VAL A 154 ? SER A 144 VAL A 148 
B 2 MET A 135 ? ASP A 147 ? MET A 129 ASP A 141 
B 3 PHE A 116 ? LYS A 126 ? PHE A 110 LYS A 120 
B 4 GLU A 191 ? TYR A 194 ? GLU A 185 TYR A 188 
B 5 THR A 197 ? CYS A 200 ? THR A 191 CYS A 194 
C 1 SER A 156 ? VAL A 158 ? SER A 150 VAL A 152 
C 2 GLY A 162 ? CYS A 167 ? GLY A 156 CYS A 161 
C 3 PHE A 170 ? ASN A 176 ? PHE A 164 ASN A 170 
# 
loop_
_pdbx_struct_sheet_hbond.sheet_id 
_pdbx_struct_sheet_hbond.range_id_1 
_pdbx_struct_sheet_hbond.range_id_2 
_pdbx_struct_sheet_hbond.range_1_label_atom_id 
_pdbx_struct_sheet_hbond.range_1_label_comp_id 
_pdbx_struct_sheet_hbond.range_1_label_asym_id 
_pdbx_struct_sheet_hbond.range_1_label_seq_id 
_pdbx_struct_sheet_hbond.range_1_PDB_ins_code 
_pdbx_struct_sheet_hbond.range_1_auth_atom_id 
_pdbx_struct_sheet_hbond.range_1_auth_comp_id 
_pdbx_struct_sheet_hbond.range_1_auth_asym_id 
_pdbx_struct_sheet_hbond.range_1_auth_seq_id 
_pdbx_struct_sheet_hbond.range_2_label_atom_id 
_pdbx_struct_sheet_hbond.range_2_label_comp_id 
_pdbx_struct_sheet_hbond.range_2_label_asym_id 
_pdbx_struct_sheet_hbond.range_2_label_seq_id 
_pdbx_struct_sheet_hbond.range_2_PDB_ins_code 
_pdbx_struct_sheet_hbond.range_2_auth_atom_id 
_pdbx_struct_sheet_hbond.range_2_auth_comp_id 
_pdbx_struct_sheet_hbond.range_2_auth_asym_id 
_pdbx_struct_sheet_hbond.range_2_auth_seq_id 
A 1 2 N ILE A 60  ? N ILE A 54  O GLN A 63  ? O GLN A 57  
B 1 2 O SER A 150 ? O SER A 144 N ASP A 147 ? N ASP A 141 
B 2 3 O VAL A 139 ? O VAL A 133 N ASN A 121 ? N ASN A 115 
B 3 4 N GLU A 124 ? N GLU A 118 O CYS A 193 ? O CYS A 187 
B 4 5 N TYR A 194 ? N TYR A 188 O THR A 197 ? O THR A 191 
C 1 2 N SER A 157 ? N SER A 151 O TYR A 164 ? O TYR A 158 
C 2 3 N ILE A 163 ? N ILE A 157 O TYR A 174 ? O TYR A 168 
# 
_pdbx_validate_close_contact.id               1 
_pdbx_validate_close_contact.PDB_model_num    1 
_pdbx_validate_close_contact.auth_atom_id_1   N 
_pdbx_validate_close_contact.auth_asym_id_1   A 
_pdbx_validate_close_contact.auth_comp_id_1   TRP 
_pdbx_validate_close_contact.auth_seq_id_1    184 
_pdbx_validate_close_contact.PDB_ins_code_1   ? 
_pdbx_validate_close_contact.label_alt_id_1   ? 
_pdbx_validate_close_contact.auth_atom_id_2   O 
_pdbx_validate_close_contact.auth_asym_id_2   A 
_pdbx_validate_close_contact.auth_comp_id_2   HOH 
_pdbx_validate_close_contact.auth_seq_id_2    217 
_pdbx_validate_close_contact.PDB_ins_code_2   ? 
_pdbx_validate_close_contact.label_alt_id_2   ? 
_pdbx_validate_close_contact.dist             2.06 
# 
loop_
_pdbx_validate_torsion.id 
_pdbx_validate_torsion.PDB_model_num 
_pdbx_validate_torsion.auth_comp_id 
_pdbx_validate_torsion.auth_asym_id 
_pdbx_validate_torsion.auth_seq_id 
_pdbx_validate_torsion.PDB_ins_code 
_pdbx_validate_torsion.label_alt_id 
_pdbx_validate_torsion.phi 
_pdbx_validate_torsion.psi 
1 1 LEU A 51  ? ? -53.90  173.23  
2 1 SER A 52  ? ? -164.74 0.17    
3 1 ASN A 142 ? ? 64.84   -107.99 
4 1 LYS A 177 ? ? -64.77  0.99    
5 1 TYR A 178 ? ? -137.76 -105.21 
6 1 SER A 190 ? ? 75.49   -2.03   
# 
loop_
_pdbx_struct_special_symmetry.id 
_pdbx_struct_special_symmetry.PDB_model_num 
_pdbx_struct_special_symmetry.auth_asym_id 
_pdbx_struct_special_symmetry.auth_comp_id 
_pdbx_struct_special_symmetry.auth_seq_id 
_pdbx_struct_special_symmetry.PDB_ins_code 
_pdbx_struct_special_symmetry.label_asym_id 
_pdbx_struct_special_symmetry.label_comp_id 
_pdbx_struct_special_symmetry.label_seq_id 
1 1 A HOH 231 ? B HOH . 
2 1 A HOH 237 ? B HOH . 
# 
loop_
_pdbx_unobs_or_zero_occ_residues.id 
_pdbx_unobs_or_zero_occ_residues.PDB_model_num 
_pdbx_unobs_or_zero_occ_residues.polymer_flag 
_pdbx_unobs_or_zero_occ_residues.occupancy_flag 
_pdbx_unobs_or_zero_occ_residues.auth_asym_id 
_pdbx_unobs_or_zero_occ_residues.auth_comp_id 
_pdbx_unobs_or_zero_occ_residues.auth_seq_id 
_pdbx_unobs_or_zero_occ_residues.PDB_ins_code 
_pdbx_unobs_or_zero_occ_residues.label_asym_id 
_pdbx_unobs_or_zero_occ_residues.label_comp_id 
_pdbx_unobs_or_zero_occ_residues.label_seq_id 
1  1 Y 1 A GLY -5  ? A GLY 1   
2  1 Y 1 A HIS -4  ? A HIS 2   
3  1 Y 1 A HIS -3  ? A HIS 3   
4  1 Y 1 A HIS -2  ? A HIS 4   
5  1 Y 1 A HIS -1  ? A HIS 5   
6  1 Y 1 A HIS 0   ? A HIS 6   
7  1 Y 1 A HIS 1   ? A HIS 7   
8  1 Y 1 A GLU 2   ? A GLU 8   
9  1 Y 1 A ASP 122 ? A ASP 128 
10 1 Y 1 A GLY 123 ? A GLY 129 
11 1 Y 1 A CYS 124 ? A CYS 130 
12 1 Y 1 A GLU 125 ? A GLU 131 
13 1 Y 1 A ASP 126 ? A ASP 132 
14 1 Y 1 A ASN 127 ? A ASN 133 
15 1 Y 1 A PRO 196 ? A PRO 202 
16 1 Y 1 A ALA 197 ? A ALA 203 
17 1 Y 1 A SER 198 ? A SER 204 
18 1 Y 1 A VAL 199 ? A VAL 205 
19 1 Y 1 A SER 200 ? A SER 206 
20 1 Y 1 A SER 201 ? A SER 207 
# 
loop_
_chem_comp_atom.comp_id 
_chem_comp_atom.atom_id 
_chem_comp_atom.type_symbol 
_chem_comp_atom.pdbx_aromatic_flag 
_chem_comp_atom.pdbx_stereo_config 
_chem_comp_atom.pdbx_ordinal 
ALA N    N N N 1   
ALA CA   C N S 2   
ALA C    C N N 3   
ALA O    O N N 4   
ALA CB   C N N 5   
ALA OXT  O N N 6   
ALA H    H N N 7   
ALA H2   H N N 8   
ALA HA   H N N 9   
ALA HB1  H N N 10  
ALA HB2  H N N 11  
ALA HB3  H N N 12  
ALA HXT  H N N 13  
ARG N    N N N 14  
ARG CA   C N S 15  
ARG C    C N N 16  
ARG O    O N N 17  
ARG CB   C N N 18  
ARG CG   C N N 19  
ARG CD   C N N 20  
ARG NE   N N N 21  
ARG CZ   C N N 22  
ARG NH1  N N N 23  
ARG NH2  N N N 24  
ARG OXT  O N N 25  
ARG H    H N N 26  
ARG H2   H N N 27  
ARG HA   H N N 28  
ARG HB2  H N N 29  
ARG HB3  H N N 30  
ARG HG2  H N N 31  
ARG HG3  H N N 32  
ARG HD2  H N N 33  
ARG HD3  H N N 34  
ARG HE   H N N 35  
ARG HH11 H N N 36  
ARG HH12 H N N 37  
ARG HH21 H N N 38  
ARG HH22 H N N 39  
ARG HXT  H N N 40  
ASN N    N N N 41  
ASN CA   C N S 42  
ASN C    C N N 43  
ASN O    O N N 44  
ASN CB   C N N 45  
ASN CG   C N N 46  
ASN OD1  O N N 47  
ASN ND2  N N N 48  
ASN OXT  O N N 49  
ASN H    H N N 50  
ASN H2   H N N 51  
ASN HA   H N N 52  
ASN HB2  H N N 53  
ASN HB3  H N N 54  
ASN HD21 H N N 55  
ASN HD22 H N N 56  
ASN HXT  H N N 57  
ASP N    N N N 58  
ASP CA   C N S 59  
ASP C    C N N 60  
ASP O    O N N 61  
ASP CB   C N N 62  
ASP CG   C N N 63  
ASP OD1  O N N 64  
ASP OD2  O N N 65  
ASP OXT  O N N 66  
ASP H    H N N 67  
ASP H2   H N N 68  
ASP HA   H N N 69  
ASP HB2  H N N 70  
ASP HB3  H N N 71  
ASP HD2  H N N 72  
ASP HXT  H N N 73  
CYS N    N N N 74  
CYS CA   C N R 75  
CYS C    C N N 76  
CYS O    O N N 77  
CYS CB   C N N 78  
CYS SG   S N N 79  
CYS OXT  O N N 80  
CYS H    H N N 81  
CYS H2   H N N 82  
CYS HA   H N N 83  
CYS HB2  H N N 84  
CYS HB3  H N N 85  
CYS HG   H N N 86  
CYS HXT  H N N 87  
GLN N    N N N 88  
GLN CA   C N S 89  
GLN C    C N N 90  
GLN O    O N N 91  
GLN CB   C N N 92  
GLN CG   C N N 93  
GLN CD   C N N 94  
GLN OE1  O N N 95  
GLN NE2  N N N 96  
GLN OXT  O N N 97  
GLN H    H N N 98  
GLN H2   H N N 99  
GLN HA   H N N 100 
GLN HB2  H N N 101 
GLN HB3  H N N 102 
GLN HG2  H N N 103 
GLN HG3  H N N 104 
GLN HE21 H N N 105 
GLN HE22 H N N 106 
GLN HXT  H N N 107 
GLU N    N N N 108 
GLU CA   C N S 109 
GLU C    C N N 110 
GLU O    O N N 111 
GLU CB   C N N 112 
GLU CG   C N N 113 
GLU CD   C N N 114 
GLU OE1  O N N 115 
GLU OE2  O N N 116 
GLU OXT  O N N 117 
GLU H    H N N 118 
GLU H2   H N N 119 
GLU HA   H N N 120 
GLU HB2  H N N 121 
GLU HB3  H N N 122 
GLU HG2  H N N 123 
GLU HG3  H N N 124 
GLU HE2  H N N 125 
GLU HXT  H N N 126 
GLY N    N N N 127 
GLY CA   C N N 128 
GLY C    C N N 129 
GLY O    O N N 130 
GLY OXT  O N N 131 
GLY H    H N N 132 
GLY H2   H N N 133 
GLY HA2  H N N 134 
GLY HA3  H N N 135 
GLY HXT  H N N 136 
HIS N    N N N 137 
HIS CA   C N S 138 
HIS C    C N N 139 
HIS O    O N N 140 
HIS CB   C N N 141 
HIS CG   C Y N 142 
HIS ND1  N Y N 143 
HIS CD2  C Y N 144 
HIS CE1  C Y N 145 
HIS NE2  N Y N 146 
HIS OXT  O N N 147 
HIS H    H N N 148 
HIS H2   H N N 149 
HIS HA   H N N 150 
HIS HB2  H N N 151 
HIS HB3  H N N 152 
HIS HD1  H N N 153 
HIS HD2  H N N 154 
HIS HE1  H N N 155 
HIS HE2  H N N 156 
HIS HXT  H N N 157 
HOH O    O N N 158 
HOH H1   H N N 159 
HOH H2   H N N 160 
ILE N    N N N 161 
ILE CA   C N S 162 
ILE C    C N N 163 
ILE O    O N N 164 
ILE CB   C N S 165 
ILE CG1  C N N 166 
ILE CG2  C N N 167 
ILE CD1  C N N 168 
ILE OXT  O N N 169 
ILE H    H N N 170 
ILE H2   H N N 171 
ILE HA   H N N 172 
ILE HB   H N N 173 
ILE HG12 H N N 174 
ILE HG13 H N N 175 
ILE HG21 H N N 176 
ILE HG22 H N N 177 
ILE HG23 H N N 178 
ILE HD11 H N N 179 
ILE HD12 H N N 180 
ILE HD13 H N N 181 
ILE HXT  H N N 182 
LEU N    N N N 183 
LEU CA   C N S 184 
LEU C    C N N 185 
LEU O    O N N 186 
LEU CB   C N N 187 
LEU CG   C N N 188 
LEU CD1  C N N 189 
LEU CD2  C N N 190 
LEU OXT  O N N 191 
LEU H    H N N 192 
LEU H2   H N N 193 
LEU HA   H N N 194 
LEU HB2  H N N 195 
LEU HB3  H N N 196 
LEU HG   H N N 197 
LEU HD11 H N N 198 
LEU HD12 H N N 199 
LEU HD13 H N N 200 
LEU HD21 H N N 201 
LEU HD22 H N N 202 
LEU HD23 H N N 203 
LEU HXT  H N N 204 
LYS N    N N N 205 
LYS CA   C N S 206 
LYS C    C N N 207 
LYS O    O N N 208 
LYS CB   C N N 209 
LYS CG   C N N 210 
LYS CD   C N N 211 
LYS CE   C N N 212 
LYS NZ   N N N 213 
LYS OXT  O N N 214 
LYS H    H N N 215 
LYS H2   H N N 216 
LYS HA   H N N 217 
LYS HB2  H N N 218 
LYS HB3  H N N 219 
LYS HG2  H N N 220 
LYS HG3  H N N 221 
LYS HD2  H N N 222 
LYS HD3  H N N 223 
LYS HE2  H N N 224 
LYS HE3  H N N 225 
LYS HZ1  H N N 226 
LYS HZ2  H N N 227 
LYS HZ3  H N N 228 
LYS HXT  H N N 229 
MET N    N N N 230 
MET CA   C N S 231 
MET C    C N N 232 
MET O    O N N 233 
MET CB   C N N 234 
MET CG   C N N 235 
MET SD   S N N 236 
MET CE   C N N 237 
MET OXT  O N N 238 
MET H    H N N 239 
MET H2   H N N 240 
MET HA   H N N 241 
MET HB2  H N N 242 
MET HB3  H N N 243 
MET HG2  H N N 244 
MET HG3  H N N 245 
MET HE1  H N N 246 
MET HE2  H N N 247 
MET HE3  H N N 248 
MET HXT  H N N 249 
PHE N    N N N 250 
PHE CA   C N S 251 
PHE C    C N N 252 
PHE O    O N N 253 
PHE CB   C N N 254 
PHE CG   C Y N 255 
PHE CD1  C Y N 256 
PHE CD2  C Y N 257 
PHE CE1  C Y N 258 
PHE CE2  C Y N 259 
PHE CZ   C Y N 260 
PHE OXT  O N N 261 
PHE H    H N N 262 
PHE H2   H N N 263 
PHE HA   H N N 264 
PHE HB2  H N N 265 
PHE HB3  H N N 266 
PHE HD1  H N N 267 
PHE HD2  H N N 268 
PHE HE1  H N N 269 
PHE HE2  H N N 270 
PHE HZ   H N N 271 
PHE HXT  H N N 272 
PRO N    N N N 273 
PRO CA   C N S 274 
PRO C    C N N 275 
PRO O    O N N 276 
PRO CB   C N N 277 
PRO CG   C N N 278 
PRO CD   C N N 279 
PRO OXT  O N N 280 
PRO H    H N N 281 
PRO HA   H N N 282 
PRO HB2  H N N 283 
PRO HB3  H N N 284 
PRO HG2  H N N 285 
PRO HG3  H N N 286 
PRO HD2  H N N 287 
PRO HD3  H N N 288 
PRO HXT  H N N 289 
SER N    N N N 290 
SER CA   C N S 291 
SER C    C N N 292 
SER O    O N N 293 
SER CB   C N N 294 
SER OG   O N N 295 
SER OXT  O N N 296 
SER H    H N N 297 
SER H2   H N N 298 
SER HA   H N N 299 
SER HB2  H N N 300 
SER HB3  H N N 301 
SER HG   H N N 302 
SER HXT  H N N 303 
THR N    N N N 304 
THR CA   C N S 305 
THR C    C N N 306 
THR O    O N N 307 
THR CB   C N R 308 
THR OG1  O N N 309 
THR CG2  C N N 310 
THR OXT  O N N 311 
THR H    H N N 312 
THR H2   H N N 313 
THR HA   H N N 314 
THR HB   H N N 315 
THR HG1  H N N 316 
THR HG21 H N N 317 
THR HG22 H N N 318 
THR HG23 H N N 319 
THR HXT  H N N 320 
TRP N    N N N 321 
TRP CA   C N S 322 
TRP C    C N N 323 
TRP O    O N N 324 
TRP CB   C N N 325 
TRP CG   C Y N 326 
TRP CD1  C Y N 327 
TRP CD2  C Y N 328 
TRP NE1  N Y N 329 
TRP CE2  C Y N 330 
TRP CE3  C Y N 331 
TRP CZ2  C Y N 332 
TRP CZ3  C Y N 333 
TRP CH2  C Y N 334 
TRP OXT  O N N 335 
TRP H    H N N 336 
TRP H2   H N N 337 
TRP HA   H N N 338 
TRP HB2  H N N 339 
TRP HB3  H N N 340 
TRP HD1  H N N 341 
TRP HE1  H N N 342 
TRP HE3  H N N 343 
TRP HZ2  H N N 344 
TRP HZ3  H N N 345 
TRP HH2  H N N 346 
TRP HXT  H N N 347 
TYR N    N N N 348 
TYR CA   C N S 349 
TYR C    C N N 350 
TYR O    O N N 351 
TYR CB   C N N 352 
TYR CG   C Y N 353 
TYR CD1  C Y N 354 
TYR CD2  C Y N 355 
TYR CE1  C Y N 356 
TYR CE2  C Y N 357 
TYR CZ   C Y N 358 
TYR OH   O N N 359 
TYR OXT  O N N 360 
TYR H    H N N 361 
TYR H2   H N N 362 
TYR HA   H N N 363 
TYR HB2  H N N 364 
TYR HB3  H N N 365 
TYR HD1  H N N 366 
TYR HD2  H N N 367 
TYR HE1  H N N 368 
TYR HE2  H N N 369 
TYR HH   H N N 370 
TYR HXT  H N N 371 
VAL N    N N N 372 
VAL CA   C N S 373 
VAL C    C N N 374 
VAL O    O N N 375 
VAL CB   C N N 376 
VAL CG1  C N N 377 
VAL CG2  C N N 378 
VAL OXT  O N N 379 
VAL H    H N N 380 
VAL H2   H N N 381 
VAL HA   H N N 382 
VAL HB   H N N 383 
VAL HG11 H N N 384 
VAL HG12 H N N 385 
VAL HG13 H N N 386 
VAL HG21 H N N 387 
VAL HG22 H N N 388 
VAL HG23 H N N 389 
VAL HXT  H N N 390 
# 
loop_
_chem_comp_bond.comp_id 
_chem_comp_bond.atom_id_1 
_chem_comp_bond.atom_id_2 
_chem_comp_bond.value_order 
_chem_comp_bond.pdbx_aromatic_flag 
_chem_comp_bond.pdbx_stereo_config 
_chem_comp_bond.pdbx_ordinal 
ALA N   CA   sing N N 1   
ALA N   H    sing N N 2   
ALA N   H2   sing N N 3   
ALA CA  C    sing N N 4   
ALA CA  CB   sing N N 5   
ALA CA  HA   sing N N 6   
ALA C   O    doub N N 7   
ALA C   OXT  sing N N 8   
ALA CB  HB1  sing N N 9   
ALA CB  HB2  sing N N 10  
ALA CB  HB3  sing N N 11  
ALA OXT HXT  sing N N 12  
ARG N   CA   sing N N 13  
ARG N   H    sing N N 14  
ARG N   H2   sing N N 15  
ARG CA  C    sing N N 16  
ARG CA  CB   sing N N 17  
ARG CA  HA   sing N N 18  
ARG C   O    doub N N 19  
ARG C   OXT  sing N N 20  
ARG CB  CG   sing N N 21  
ARG CB  HB2  sing N N 22  
ARG CB  HB3  sing N N 23  
ARG CG  CD   sing N N 24  
ARG CG  HG2  sing N N 25  
ARG CG  HG3  sing N N 26  
ARG CD  NE   sing N N 27  
ARG CD  HD2  sing N N 28  
ARG CD  HD3  sing N N 29  
ARG NE  CZ   sing N N 30  
ARG NE  HE   sing N N 31  
ARG CZ  NH1  sing N N 32  
ARG CZ  NH2  doub N N 33  
ARG NH1 HH11 sing N N 34  
ARG NH1 HH12 sing N N 35  
ARG NH2 HH21 sing N N 36  
ARG NH2 HH22 sing N N 37  
ARG OXT HXT  sing N N 38  
ASN N   CA   sing N N 39  
ASN N   H    sing N N 40  
ASN N   H2   sing N N 41  
ASN CA  C    sing N N 42  
ASN CA  CB   sing N N 43  
ASN CA  HA   sing N N 44  
ASN C   O    doub N N 45  
ASN C   OXT  sing N N 46  
ASN CB  CG   sing N N 47  
ASN CB  HB2  sing N N 48  
ASN CB  HB3  sing N N 49  
ASN CG  OD1  doub N N 50  
ASN CG  ND2  sing N N 51  
ASN ND2 HD21 sing N N 52  
ASN ND2 HD22 sing N N 53  
ASN OXT HXT  sing N N 54  
ASP N   CA   sing N N 55  
ASP N   H    sing N N 56  
ASP N   H2   sing N N 57  
ASP CA  C    sing N N 58  
ASP CA  CB   sing N N 59  
ASP CA  HA   sing N N 60  
ASP C   O    doub N N 61  
ASP C   OXT  sing N N 62  
ASP CB  CG   sing N N 63  
ASP CB  HB2  sing N N 64  
ASP CB  HB3  sing N N 65  
ASP CG  OD1  doub N N 66  
ASP CG  OD2  sing N N 67  
ASP OD2 HD2  sing N N 68  
ASP OXT HXT  sing N N 69  
CYS N   CA   sing N N 70  
CYS N   H    sing N N 71  
CYS N   H2   sing N N 72  
CYS CA  C    sing N N 73  
CYS CA  CB   sing N N 74  
CYS CA  HA   sing N N 75  
CYS C   O    doub N N 76  
CYS C   OXT  sing N N 77  
CYS CB  SG   sing N N 78  
CYS CB  HB2  sing N N 79  
CYS CB  HB3  sing N N 80  
CYS SG  HG   sing N N 81  
CYS OXT HXT  sing N N 82  
GLN N   CA   sing N N 83  
GLN N   H    sing N N 84  
GLN N   H2   sing N N 85  
GLN CA  C    sing N N 86  
GLN CA  CB   sing N N 87  
GLN CA  HA   sing N N 88  
GLN C   O    doub N N 89  
GLN C   OXT  sing N N 90  
GLN CB  CG   sing N N 91  
GLN CB  HB2  sing N N 92  
GLN CB  HB3  sing N N 93  
GLN CG  CD   sing N N 94  
GLN CG  HG2  sing N N 95  
GLN CG  HG3  sing N N 96  
GLN CD  OE1  doub N N 97  
GLN CD  NE2  sing N N 98  
GLN NE2 HE21 sing N N 99  
GLN NE2 HE22 sing N N 100 
GLN OXT HXT  sing N N 101 
GLU N   CA   sing N N 102 
GLU N   H    sing N N 103 
GLU N   H2   sing N N 104 
GLU CA  C    sing N N 105 
GLU CA  CB   sing N N 106 
GLU CA  HA   sing N N 107 
GLU C   O    doub N N 108 
GLU C   OXT  sing N N 109 
GLU CB  CG   sing N N 110 
GLU CB  HB2  sing N N 111 
GLU CB  HB3  sing N N 112 
GLU CG  CD   sing N N 113 
GLU CG  HG2  sing N N 114 
GLU CG  HG3  sing N N 115 
GLU CD  OE1  doub N N 116 
GLU CD  OE2  sing N N 117 
GLU OE2 HE2  sing N N 118 
GLU OXT HXT  sing N N 119 
GLY N   CA   sing N N 120 
GLY N   H    sing N N 121 
GLY N   H2   sing N N 122 
GLY CA  C    sing N N 123 
GLY CA  HA2  sing N N 124 
GLY CA  HA3  sing N N 125 
GLY C   O    doub N N 126 
GLY C   OXT  sing N N 127 
GLY OXT HXT  sing N N 128 
HIS N   CA   sing N N 129 
HIS N   H    sing N N 130 
HIS N   H2   sing N N 131 
HIS CA  C    sing N N 132 
HIS CA  CB   sing N N 133 
HIS CA  HA   sing N N 134 
HIS C   O    doub N N 135 
HIS C   OXT  sing N N 136 
HIS CB  CG   sing N N 137 
HIS CB  HB2  sing N N 138 
HIS CB  HB3  sing N N 139 
HIS CG  ND1  sing Y N 140 
HIS CG  CD2  doub Y N 141 
HIS ND1 CE1  doub Y N 142 
HIS ND1 HD1  sing N N 143 
HIS CD2 NE2  sing Y N 144 
HIS CD2 HD2  sing N N 145 
HIS CE1 NE2  sing Y N 146 
HIS CE1 HE1  sing N N 147 
HIS NE2 HE2  sing N N 148 
HIS OXT HXT  sing N N 149 
HOH O   H1   sing N N 150 
HOH O   H2   sing N N 151 
ILE N   CA   sing N N 152 
ILE N   H    sing N N 153 
ILE N   H2   sing N N 154 
ILE CA  C    sing N N 155 
ILE CA  CB   sing N N 156 
ILE CA  HA   sing N N 157 
ILE C   O    doub N N 158 
ILE C   OXT  sing N N 159 
ILE CB  CG1  sing N N 160 
ILE CB  CG2  sing N N 161 
ILE CB  HB   sing N N 162 
ILE CG1 CD1  sing N N 163 
ILE CG1 HG12 sing N N 164 
ILE CG1 HG13 sing N N 165 
ILE CG2 HG21 sing N N 166 
ILE CG2 HG22 sing N N 167 
ILE CG2 HG23 sing N N 168 
ILE CD1 HD11 sing N N 169 
ILE CD1 HD12 sing N N 170 
ILE CD1 HD13 sing N N 171 
ILE OXT HXT  sing N N 172 
LEU N   CA   sing N N 173 
LEU N   H    sing N N 174 
LEU N   H2   sing N N 175 
LEU CA  C    sing N N 176 
LEU CA  CB   sing N N 177 
LEU CA  HA   sing N N 178 
LEU C   O    doub N N 179 
LEU C   OXT  sing N N 180 
LEU CB  CG   sing N N 181 
LEU CB  HB2  sing N N 182 
LEU CB  HB3  sing N N 183 
LEU CG  CD1  sing N N 184 
LEU CG  CD2  sing N N 185 
LEU CG  HG   sing N N 186 
LEU CD1 HD11 sing N N 187 
LEU CD1 HD12 sing N N 188 
LEU CD1 HD13 sing N N 189 
LEU CD2 HD21 sing N N 190 
LEU CD2 HD22 sing N N 191 
LEU CD2 HD23 sing N N 192 
LEU OXT HXT  sing N N 193 
LYS N   CA   sing N N 194 
LYS N   H    sing N N 195 
LYS N   H2   sing N N 196 
LYS CA  C    sing N N 197 
LYS CA  CB   sing N N 198 
LYS CA  HA   sing N N 199 
LYS C   O    doub N N 200 
LYS C   OXT  sing N N 201 
LYS CB  CG   sing N N 202 
LYS CB  HB2  sing N N 203 
LYS CB  HB3  sing N N 204 
LYS CG  CD   sing N N 205 
LYS CG  HG2  sing N N 206 
LYS CG  HG3  sing N N 207 
LYS CD  CE   sing N N 208 
LYS CD  HD2  sing N N 209 
LYS CD  HD3  sing N N 210 
LYS CE  NZ   sing N N 211 
LYS CE  HE2  sing N N 212 
LYS CE  HE3  sing N N 213 
LYS NZ  HZ1  sing N N 214 
LYS NZ  HZ2  sing N N 215 
LYS NZ  HZ3  sing N N 216 
LYS OXT HXT  sing N N 217 
MET N   CA   sing N N 218 
MET N   H    sing N N 219 
MET N   H2   sing N N 220 
MET CA  C    sing N N 221 
MET CA  CB   sing N N 222 
MET CA  HA   sing N N 223 
MET C   O    doub N N 224 
MET C   OXT  sing N N 225 
MET CB  CG   sing N N 226 
MET CB  HB2  sing N N 227 
MET CB  HB3  sing N N 228 
MET CG  SD   sing N N 229 
MET CG  HG2  sing N N 230 
MET CG  HG3  sing N N 231 
MET SD  CE   sing N N 232 
MET CE  HE1  sing N N 233 
MET CE  HE2  sing N N 234 
MET CE  HE3  sing N N 235 
MET OXT HXT  sing N N 236 
PHE N   CA   sing N N 237 
PHE N   H    sing N N 238 
PHE N   H2   sing N N 239 
PHE CA  C    sing N N 240 
PHE CA  CB   sing N N 241 
PHE CA  HA   sing N N 242 
PHE C   O    doub N N 243 
PHE C   OXT  sing N N 244 
PHE CB  CG   sing N N 245 
PHE CB  HB2  sing N N 246 
PHE CB  HB3  sing N N 247 
PHE CG  CD1  doub Y N 248 
PHE CG  CD2  sing Y N 249 
PHE CD1 CE1  sing Y N 250 
PHE CD1 HD1  sing N N 251 
PHE CD2 CE2  doub Y N 252 
PHE CD2 HD2  sing N N 253 
PHE CE1 CZ   doub Y N 254 
PHE CE1 HE1  sing N N 255 
PHE CE2 CZ   sing Y N 256 
PHE CE2 HE2  sing N N 257 
PHE CZ  HZ   sing N N 258 
PHE OXT HXT  sing N N 259 
PRO N   CA   sing N N 260 
PRO N   CD   sing N N 261 
PRO N   H    sing N N 262 
PRO CA  C    sing N N 263 
PRO CA  CB   sing N N 264 
PRO CA  HA   sing N N 265 
PRO C   O    doub N N 266 
PRO C   OXT  sing N N 267 
PRO CB  CG   sing N N 268 
PRO CB  HB2  sing N N 269 
PRO CB  HB3  sing N N 270 
PRO CG  CD   sing N N 271 
PRO CG  HG2  sing N N 272 
PRO CG  HG3  sing N N 273 
PRO CD  HD2  sing N N 274 
PRO CD  HD3  sing N N 275 
PRO OXT HXT  sing N N 276 
SER N   CA   sing N N 277 
SER N   H    sing N N 278 
SER N   H2   sing N N 279 
SER CA  C    sing N N 280 
SER CA  CB   sing N N 281 
SER CA  HA   sing N N 282 
SER C   O    doub N N 283 
SER C   OXT  sing N N 284 
SER CB  OG   sing N N 285 
SER CB  HB2  sing N N 286 
SER CB  HB3  sing N N 287 
SER OG  HG   sing N N 288 
SER OXT HXT  sing N N 289 
THR N   CA   sing N N 290 
THR N   H    sing N N 291 
THR N   H2   sing N N 292 
THR CA  C    sing N N 293 
THR CA  CB   sing N N 294 
THR CA  HA   sing N N 295 
THR C   O    doub N N 296 
THR C   OXT  sing N N 297 
THR CB  OG1  sing N N 298 
THR CB  CG2  sing N N 299 
THR CB  HB   sing N N 300 
THR OG1 HG1  sing N N 301 
THR CG2 HG21 sing N N 302 
THR CG2 HG22 sing N N 303 
THR CG2 HG23 sing N N 304 
THR OXT HXT  sing N N 305 
TRP N   CA   sing N N 306 
TRP N   H    sing N N 307 
TRP N   H2   sing N N 308 
TRP CA  C    sing N N 309 
TRP CA  CB   sing N N 310 
TRP CA  HA   sing N N 311 
TRP C   O    doub N N 312 
TRP C   OXT  sing N N 313 
TRP CB  CG   sing N N 314 
TRP CB  HB2  sing N N 315 
TRP CB  HB3  sing N N 316 
TRP CG  CD1  doub Y N 317 
TRP CG  CD2  sing Y N 318 
TRP CD1 NE1  sing Y N 319 
TRP CD1 HD1  sing N N 320 
TRP CD2 CE2  doub Y N 321 
TRP CD2 CE3  sing Y N 322 
TRP NE1 CE2  sing Y N 323 
TRP NE1 HE1  sing N N 324 
TRP CE2 CZ2  sing Y N 325 
TRP CE3 CZ3  doub Y N 326 
TRP CE3 HE3  sing N N 327 
TRP CZ2 CH2  doub Y N 328 
TRP CZ2 HZ2  sing N N 329 
TRP CZ3 CH2  sing Y N 330 
TRP CZ3 HZ3  sing N N 331 
TRP CH2 HH2  sing N N 332 
TRP OXT HXT  sing N N 333 
TYR N   CA   sing N N 334 
TYR N   H    sing N N 335 
TYR N   H2   sing N N 336 
TYR CA  C    sing N N 337 
TYR CA  CB   sing N N 338 
TYR CA  HA   sing N N 339 
TYR C   O    doub N N 340 
TYR C   OXT  sing N N 341 
TYR CB  CG   sing N N 342 
TYR CB  HB2  sing N N 343 
TYR CB  HB3  sing N N 344 
TYR CG  CD1  doub Y N 345 
TYR CG  CD2  sing Y N 346 
TYR CD1 CE1  sing Y N 347 
TYR CD1 HD1  sing N N 348 
TYR CD2 CE2  doub Y N 349 
TYR CD2 HD2  sing N N 350 
TYR CE1 CZ   doub Y N 351 
TYR CE1 HE1  sing N N 352 
TYR CE2 CZ   sing Y N 353 
TYR CE2 HE2  sing N N 354 
TYR CZ  OH   sing N N 355 
TYR OH  HH   sing N N 356 
TYR OXT HXT  sing N N 357 
VAL N   CA   sing N N 358 
VAL N   H    sing N N 359 
VAL N   H2   sing N N 360 
VAL CA  C    sing N N 361 
VAL CA  CB   sing N N 362 
VAL CA  HA   sing N N 363 
VAL C   O    doub N N 364 
VAL C   OXT  sing N N 365 
VAL CB  CG1  sing N N 366 
VAL CB  CG2  sing N N 367 
VAL CB  HB   sing N N 368 
VAL CG1 HG11 sing N N 369 
VAL CG1 HG12 sing N N 370 
VAL CG1 HG13 sing N N 371 
VAL CG2 HG21 sing N N 372 
VAL CG2 HG22 sing N N 373 
VAL CG2 HG23 sing N N 374 
VAL OXT HXT  sing N N 375 
# 
_atom_sites.entry_id                    1R6K 
_atom_sites.fract_transf_matrix[1][1]   -0.00813970 
_atom_sites.fract_transf_matrix[1][2]   0.00877165 
_atom_sites.fract_transf_matrix[1][3]   0.01375004 
_atom_sites.fract_transf_matrix[2][1]   -0.00377488 
_atom_sites.fract_transf_matrix[2][2]   0.00244703 
_atom_sites.fract_transf_matrix[2][3]   -0.00379569 
_atom_sites.fract_transf_matrix[3][1]   -0.01353113 
_atom_sites.fract_transf_matrix[3][2]   -0.01673684 
_atom_sites.fract_transf_matrix[3][3]   0.00266694 
_atom_sites.fract_transf_vector[1]      1.005653 
_atom_sites.fract_transf_vector[2]      0.333203 
_atom_sites.fract_transf_vector[3]      0.731132 
# 
loop_
_atom_type.symbol 
C 
N 
O 
S 
# 
loop_
_atom_site.group_PDB 
_atom_site.id 
_atom_site.type_symbol 
_atom_site.label_atom_id 
_atom_site.label_alt_id 
_atom_site.label_comp_id 
_atom_site.label_asym_id 
_atom_site.label_entity_id 
_atom_site.label_seq_id 
_atom_site.pdbx_PDB_ins_code 
_atom_site.Cartn_x 
_atom_site.Cartn_y 
_atom_site.Cartn_z 
_atom_site.occupancy 
_atom_site.B_iso_or_equiv 
_atom_site.pdbx_formal_charge 
_atom_site.auth_seq_id 
_atom_site.auth_comp_id 
_atom_site.auth_asym_id 
_atom_site.auth_atom_id 
_atom_site.pdbx_PDB_model_num 
ATOM   1    N N   . ALA A 1 9   ? 23.446  -14.185 19.980  1.00 59.23 ? 3   ALA A N   1 
ATOM   2    C CA  . ALA A 1 9   ? 22.849  -14.796 18.747  1.00 59.18 ? 3   ALA A CA  1 
ATOM   3    C C   . ALA A 1 9   ? 21.728  -13.894 18.228  1.00 58.95 ? 3   ALA A C   1 
ATOM   4    O O   . ALA A 1 9   ? 21.870  -13.217 17.200  1.00 58.91 ? 3   ALA A O   1 
ATOM   5    C CB  . ALA A 1 9   ? 22.300  -16.196 19.074  1.00 59.00 ? 3   ALA A CB  1 
ATOM   6    N N   . ILE A 1 10  ? 20.619  -13.890 18.964  1.00 58.70 ? 4   ILE A N   1 
ATOM   7    C CA  . ILE A 1 10  ? 19.441  -13.086 18.639  1.00 58.23 ? 4   ILE A CA  1 
ATOM   8    C C   . ILE A 1 10  ? 19.804  -11.604 18.488  1.00 57.77 ? 4   ILE A C   1 
ATOM   9    O O   . ILE A 1 10  ? 19.422  -10.954 17.505  1.00 57.83 ? 4   ILE A O   1 
ATOM   10   C CB  . ILE A 1 10  ? 18.374  -13.254 19.739  1.00 57.92 ? 4   ILE A CB  1 
ATOM   11   C CG1 . ILE A 1 10  ? 17.133  -12.429 19.404  1.00 57.83 ? 4   ILE A CG1 1 
ATOM   12   C CG2 . ILE A 1 10  ? 18.965  -12.869 21.089  1.00 58.20 ? 4   ILE A CG2 1 
ATOM   13   C CD1 . ILE A 1 10  ? 15.903  -12.837 20.191  1.00 57.96 ? 4   ILE A CD1 1 
ATOM   14   N N   . ALA A 1 11  ? 20.545  -11.080 19.463  1.00 57.27 ? 5   ALA A N   1 
ATOM   15   C CA  . ALA A 1 11  ? 20.976  -9.688  19.434  1.00 56.72 ? 5   ALA A CA  1 
ATOM   16   C C   . ALA A 1 11  ? 21.816  -9.425  18.178  1.00 56.45 ? 5   ALA A C   1 
ATOM   17   O O   . ALA A 1 11  ? 21.852  -8.297  17.660  1.00 56.46 ? 5   ALA A O   1 
ATOM   18   C CB  . ALA A 1 11  ? 21.784  -9.367  20.685  1.00 56.69 ? 5   ALA A CB  1 
ATOM   19   N N   . LYS A 1 12  ? 22.495  -10.464 17.693  1.00 55.58 ? 6   LYS A N   1 
ATOM   20   C CA  . LYS A 1 12  ? 23.321  -10.339 16.497  1.00 54.71 ? 6   LYS A CA  1 
ATOM   21   C C   . LYS A 1 12  ? 22.453  -10.508 15.248  1.00 54.01 ? 6   LYS A C   1 
ATOM   22   O O   . LYS A 1 12  ? 22.550  -9.723  14.298  1.00 54.17 ? 6   LYS A O   1 
ATOM   23   C CB  . LYS A 1 12  ? 24.436  -11.378 16.519  1.00 54.87 ? 6   LYS A CB  1 
ATOM   24   N N   . ARG A 1 13  ? 21.594  -11.527 15.248  1.00 52.89 ? 7   ARG A N   1 
ATOM   25   C CA  . ARG A 1 13  ? 20.711  -11.759 14.099  1.00 51.64 ? 7   ARG A CA  1 
ATOM   26   C C   . ARG A 1 13  ? 19.828  -10.522 13.864  1.00 50.42 ? 7   ARG A C   1 
ATOM   27   O O   . ARG A 1 13  ? 19.731  -10.015 12.739  1.00 50.22 ? 7   ARG A O   1 
ATOM   28   C CB  . ARG A 1 13  ? 19.835  -13.004 14.327  1.00 51.58 ? 7   ARG A CB  1 
ATOM   29   C CG  . ARG A 1 13  ? 20.613  -14.340 14.401  1.00 51.97 ? 7   ARG A CG  1 
ATOM   30   C CD  . ARG A 1 13  ? 19.661  -15.532 14.494  1.00 51.65 ? 7   ARG A CD  1 
ATOM   31   N NE  . ARG A 1 13  ? 18.789  -15.585 13.321  1.00 51.93 ? 7   ARG A NE  1 
ATOM   32   C CZ  . ARG A 1 13  ? 17.596  -16.175 13.286  1.00 52.24 ? 7   ARG A CZ  1 
ATOM   33   N NH1 . ARG A 1 13  ? 17.109  -16.780 14.365  1.00 52.71 ? 7   ARG A NH1 1 
ATOM   34   N NH2 . ARG A 1 13  ? 16.877  -16.144 12.166  1.00 52.00 ? 7   ARG A NH2 1 
ATOM   35   N N   . LEU A 1 14  ? 19.197  -10.035 14.930  1.00 48.81 ? 8   LEU A N   1 
ATOM   36   C CA  . LEU A 1 14  ? 18.343  -8.858  14.826  1.00 47.37 ? 8   LEU A CA  1 
ATOM   37   C C   . LEU A 1 14  ? 19.171  -7.723  14.248  1.00 46.70 ? 8   LEU A C   1 
ATOM   38   O O   . LEU A 1 14  ? 18.702  -6.965  13.405  1.00 45.89 ? 8   LEU A O   1 
ATOM   39   C CB  . LEU A 1 14  ? 17.821  -8.468  16.206  1.00 47.16 ? 8   LEU A CB  1 
ATOM   40   C CG  . LEU A 1 14  ? 17.018  -7.172  16.280  1.00 46.54 ? 8   LEU A CG  1 
ATOM   41   C CD1 . LEU A 1 14  ? 15.796  -7.267  15.387  1.00 46.21 ? 8   LEU A CD1 1 
ATOM   42   C CD2 . LEU A 1 14  ? 16.617  -6.923  17.712  1.00 46.40 ? 8   LEU A CD2 1 
ATOM   43   N N   . ASP A 1 15  ? 20.416  -7.635  14.703  1.00 46.21 ? 9   ASP A N   1 
ATOM   44   C CA  . ASP A 1 15  ? 21.337  -6.609  14.253  1.00 45.65 ? 9   ASP A CA  1 
ATOM   45   C C   . ASP A 1 15  ? 21.607  -6.766  12.767  1.00 45.13 ? 9   ASP A C   1 
ATOM   46   O O   . ASP A 1 15  ? 21.452  -5.822  11.995  1.00 45.45 ? 9   ASP A O   1 
ATOM   47   C CB  . ASP A 1 15  ? 22.647  -6.698  15.044  1.00 45.99 ? 9   ASP A CB  1 
ATOM   48   N N   . ALA A 1 16  ? 22.016  -7.957  12.354  1.00 44.81 ? 10  ALA A N   1 
ATOM   49   C CA  . ALA A 1 16  ? 22.280  -8.183  10.937  1.00 44.28 ? 10  ALA A CA  1 
ATOM   50   C C   . ALA A 1 16  ? 21.024  -7.769  10.175  1.00 43.90 ? 10  ALA A C   1 
ATOM   51   O O   . ALA A 1 16  ? 21.079  -6.968  9.241   1.00 43.67 ? 10  ALA A O   1 
ATOM   52   C CB  . ALA A 1 16  ? 22.601  -9.653  10.692  1.00 43.98 ? 10  ALA A CB  1 
ATOM   53   N N   . CYS A 1 17  ? 19.889  -8.303  10.611  1.00 43.57 ? 11  CYS A N   1 
ATOM   54   C CA  . CYS A 1 17  ? 18.593  -8.014  10.008  1.00 43.56 ? 11  CYS A CA  1 
ATOM   55   C C   . CYS A 1 17  ? 18.234  -6.542  9.876   1.00 43.02 ? 11  CYS A C   1 
ATOM   56   O O   . CYS A 1 17  ? 17.868  -6.085  8.793   1.00 43.08 ? 11  CYS A O   1 
ATOM   57   C CB  . CYS A 1 17  ? 17.481  -8.693  10.807  1.00 44.05 ? 11  CYS A CB  1 
ATOM   58   S SG  . CYS A 1 17  ? 15.860  -8.430  10.066  1.00 45.42 ? 11  CYS A SG  1 
ATOM   59   N N   . GLN A 1 18  ? 18.322  -5.799  10.976  1.00 42.35 ? 12  GLN A N   1 
ATOM   60   C CA  . GLN A 1 18  ? 17.961  -4.385  10.946  1.00 42.01 ? 12  GLN A CA  1 
ATOM   61   C C   . GLN A 1 18  ? 18.906  -3.607  10.077  1.00 42.00 ? 12  GLN A C   1 
ATOM   62   O O   . GLN A 1 18  ? 18.549  -2.560  9.549   1.00 41.96 ? 12  GLN A O   1 
ATOM   63   C CB  . GLN A 1 18  ? 17.886  -3.808  12.363  1.00 40.87 ? 12  GLN A CB  1 
ATOM   64   C CG  . GLN A 1 18  ? 16.728  -4.412  13.151  1.00 40.01 ? 12  GLN A CG  1 
ATOM   65   C CD  . GLN A 1 18  ? 16.499  -3.777  14.514  1.00 39.33 ? 12  GLN A CD  1 
ATOM   66   O OE1 . GLN A 1 18  ? 17.443  -3.531  15.275  1.00 38.62 ? 12  GLN A OE1 1 
ATOM   67   N NE2 . GLN A 1 18  ? 15.231  -3.527  14.837  1.00 38.84 ? 12  GLN A NE2 1 
ATOM   68   N N   . ASP A 1 19  ? 20.105  -4.149  9.905   1.00 42.98 ? 13  ASP A N   1 
ATOM   69   C CA  . ASP A 1 19  ? 21.120  -3.533  9.055   1.00 43.76 ? 13  ASP A CA  1 
ATOM   70   C C   . ASP A 1 19  ? 20.695  -3.594  7.592   1.00 43.81 ? 13  ASP A C   1 
ATOM   71   O O   . ASP A 1 19  ? 20.755  -2.593  6.868   1.00 43.55 ? 13  ASP A O   1 
ATOM   72   C CB  . ASP A 1 19  ? 22.446  -4.263  9.223   1.00 45.52 ? 13  ASP A CB  1 
ATOM   73   C CG  . ASP A 1 19  ? 23.256  -3.742  10.401  1.00 47.28 ? 13  ASP A CG  1 
ATOM   74   O OD1 . ASP A 1 19  ? 22.710  -3.670  11.533  1.00 48.96 ? 13  ASP A OD1 1 
ATOM   75   O OD2 . ASP A 1 19  ? 24.447  -3.410  10.192  1.00 47.85 ? 13  ASP A OD2 1 
ATOM   76   N N   . GLN A 1 20  ? 20.264  -4.780  7.164   1.00 43.83 ? 14  GLN A N   1 
ATOM   77   C CA  . GLN A 1 20  ? 19.817  -5.000  5.788   1.00 43.82 ? 14  GLN A CA  1 
ATOM   78   C C   . GLN A 1 20  ? 18.630  -4.085  5.490   1.00 42.88 ? 14  GLN A C   1 
ATOM   79   O O   . GLN A 1 20  ? 18.523  -3.505  4.404   1.00 42.15 ? 14  GLN A O   1 
ATOM   80   C CB  . GLN A 1 20  ? 19.423  -6.468  5.603   1.00 45.82 ? 14  GLN A CB  1 
ATOM   81   C CG  . GLN A 1 20  ? 19.094  -6.873  4.167   1.00 48.29 ? 14  GLN A CG  1 
ATOM   82   C CD  . GLN A 1 20  ? 18.672  -8.345  4.043   1.00 49.71 ? 14  GLN A CD  1 
ATOM   83   O OE1 . GLN A 1 20  ? 17.982  -8.722  3.094   1.00 50.85 ? 14  GLN A OE1 1 
ATOM   84   N NE2 . GLN A 1 20  ? 19.092  -9.176  4.998   1.00 50.61 ? 14  GLN A NE2 1 
ATOM   85   N N   . LEU A 1 21  ? 17.740  -3.943  6.468   1.00 42.05 ? 15  LEU A N   1 
ATOM   86   C CA  . LEU A 1 21  ? 16.582  -3.069  6.293   1.00 40.94 ? 15  LEU A CA  1 
ATOM   87   C C   . LEU A 1 21  ? 17.041  -1.644  6.033   1.00 39.96 ? 15  LEU A C   1 
ATOM   88   O O   . LEU A 1 21  ? 16.579  -0.984  5.096   1.00 39.76 ? 15  LEU A O   1 
ATOM   89   C CB  . LEU A 1 21  ? 15.685  -3.115  7.530   1.00 41.25 ? 15  LEU A CB  1 
ATOM   90   C CG  . LEU A 1 21  ? 14.748  -4.327  7.562   1.00 41.46 ? 15  LEU A CG  1 
ATOM   91   C CD1 . LEU A 1 21  ? 14.231  -4.556  8.955   1.00 40.90 ? 15  LEU A CD1 1 
ATOM   92   C CD2 . LEU A 1 21  ? 13.613  -4.104  6.557   1.00 41.07 ? 15  LEU A CD2 1 
ATOM   93   N N   . LEU A 1 22  ? 17.983  -1.182  6.848   1.00 38.94 ? 16  LEU A N   1 
ATOM   94   C CA  . LEU A 1 22  ? 18.484  0.170   6.710   1.00 37.79 ? 16  LEU A CA  1 
ATOM   95   C C   . LEU A 1 22  ? 19.061  0.433   5.325   1.00 37.62 ? 16  LEU A C   1 
ATOM   96   O O   . LEU A 1 22  ? 18.744  1.461   4.701   1.00 37.79 ? 16  LEU A O   1 
ATOM   97   C CB  . LEU A 1 22  ? 19.531  0.451   7.776   1.00 36.83 ? 16  LEU A CB  1 
ATOM   98   C CG  . LEU A 1 22  ? 20.034  1.896   7.760   1.00 36.31 ? 16  LEU A CG  1 
ATOM   99   C CD1 . LEU A 1 22  ? 18.873  2.875   7.956   1.00 35.98 ? 16  LEU A CD1 1 
ATOM   100  C CD2 . LEU A 1 22  ? 21.060  2.056   8.840   1.00 36.35 ? 16  LEU A CD2 1 
ATOM   101  N N   . GLU A 1 23  ? 19.900  -0.487  4.844   1.00 36.84 ? 17  GLU A N   1 
ATOM   102  C CA  . GLU A 1 23  ? 20.503  -0.338  3.528   1.00 36.54 ? 17  GLU A CA  1 
ATOM   103  C C   . GLU A 1 23  ? 19.420  -0.266  2.458   1.00 36.54 ? 17  GLU A C   1 
ATOM   104  O O   . GLU A 1 23  ? 19.508  0.543   1.526   1.00 36.89 ? 17  GLU A O   1 
ATOM   105  C CB  . GLU A 1 23  ? 21.455  -1.507  3.238   1.00 36.47 ? 17  GLU A CB  1 
ATOM   106  N N   . LEU A 1 24  ? 18.401  -1.117  2.580   1.00 36.45 ? 18  LEU A N   1 
ATOM   107  C CA  . LEU A 1 24  ? 17.320  -1.124  1.606   1.00 36.29 ? 18  LEU A CA  1 
ATOM   108  C C   . LEU A 1 24  ? 16.645  0.239   1.569   1.00 36.55 ? 18  LEU A C   1 
ATOM   109  O O   . LEU A 1 24  ? 16.530  0.857   0.512   1.00 36.42 ? 18  LEU A O   1 
ATOM   110  C CB  . LEU A 1 24  ? 16.312  -2.208  1.953   1.00 35.00 ? 18  LEU A CB  1 
ATOM   111  C CG  . LEU A 1 24  ? 16.765  -3.632  1.644   1.00 34.76 ? 18  LEU A CG  1 
ATOM   112  C CD1 . LEU A 1 24  ? 15.953  -4.609  2.466   1.00 33.49 ? 18  LEU A CD1 1 
ATOM   113  C CD2 . LEU A 1 24  ? 16.632  -3.908  0.146   1.00 34.58 ? 18  LEU A CD2 1 
ATOM   114  N N   . TYR A 1 25  ? 16.222  0.721   2.730   1.00 37.44 ? 19  TYR A N   1 
ATOM   115  C CA  . TYR A 1 25  ? 15.570  2.027   2.824   1.00 38.65 ? 19  TYR A CA  1 
ATOM   116  C C   . TYR A 1 25  ? 16.401  3.154   2.209   1.00 39.77 ? 19  TYR A C   1 
ATOM   117  O O   . TYR A 1 25  ? 15.892  3.955   1.421   1.00 40.10 ? 19  TYR A O   1 
ATOM   118  C CB  . TYR A 1 25  ? 15.316  2.380   4.284   1.00 37.91 ? 19  TYR A CB  1 
ATOM   119  C CG  . TYR A 1 25  ? 14.109  1.752   4.908   1.00 37.47 ? 19  TYR A CG  1 
ATOM   120  C CD1 . TYR A 1 25  ? 12.825  2.069   4.463   1.00 37.56 ? 19  TYR A CD1 1 
ATOM   121  C CD2 . TYR A 1 25  ? 14.236  0.921   6.019   1.00 37.19 ? 19  TYR A CD2 1 
ATOM   122  C CE1 . TYR A 1 25  ? 11.691  1.579   5.126   1.00 37.82 ? 19  TYR A CE1 1 
ATOM   123  C CE2 . TYR A 1 25  ? 13.123  0.432   6.683   1.00 37.55 ? 19  TYR A CE2 1 
ATOM   124  C CZ  . TYR A 1 25  ? 11.859  0.767   6.235   1.00 37.91 ? 19  TYR A CZ  1 
ATOM   125  O OH  . TYR A 1 25  ? 10.762  0.303   6.916   1.00 39.32 ? 19  TYR A OH  1 
ATOM   126  N N   . GLU A 1 26  ? 17.676  3.229   2.587   1.00 41.22 ? 20  GLU A N   1 
ATOM   127  C CA  . GLU A 1 26  ? 18.550  4.279   2.078   1.00 43.06 ? 20  GLU A CA  1 
ATOM   128  C C   . GLU A 1 26  ? 18.863  4.093   0.606   1.00 43.04 ? 20  GLU A C   1 
ATOM   129  O O   . GLU A 1 26  ? 19.324  5.018   -0.066  1.00 43.43 ? 20  GLU A O   1 
ATOM   130  C CB  . GLU A 1 26  ? 19.868  4.308   2.852   1.00 44.43 ? 20  GLU A CB  1 
ATOM   131  C CG  . GLU A 1 26  ? 19.761  4.712   4.308   1.00 46.31 ? 20  GLU A CG  1 
ATOM   132  C CD  . GLU A 1 26  ? 21.131  4.950   4.917   1.00 47.73 ? 20  GLU A CD  1 
ATOM   133  O OE1 . GLU A 1 26  ? 22.073  4.219   4.532   1.00 48.82 ? 20  GLU A OE1 1 
ATOM   134  O OE2 . GLU A 1 26  ? 21.273  5.849   5.781   1.00 48.60 ? 20  GLU A OE2 1 
ATOM   135  N N   . GLU A 1 27  ? 18.608  2.894   0.106   1.00 43.31 ? 21  GLU A N   1 
ATOM   136  C CA  . GLU A 1 27  ? 18.893  2.567   -1.277  1.00 43.68 ? 21  GLU A CA  1 
ATOM   137  C C   . GLU A 1 27  ? 17.864  3.088   -2.265  1.00 43.39 ? 21  GLU A C   1 
ATOM   138  O O   . GLU A 1 27  ? 18.198  3.355   -3.412  1.00 42.94 ? 21  GLU A O   1 
ATOM   139  C CB  . GLU A 1 27  ? 19.007  1.058   -1.409  1.00 44.95 ? 21  GLU A CB  1 
ATOM   140  C CG  . GLU A 1 27  ? 19.451  0.567   -2.760  1.00 47.06 ? 21  GLU A CG  1 
ATOM   141  C CD  . GLU A 1 27  ? 19.467  -0.947  -2.811  1.00 48.58 ? 21  GLU A CD  1 
ATOM   142  O OE1 . GLU A 1 27  ? 19.916  -1.588  -1.826  1.00 49.43 ? 21  GLU A OE1 1 
ATOM   143  O OE2 . GLU A 1 27  ? 19.031  -1.499  -3.843  1.00 50.06 ? 21  GLU A OE2 1 
ATOM   144  N N   . ASN A 1 28  ? 16.614  3.220   -1.830  1.00 43.72 ? 22  ASN A N   1 
ATOM   145  C CA  . ASN A 1 28  ? 15.547  3.708   -2.706  1.00 43.81 ? 22  ASN A CA  1 
ATOM   146  C C   . ASN A 1 28  ? 15.548  3.003   -4.051  1.00 43.05 ? 22  ASN A C   1 
ATOM   147  O O   . ASN A 1 28  ? 15.547  3.646   -5.103  1.00 42.98 ? 22  ASN A O   1 
ATOM   148  C CB  . ASN A 1 28  ? 15.701  5.210   -2.918  1.00 45.09 ? 22  ASN A CB  1 
ATOM   149  C CG  . ASN A 1 28  ? 15.706  5.965   -1.610  1.00 46.58 ? 22  ASN A CG  1 
ATOM   150  O OD1 . ASN A 1 28  ? 14.958  5.608   -0.683  1.00 47.80 ? 22  ASN A OD1 1 
ATOM   151  N ND2 . ASN A 1 28  ? 16.543  7.008   -1.510  1.00 47.01 ? 22  ASN A ND2 1 
ATOM   152  N N   . SER A 1 29  ? 15.557  1.679   -4.021  1.00 42.57 ? 23  SER A N   1 
ATOM   153  C CA  . SER A 1 29  ? 15.572  0.896   -5.249  1.00 42.41 ? 23  SER A CA  1 
ATOM   154  C C   . SER A 1 29  ? 14.277  1.034   -6.058  1.00 42.41 ? 23  SER A C   1 
ATOM   155  O O   . SER A 1 29  ? 13.212  1.402   -5.536  1.00 42.19 ? 23  SER A O   1 
ATOM   156  C CB  . SER A 1 29  ? 15.814  -0.582  -4.931  1.00 42.85 ? 23  SER A CB  1 
ATOM   157  O OG  . SER A 1 29  ? 15.892  -1.353  -6.122  1.00 43.53 ? 23  SER A OG  1 
ATOM   158  N N   . ILE A 1 30  ? 14.390  0.734   -7.347  1.00 41.97 ? 24  ILE A N   1 
ATOM   159  C CA  . ILE A 1 30  ? 13.272  0.806   -8.264  1.00 41.41 ? 24  ILE A CA  1 
ATOM   160  C C   . ILE A 1 30  ? 12.913  -0.616  -8.679  1.00 41.28 ? 24  ILE A C   1 
ATOM   161  O O   . ILE A 1 30  ? 11.940  -0.833  -9.387  1.00 41.04 ? 24  ILE A O   1 
ATOM   162  C CB  . ILE A 1 30  ? 13.646  1.690   -9.482  1.00 41.34 ? 24  ILE A CB  1 
ATOM   163  C CG1 . ILE A 1 30  ? 12.741  2.914   -9.503  1.00 40.82 ? 24  ILE A CG1 1 
ATOM   164  C CG2 . ILE A 1 30  ? 13.580  0.903   -10.792 1.00 41.46 ? 24  ILE A CG2 1 
ATOM   165  C CD1 . ILE A 1 30  ? 12.968  3.833   -8.354  1.00 40.56 ? 24  ILE A CD1 1 
ATOM   166  N N   . ASP A 1 31  ? 13.701  -1.585  -8.219  1.00 41.63 ? 25  ASP A N   1 
ATOM   167  C CA  . ASP A 1 31  ? 13.443  -2.987  -8.529  1.00 41.94 ? 25  ASP A CA  1 
ATOM   168  C C   . ASP A 1 31  ? 12.629  -3.665  -7.424  1.00 41.63 ? 25  ASP A C   1 
ATOM   169  O O   . ASP A 1 31  ? 13.012  -3.705  -6.248  1.00 41.11 ? 25  ASP A O   1 
ATOM   170  C CB  . ASP A 1 31  ? 14.753  -3.756  -8.786  1.00 42.99 ? 25  ASP A CB  1 
ATOM   171  C CG  . ASP A 1 31  ? 14.588  -5.286  -8.654  1.00 44.38 ? 25  ASP A CG  1 
ATOM   172  O OD1 . ASP A 1 31  ? 13.491  -5.814  -8.981  1.00 45.20 ? 25  ASP A OD1 1 
ATOM   173  O OD2 . ASP A 1 31  ? 15.567  -5.962  -8.229  1.00 45.08 ? 25  ASP A OD2 1 
ATOM   174  N N   . ILE A 1 32  ? 11.493  -4.197  -7.863  1.00 41.13 ? 26  ILE A N   1 
ATOM   175  C CA  . ILE A 1 32  ? 10.516  -4.890  -7.049  1.00 40.28 ? 26  ILE A CA  1 
ATOM   176  C C   . ILE A 1 32  ? 11.122  -6.026  -6.235  1.00 40.38 ? 26  ILE A C   1 
ATOM   177  O O   . ILE A 1 32  ? 10.635  -6.344  -5.155  1.00 40.67 ? 26  ILE A O   1 
ATOM   178  C CB  . ILE A 1 32  ? 9.402   -5.442  -7.971  1.00 39.84 ? 26  ILE A CB  1 
ATOM   179  C CG1 . ILE A 1 32  ? 8.228   -5.963  -7.151  1.00 39.68 ? 26  ILE A CG1 1 
ATOM   180  C CG2 . ILE A 1 32  ? 9.960   -6.567  -8.847  1.00 39.37 ? 26  ILE A CG2 1 
ATOM   181  C CD1 . ILE A 1 32  ? 6.995   -6.159  -7.990  1.00 38.56 ? 26  ILE A CD1 1 
ATOM   182  N N   . HIS A 1 33  ? 12.185  -6.639  -6.745  1.00 40.70 ? 27  HIS A N   1 
ATOM   183  C CA  . HIS A 1 33  ? 12.825  -7.749  -6.031  1.00 41.03 ? 27  HIS A CA  1 
ATOM   184  C C   . HIS A 1 33  ? 13.482  -7.300  -4.727  1.00 41.27 ? 27  HIS A C   1 
ATOM   185  O O   . HIS A 1 33  ? 13.617  -8.081  -3.776  1.00 41.66 ? 27  HIS A O   1 
ATOM   186  C CB  . HIS A 1 33  ? 13.837  -8.432  -6.947  1.00 40.77 ? 27  HIS A CB  1 
ATOM   187  C CG  . HIS A 1 33  ? 13.200  -9.175  -8.082  1.00 39.86 ? 27  HIS A CG  1 
ATOM   188  N ND1 . HIS A 1 33  ? 12.662  -10.437 -7.934  1.00 39.14 ? 27  HIS A ND1 1 
ATOM   189  C CD2 . HIS A 1 33  ? 12.941  -8.800  -9.360  1.00 39.63 ? 27  HIS A CD2 1 
ATOM   190  C CE1 . HIS A 1 33  ? 12.097  -10.808 -9.070  1.00 39.18 ? 27  HIS A CE1 1 
ATOM   191  N NE2 . HIS A 1 33  ? 12.249  -9.831  -9.950  1.00 39.41 ? 27  HIS A NE2 1 
ATOM   192  N N   . LYS A 1 34  ? 13.877  -6.035  -4.681  1.00 41.64 ? 28  LYS A N   1 
ATOM   193  C CA  . LYS A 1 34  ? 14.487  -5.471  -3.486  1.00 41.69 ? 28  LYS A CA  1 
ATOM   194  C C   . LYS A 1 34  ? 13.396  -5.246  -2.449  1.00 40.99 ? 28  LYS A C   1 
ATOM   195  O O   . LYS A 1 34  ? 13.608  -5.447  -1.245  1.00 41.88 ? 28  LYS A O   1 
ATOM   196  C CB  . LYS A 1 34  ? 15.149  -4.135  -3.812  1.00 42.46 ? 28  LYS A CB  1 
ATOM   197  C CG  . LYS A 1 34  ? 16.308  -4.216  -4.772  1.00 43.72 ? 28  LYS A CG  1 
ATOM   198  C CD  . LYS A 1 34  ? 17.626  -4.417  -4.049  1.00 44.64 ? 28  LYS A CD  1 
ATOM   199  C CE  . LYS A 1 34  ? 18.788  -4.013  -4.964  1.00 45.32 ? 28  LYS A CE  1 
ATOM   200  N NZ  . LYS A 1 34  ? 20.049  -3.779  -4.204  1.00 45.19 ? 28  LYS A NZ  1 
ATOM   201  N N   . HIS A 1 35  ? 12.225  -4.823  -2.915  1.00 39.38 ? 29  HIS A N   1 
ATOM   202  C CA  . HIS A 1 35  ? 11.110  -4.574  -2.009  1.00 38.32 ? 29  HIS A CA  1 
ATOM   203  C C   . HIS A 1 35  ? 10.523  -5.869  -1.476  1.00 38.18 ? 29  HIS A C   1 
ATOM   204  O O   . HIS A 1 35  ? 9.904   -5.888  -0.416  1.00 37.59 ? 29  HIS A O   1 
ATOM   205  C CB  . HIS A 1 35  ? 10.079  -3.717  -2.707  1.00 37.54 ? 29  HIS A CB  1 
ATOM   206  C CG  . HIS A 1 35  ? 10.650  -2.428  -3.209  1.00 36.80 ? 29  HIS A CG  1 
ATOM   207  N ND1 . HIS A 1 35  ? 11.500  -1.650  -2.449  1.00 36.35 ? 29  HIS A ND1 1 
ATOM   208  C CD2 . HIS A 1 35  ? 10.515  -1.787  -4.395  1.00 36.64 ? 29  HIS A CD2 1 
ATOM   209  C CE1 . HIS A 1 35  ? 11.860  -0.586  -3.147  1.00 36.64 ? 29  HIS A CE1 1 
ATOM   210  N NE2 . HIS A 1 35  ? 11.276  -0.645  -4.331  1.00 37.10 ? 29  HIS A NE2 1 
ATOM   211  N N   . ILE A 1 36  ? 10.721  -6.955  -2.216  1.00 38.13 ? 30  ILE A N   1 
ATOM   212  C CA  . ILE A 1 36  ? 10.271  -8.248  -1.750  1.00 37.83 ? 30  ILE A CA  1 
ATOM   213  C C   . ILE A 1 36  ? 11.195  -8.608  -0.604  1.00 38.52 ? 30  ILE A C   1 
ATOM   214  O O   . ILE A 1 36  ? 10.798  -9.266  0.350   1.00 38.65 ? 30  ILE A O   1 
ATOM   215  C CB  . ILE A 1 36  ? 10.355  -9.324  -2.854  1.00 37.07 ? 30  ILE A CB  1 
ATOM   216  C CG1 . ILE A 1 36  ? 9.242   -9.113  -3.881  1.00 36.26 ? 30  ILE A CG1 1 
ATOM   217  C CG2 . ILE A 1 36  ? 10.212  -10.722 -2.239  1.00 36.15 ? 30  ILE A CG2 1 
ATOM   218  C CD1 . ILE A 1 36  ? 9.304   -10.155 -5.002  1.00 35.96 ? 30  ILE A CD1 1 
ATOM   219  N N   . MET A 1 37  ? 12.446  -8.183  -0.713  1.00 39.31 ? 31  MET A N   1 
ATOM   220  C CA  . MET A 1 37  ? 13.430  -8.421  0.354   1.00 40.22 ? 31  MET A CA  1 
ATOM   221  C C   . MET A 1 37  ? 13.106  -7.588  1.591   1.00 40.12 ? 31  MET A C   1 
ATOM   222  O O   . MET A 1 37  ? 13.157  -8.078  2.724   1.00 40.51 ? 31  MET A O   1 
ATOM   223  C CB  . MET A 1 37  ? 14.849  -8.074  -0.095  1.00 41.95 ? 31  MET A CB  1 
ATOM   224  C CG  . MET A 1 37  ? 15.656  -9.235  -0.633  1.00 44.23 ? 31  MET A CG  1 
ATOM   225  S SD  . MET A 1 37  ? 17.366  -8.721  -0.927  1.00 52.99 ? 31  MET A SD  1 
ATOM   226  C CE  . MET A 1 37  ? 18.200  -9.343  0.538   1.00 46.69 ? 31  MET A CE  1 
ATOM   227  N N   . HIS A 1 38  ? 12.797  -6.314  1.382   1.00 39.43 ? 32  HIS A N   1 
ATOM   228  C CA  . HIS A 1 38  ? 12.429  -5.453  2.508   1.00 38.81 ? 32  HIS A CA  1 
ATOM   229  C C   . HIS A 1 38  ? 11.339  -6.157  3.327   1.00 37.77 ? 32  HIS A C   1 
ATOM   230  O O   . HIS A 1 38  ? 11.487  -6.365  4.530   1.00 37.36 ? 32  HIS A O   1 
ATOM   231  C CB  . HIS A 1 38  ? 11.927  -4.094  1.994   1.00 40.05 ? 32  HIS A CB  1 
ATOM   232  C CG  . HIS A 1 38  ? 11.457  -3.169  3.074   1.00 41.74 ? 32  HIS A CG  1 
ATOM   233  N ND1 . HIS A 1 38  ? 10.166  -3.193  3.568   1.00 42.84 ? 32  HIS A ND1 1 
ATOM   234  C CD2 . HIS A 1 38  ? 12.112  -2.218  3.783   1.00 42.46 ? 32  HIS A CD2 1 
ATOM   235  C CE1 . HIS A 1 38  ? 10.049  -2.299  4.535   1.00 42.79 ? 32  HIS A CE1 1 
ATOM   236  N NE2 . HIS A 1 38  ? 11.216  -1.694  4.686   1.00 42.52 ? 32  HIS A NE2 1 
ATOM   237  N N   . TRP A 1 39  ? 10.260  -6.554  2.657   1.00 36.56 ? 33  TRP A N   1 
ATOM   238  C CA  . TRP A 1 39  ? 9.174   -7.259  3.323   1.00 35.34 ? 33  TRP A CA  1 
ATOM   239  C C   . TRP A 1 39  ? 9.659   -8.571  3.958   1.00 36.19 ? 33  TRP A C   1 
ATOM   240  O O   . TRP A 1 39  ? 9.160   -8.984  5.024   1.00 35.73 ? 33  TRP A O   1 
ATOM   241  C CB  . TRP A 1 39  ? 8.037   -7.529  2.329   1.00 33.19 ? 33  TRP A CB  1 
ATOM   242  C CG  . TRP A 1 39  ? 7.201   -6.300  2.098   1.00 31.53 ? 33  TRP A CG  1 
ATOM   243  C CD1 . TRP A 1 39  ? 7.048   -5.601  0.927   1.00 30.32 ? 33  TRP A CD1 1 
ATOM   244  C CD2 . TRP A 1 39  ? 6.472   -5.577  3.096   1.00 29.91 ? 33  TRP A CD2 1 
ATOM   245  N NE1 . TRP A 1 39  ? 6.275   -4.483  1.143   1.00 29.44 ? 33  TRP A NE1 1 
ATOM   246  C CE2 . TRP A 1 39  ? 5.913   -4.441  2.465   1.00 29.36 ? 33  TRP A CE2 1 
ATOM   247  C CE3 . TRP A 1 39  ? 6.244   -5.778  4.464   1.00 29.38 ? 33  TRP A CE3 1 
ATOM   248  C CZ2 . TRP A 1 39  ? 5.130   -3.507  3.156   1.00 28.59 ? 33  TRP A CZ2 1 
ATOM   249  C CZ3 . TRP A 1 39  ? 5.458   -4.848  5.159   1.00 29.99 ? 33  TRP A CZ3 1 
ATOM   250  C CH2 . TRP A 1 39  ? 4.914   -3.722  4.498   1.00 28.60 ? 33  TRP A CH2 1 
ATOM   251  N N   . LYS A 1 40  ? 10.631  -9.228  3.320   1.00 36.10 ? 34  LYS A N   1 
ATOM   252  C CA  . LYS A 1 40  ? 11.145  -10.473 3.879   1.00 36.91 ? 34  LYS A CA  1 
ATOM   253  C C   . LYS A 1 40  ? 11.925  -10.144 5.174   1.00 37.07 ? 34  LYS A C   1 
ATOM   254  O O   . LYS A 1 40  ? 11.834  -10.871 6.172   1.00 36.53 ? 34  LYS A O   1 
ATOM   255  C CB  . LYS A 1 40  ? 12.039  -11.182 2.853   1.00 38.07 ? 34  LYS A CB  1 
ATOM   256  C CG  . LYS A 1 40  ? 12.184  -12.694 3.069   1.00 39.36 ? 34  LYS A CG  1 
ATOM   257  C CD  . LYS A 1 40  ? 13.006  -13.341 1.947   1.00 40.86 ? 34  LYS A CD  1 
ATOM   258  C CE  . LYS A 1 40  ? 13.223  -14.855 2.184   1.00 41.96 ? 34  LYS A CE  1 
ATOM   259  N NZ  . LYS A 1 40  ? 14.280  -15.462 1.255   1.00 42.93 ? 34  LYS A NZ  1 
ATOM   260  N N   . CYS A 1 41  ? 12.670  -9.039  5.171   1.00 37.01 ? 35  CYS A N   1 
ATOM   261  C CA  . CYS A 1 41  ? 13.403  -8.640  6.370   1.00 37.69 ? 35  CYS A CA  1 
ATOM   262  C C   . CYS A 1 41  ? 12.423  -8.153  7.443   1.00 37.68 ? 35  CYS A C   1 
ATOM   263  O O   . CYS A 1 41  ? 12.582  -8.460  8.623   1.00 37.69 ? 35  CYS A O   1 
ATOM   264  C CB  . CYS A 1 41  ? 14.404  -7.525  6.057   1.00 39.40 ? 35  CYS A CB  1 
ATOM   265  S SG  . CYS A 1 41  ? 15.718  -7.965  4.928   1.00 40.01 ? 35  CYS A SG  1 
ATOM   266  N N   . ILE A 1 42  ? 11.419  -7.374  7.051   1.00 37.55 ? 36  ILE A N   1 
ATOM   267  C CA  . ILE A 1 42  ? 10.437  -6.913  8.031   1.00 37.13 ? 36  ILE A CA  1 
ATOM   268  C C   . ILE A 1 42  ? 9.896   -8.133  8.780   1.00 38.02 ? 36  ILE A C   1 
ATOM   269  O O   . ILE A 1 42  ? 9.629   -8.071  9.985   1.00 38.15 ? 36  ILE A O   1 
ATOM   270  C CB  . ILE A 1 42  ? 9.229   -6.179  7.367   1.00 35.90 ? 36  ILE A CB  1 
ATOM   271  C CG1 . ILE A 1 42  ? 9.699   -4.907  6.657   1.00 34.86 ? 36  ILE A CG1 1 
ATOM   272  C CG2 . ILE A 1 42  ? 8.177   -5.827  8.433   1.00 35.03 ? 36  ILE A CG2 1 
ATOM   273  C CD1 . ILE A 1 42  ? 10.206  -3.835  7.605   1.00 34.97 ? 36  ILE A CD1 1 
ATOM   274  N N   . ARG A 1 43  ? 9.729   -9.246  8.075   1.00 38.63 ? 37  ARG A N   1 
ATOM   275  C CA  . ARG A 1 43  ? 9.207   -10.448 8.726   1.00 40.40 ? 37  ARG A CA  1 
ATOM   276  C C   . ARG A 1 43  ? 10.230  -11.004 9.737   1.00 40.31 ? 37  ARG A C   1 
ATOM   277  O O   . ARG A 1 43  ? 9.879   -11.367 10.860  1.00 39.36 ? 37  ARG A O   1 
ATOM   278  C CB  . ARG A 1 43  ? 8.861   -11.503 7.663   1.00 41.44 ? 37  ARG A CB  1 
ATOM   279  C CG  . ARG A 1 43  ? 8.494   -12.886 8.204   1.00 42.69 ? 37  ARG A CG  1 
ATOM   280  C CD  . ARG A 1 43  ? 7.099   -12.968 8.764   1.00 43.58 ? 37  ARG A CD  1 
ATOM   281  N NE  . ARG A 1 43  ? 6.865   -14.285 9.361   1.00 44.45 ? 37  ARG A NE  1 
ATOM   282  C CZ  . ARG A 1 43  ? 5.712   -14.671 9.915   1.00 45.16 ? 37  ARG A CZ  1 
ATOM   283  N NH1 . ARG A 1 43  ? 4.665   -13.842 9.949   1.00 45.18 ? 37  ARG A NH1 1 
ATOM   284  N NH2 . ARG A 1 43  ? 5.606   -15.890 10.447  1.00 44.81 ? 37  ARG A NH2 1 
ATOM   285  N N   . LEU A 1 44  ? 11.498  -11.043 9.328   1.00 41.45 ? 38  LEU A N   1 
ATOM   286  C CA  . LEU A 1 44  ? 12.578  -11.548 10.171  1.00 41.81 ? 38  LEU A CA  1 
ATOM   287  C C   . LEU A 1 44  ? 12.695  -10.685 11.423  1.00 42.31 ? 38  LEU A C   1 
ATOM   288  O O   . LEU A 1 44  ? 12.775  -11.219 12.526  1.00 43.18 ? 38  LEU A O   1 
ATOM   289  C CB  . LEU A 1 44  ? 13.892  -11.545 9.379   1.00 41.13 ? 38  LEU A CB  1 
ATOM   290  C CG  . LEU A 1 44  ? 15.152  -12.178 9.995   1.00 41.41 ? 38  LEU A CG  1 
ATOM   291  C CD1 . LEU A 1 44  ? 14.883  -13.627 10.459  1.00 40.54 ? 38  LEU A CD1 1 
ATOM   292  C CD2 . LEU A 1 44  ? 16.279  -12.132 8.954   1.00 39.70 ? 38  LEU A CD2 1 
ATOM   293  N N   . GLU A 1 45  ? 12.691  -9.363  11.252  1.00 42.63 ? 39  GLU A N   1 
ATOM   294  C CA  . GLU A 1 45  ? 12.788  -8.436  12.383  1.00 43.21 ? 39  GLU A CA  1 
ATOM   295  C C   . GLU A 1 45  ? 11.635  -8.658  13.359  1.00 43.32 ? 39  GLU A C   1 
ATOM   296  O O   . GLU A 1 45  ? 11.795  -8.558  14.571  1.00 43.39 ? 39  GLU A O   1 
ATOM   297  C CB  . GLU A 1 45  ? 12.780  -6.976  11.885  1.00 43.30 ? 39  GLU A CB  1 
ATOM   298  C CG  . GLU A 1 45  ? 12.671  -5.901  12.990  1.00 44.19 ? 39  GLU A CG  1 
ATOM   299  C CD  . GLU A 1 45  ? 12.172  -4.542  12.460  1.00 44.73 ? 39  GLU A CD  1 
ATOM   300  O OE1 . GLU A 1 45  ? 11.092  -4.497  11.818  1.00 46.12 ? 39  GLU A OE1 1 
ATOM   301  O OE2 . GLU A 1 45  ? 12.849  -3.511  12.694  1.00 45.07 ? 39  GLU A OE2 1 
ATOM   302  N N   . SER A 1 46  ? 10.465  -8.959  12.820  1.00 44.28 ? 40  SER A N   1 
ATOM   303  C CA  . SER A 1 46  ? 9.276   -9.188  13.628  1.00 45.22 ? 40  SER A CA  1 
ATOM   304  C C   . SER A 1 46  ? 9.326   -10.565 14.277  1.00 45.92 ? 40  SER A C   1 
ATOM   305  O O   . SER A 1 46  ? 8.782   -10.779 15.369  1.00 45.94 ? 40  SER A O   1 
ATOM   306  C CB  . SER A 1 46  ? 8.031   -9.081  12.757  1.00 45.54 ? 40  SER A CB  1 
ATOM   307  O OG  . SER A 1 46  ? 6.884   -8.928  13.572  1.00 47.22 ? 40  SER A OG  1 
ATOM   308  N N   . VAL A 1 47  ? 9.957   -11.513 13.589  1.00 46.30 ? 41  VAL A N   1 
ATOM   309  C CA  . VAL A 1 47  ? 10.093  -12.846 14.149  1.00 46.45 ? 41  VAL A CA  1 
ATOM   310  C C   . VAL A 1 47  ? 11.021  -12.636 15.338  1.00 46.73 ? 41  VAL A C   1 
ATOM   311  O O   . VAL A 1 47  ? 10.643  -12.877 16.481  1.00 46.87 ? 41  VAL A O   1 
ATOM   312  C CB  . VAL A 1 47  ? 10.785  -13.853 13.160  1.00 46.62 ? 41  VAL A CB  1 
ATOM   313  C CG1 . VAL A 1 47  ? 11.010  -15.204 13.865  1.00 45.92 ? 41  VAL A CG1 1 
ATOM   314  C CG2 . VAL A 1 47  ? 9.942   -14.042 11.897  1.00 45.87 ? 41  VAL A CG2 1 
ATOM   315  N N   . LEU A 1 48  ? 12.229  -12.151 15.057  1.00 46.80 ? 42  LEU A N   1 
ATOM   316  C CA  . LEU A 1 48  ? 13.230  -11.938 16.097  1.00 46.93 ? 42  LEU A CA  1 
ATOM   317  C C   . LEU A 1 48  ? 12.768  -11.084 17.273  1.00 47.10 ? 42  LEU A C   1 
ATOM   318  O O   . LEU A 1 48  ? 12.950  -11.480 18.425  1.00 46.76 ? 42  LEU A O   1 
ATOM   319  C CB  . LEU A 1 48  ? 14.505  -11.355 15.486  1.00 46.43 ? 42  LEU A CB  1 
ATOM   320  C CG  . LEU A 1 48  ? 15.035  -12.194 14.322  1.00 46.72 ? 42  LEU A CG  1 
ATOM   321  C CD1 . LEU A 1 48  ? 16.409  -11.707 13.900  1.00 46.30 ? 42  LEU A CD1 1 
ATOM   322  C CD2 . LEU A 1 48  ? 15.097  -13.651 14.735  1.00 46.57 ? 42  LEU A CD2 1 
ATOM   323  N N   . LEU A 1 49  ? 12.169  -9.927  17.004  1.00 47.62 ? 43  LEU A N   1 
ATOM   324  C CA  . LEU A 1 49  ? 11.721  -9.077  18.101  1.00 48.64 ? 43  LEU A CA  1 
ATOM   325  C C   . LEU A 1 49  ? 10.699  -9.841  18.915  1.00 49.56 ? 43  LEU A C   1 
ATOM   326  O O   . LEU A 1 49  ? 10.526  -9.589  20.105  1.00 49.75 ? 43  LEU A O   1 
ATOM   327  C CB  . LEU A 1 49  ? 11.117  -7.766  17.587  1.00 48.17 ? 43  LEU A CB  1 
ATOM   328  C CG  . LEU A 1 49  ? 12.090  -6.748  16.982  1.00 48.14 ? 43  LEU A CG  1 
ATOM   329  C CD1 . LEU A 1 49  ? 11.334  -5.487  16.577  1.00 47.77 ? 43  LEU A CD1 1 
ATOM   330  C CD2 . LEU A 1 49  ? 13.178  -6.413  17.996  1.00 47.46 ? 43  LEU A CD2 1 
ATOM   331  N N   . HIS A 1 50  ? 10.023  -10.782 18.267  1.00 51.06 ? 44  HIS A N   1 
ATOM   332  C CA  . HIS A 1 50  ? 9.025   -11.608 18.941  1.00 52.10 ? 44  HIS A CA  1 
ATOM   333  C C   . HIS A 1 50  ? 9.766   -12.523 19.914  1.00 53.09 ? 44  HIS A C   1 
ATOM   334  O O   . HIS A 1 50  ? 9.403   -12.641 21.095  1.00 53.15 ? 44  HIS A O   1 
ATOM   335  C CB  . HIS A 1 50  ? 8.268   -12.449 17.920  1.00 51.78 ? 44  HIS A CB  1 
ATOM   336  C CG  . HIS A 1 50  ? 7.137   -13.230 18.507  1.00 51.84 ? 44  HIS A CG  1 
ATOM   337  N ND1 . HIS A 1 50  ? 6.038   -12.627 19.082  1.00 51.83 ? 44  HIS A ND1 1 
ATOM   338  C CD2 . HIS A 1 50  ? 6.936   -14.564 18.616  1.00 51.64 ? 44  HIS A CD2 1 
ATOM   339  C CE1 . HIS A 1 50  ? 5.210   -13.558 19.522  1.00 51.99 ? 44  HIS A CE1 1 
ATOM   340  N NE2 . HIS A 1 50  ? 5.733   -14.742 19.252  1.00 51.58 ? 44  HIS A NE2 1 
ATOM   341  N N   . LYS A 1 51  ? 10.813  -13.161 19.395  1.00 53.99 ? 45  LYS A N   1 
ATOM   342  C CA  . LYS A 1 51  ? 11.657  -14.062 20.168  1.00 55.02 ? 45  LYS A CA  1 
ATOM   343  C C   . LYS A 1 51  ? 12.326  -13.280 21.302  1.00 55.53 ? 45  LYS A C   1 
ATOM   344  O O   . LYS A 1 51  ? 12.438  -13.775 22.428  1.00 55.49 ? 45  LYS A O   1 
ATOM   345  C CB  . LYS A 1 51  ? 12.719  -14.679 19.255  1.00 55.29 ? 45  LYS A CB  1 
ATOM   346  C CG  . LYS A 1 51  ? 13.547  -15.769 19.895  1.00 56.34 ? 45  LYS A CG  1 
ATOM   347  C CD  . LYS A 1 51  ? 12.686  -16.961 20.302  1.00 56.73 ? 45  LYS A CD  1 
ATOM   348  C CE  . LYS A 1 51  ? 13.502  -18.012 21.051  1.00 57.12 ? 45  LYS A CE  1 
ATOM   349  N NZ  . LYS A 1 51  ? 14.006  -17.505 22.360  1.00 57.06 ? 45  LYS A NZ  1 
ATOM   350  N N   . ALA A 1 52  ? 12.757  -12.053 21.000  1.00 56.17 ? 46  ALA A N   1 
ATOM   351  C CA  . ALA A 1 52  ? 13.410  -11.168 21.979  1.00 56.48 ? 46  ALA A CA  1 
ATOM   352  C C   . ALA A 1 52  ? 12.540  -10.838 23.205  1.00 56.59 ? 46  ALA A C   1 
ATOM   353  O O   . ALA A 1 52  ? 12.996  -10.971 24.342  1.00 56.58 ? 46  ALA A O   1 
ATOM   354  C CB  . ALA A 1 52  ? 13.843  -9.878  21.299  1.00 56.59 ? 46  ALA A CB  1 
ATOM   355  N N   . LYS A 1 53  ? 11.304  -10.397 22.989  1.00 56.84 ? 47  LYS A N   1 
ATOM   356  C CA  . LYS A 1 53  ? 10.431  -10.088 24.120  1.00 57.78 ? 47  LYS A CA  1 
ATOM   357  C C   . LYS A 1 53  ? 9.941   -11.396 24.762  1.00 58.86 ? 47  LYS A C   1 
ATOM   358  O O   . LYS A 1 53  ? 9.438   -11.415 25.894  1.00 58.65 ? 47  LYS A O   1 
ATOM   359  C CB  . LYS A 1 53  ? 9.233   -9.247  23.677  1.00 57.06 ? 47  LYS A CB  1 
ATOM   360  C CG  . LYS A 1 53  ? 8.278   -8.937  24.817  1.00 56.68 ? 47  LYS A CG  1 
ATOM   361  C CD  . LYS A 1 53  ? 7.056   -8.180  24.345  1.00 56.06 ? 47  LYS A CD  1 
ATOM   362  C CE  . LYS A 1 53  ? 6.035   -8.031  25.472  1.00 55.66 ? 47  LYS A CE  1 
ATOM   363  N NZ  . LYS A 1 53  ? 4.772   -7.389  24.997  1.00 54.39 ? 47  LYS A NZ  1 
ATOM   364  N N   . GLN A 1 54  ? 10.089  -12.491 24.024  1.00 59.93 ? 48  GLN A N   1 
ATOM   365  C CA  . GLN A 1 54  ? 9.690   -13.791 24.534  1.00 61.28 ? 48  GLN A CA  1 
ATOM   366  C C   . GLN A 1 54  ? 10.715  -14.233 25.583  1.00 62.02 ? 48  GLN A C   1 
ATOM   367  O O   . GLN A 1 54  ? 10.351  -14.775 26.624  1.00 62.58 ? 48  GLN A O   1 
ATOM   368  C CB  . GLN A 1 54  ? 9.624   -14.809 23.388  1.00 61.54 ? 48  GLN A CB  1 
ATOM   369  N N   . MET A 1 55  ? 11.994  -13.977 25.304  1.00 62.84 ? 49  MET A N   1 
ATOM   370  C CA  . MET A 1 55  ? 13.083  -14.347 26.205  1.00 63.28 ? 49  MET A CA  1 
ATOM   371  C C   . MET A 1 55  ? 13.247  -13.470 27.445  1.00 63.41 ? 49  MET A C   1 
ATOM   372  O O   . MET A 1 55  ? 14.235  -13.622 28.167  1.00 63.73 ? 49  MET A O   1 
ATOM   373  C CB  . MET A 1 55  ? 14.408  -14.336 25.459  1.00 63.84 ? 49  MET A CB  1 
ATOM   374  C CG  . MET A 1 55  ? 14.411  -15.110 24.179  1.00 64.74 ? 49  MET A CG  1 
ATOM   375  S SD  . MET A 1 55  ? 16.054  -15.049 23.458  1.00 68.87 ? 49  MET A SD  1 
ATOM   376  C CE  . MET A 1 55  ? 16.270  -13.281 23.257  1.00 66.26 ? 49  MET A CE  1 
ATOM   377  N N   . GLY A 1 56  ? 12.319  -12.549 27.691  1.00 63.52 ? 50  GLY A N   1 
ATOM   378  C CA  . GLY A 1 56  ? 12.434  -11.708 28.875  1.00 63.49 ? 50  GLY A CA  1 
ATOM   379  C C   . GLY A 1 56  ? 12.804  -10.250 28.638  1.00 63.44 ? 50  GLY A C   1 
ATOM   380  O O   . GLY A 1 56  ? 12.456  -9.366  29.429  1.00 63.65 ? 50  GLY A O   1 
ATOM   381  N N   . LEU A 1 57  ? 13.506  -9.992  27.543  1.00 63.05 ? 51  LEU A N   1 
ATOM   382  C CA  . LEU A 1 57  ? 13.931  -8.642  27.209  1.00 62.59 ? 51  LEU A CA  1 
ATOM   383  C C   . LEU A 1 57  ? 12.769  -7.646  27.179  1.00 62.15 ? 51  LEU A C   1 
ATOM   384  O O   . LEU A 1 57  ? 11.605  -8.023  27.317  1.00 62.54 ? 51  LEU A O   1 
ATOM   385  C CB  . LEU A 1 57  ? 14.637  -8.677  25.857  1.00 62.78 ? 51  LEU A CB  1 
ATOM   386  C CG  . LEU A 1 57  ? 15.588  -9.876  25.731  1.00 63.04 ? 51  LEU A CG  1 
ATOM   387  C CD1 . LEU A 1 57  ? 16.184  -9.920  24.339  1.00 63.06 ? 51  LEU A CD1 1 
ATOM   388  C CD2 . LEU A 1 57  ? 16.690  -9.783  26.781  1.00 63.16 ? 51  LEU A CD2 1 
ATOM   389  N N   . SER A 1 58  ? 13.104  -6.369  27.018  1.00 61.55 ? 52  SER A N   1 
ATOM   390  C CA  . SER A 1 58  ? 12.131  -5.277  26.945  1.00 61.05 ? 52  SER A CA  1 
ATOM   391  C C   . SER A 1 58  ? 12.901  -4.081  26.380  1.00 60.75 ? 52  SER A C   1 
ATOM   392  O O   . SER A 1 58  ? 12.367  -2.981  26.203  1.00 60.60 ? 52  SER A O   1 
ATOM   393  C CB  . SER A 1 58  ? 11.599  -4.928  28.334  1.00 61.10 ? 52  SER A CB  1 
ATOM   394  O OG  . SER A 1 58  ? 12.617  -4.338  29.123  1.00 61.39 ? 52  SER A OG  1 
ATOM   395  N N   . HIS A 1 59  ? 14.178  -4.333  26.115  1.00 60.14 ? 53  HIS A N   1 
ATOM   396  C CA  . HIS A 1 59  ? 15.098  -3.353  25.571  1.00 59.72 ? 53  HIS A CA  1 
ATOM   397  C C   . HIS A 1 59  ? 16.277  -4.102  24.960  1.00 59.54 ? 53  HIS A C   1 
ATOM   398  O O   . HIS A 1 59  ? 16.805  -5.054  25.555  1.00 59.90 ? 53  HIS A O   1 
ATOM   399  C CB  . HIS A 1 59  ? 15.613  -2.428  26.676  1.00 59.65 ? 53  HIS A CB  1 
ATOM   400  C CG  . HIS A 1 59  ? 14.801  -1.180  26.852  1.00 59.35 ? 53  HIS A CG  1 
ATOM   401  N ND1 . HIS A 1 59  ? 14.557  -0.298  25.820  1.00 59.28 ? 53  HIS A ND1 1 
ATOM   402  C CD2 . HIS A 1 59  ? 14.207  -0.650  27.946  1.00 59.05 ? 53  HIS A CD2 1 
ATOM   403  C CE1 . HIS A 1 59  ? 13.850  0.721   26.272  1.00 58.90 ? 53  HIS A CE1 1 
ATOM   404  N NE2 . HIS A 1 59  ? 13.624  0.533   27.560  1.00 58.85 ? 53  HIS A NE2 1 
ATOM   405  N N   . ILE A 1 60  ? 16.669  -3.691  23.761  1.00 58.36 ? 54  ILE A N   1 
ATOM   406  C CA  . ILE A 1 60  ? 17.807  -4.286  23.078  1.00 57.41 ? 54  ILE A CA  1 
ATOM   407  C C   . ILE A 1 60  ? 18.636  -3.082  22.672  1.00 56.54 ? 54  ILE A C   1 
ATOM   408  O O   . ILE A 1 60  ? 18.209  -2.281  21.831  1.00 56.71 ? 54  ILE A O   1 
ATOM   409  C CB  . ILE A 1 60  ? 17.369  -5.072  21.836  1.00 57.37 ? 54  ILE A CB  1 
ATOM   410  C CG1 . ILE A 1 60  ? 16.619  -6.332  22.275  1.00 57.60 ? 54  ILE A CG1 1 
ATOM   411  C CG2 . ILE A 1 60  ? 18.577  -5.421  20.988  1.00 56.95 ? 54  ILE A CG2 1 
ATOM   412  C CD1 . ILE A 1 60  ? 16.260  -7.264  21.131  1.00 57.35 ? 54  ILE A CD1 1 
ATOM   413  N N   . GLY A 1 61  ? 19.815  -2.938  23.266  1.00 55.16 ? 55  GLY A N   1 
ATOM   414  C CA  . GLY A 1 61  ? 20.606  -1.762  22.960  1.00 53.61 ? 55  GLY A CA  1 
ATOM   415  C C   . GLY A 1 61  ? 19.762  -0.629  23.519  1.00 52.39 ? 55  GLY A C   1 
ATOM   416  O O   . GLY A 1 61  ? 19.370  -0.666  24.691  1.00 52.02 ? 55  GLY A O   1 
ATOM   417  N N   . LEU A 1 62  ? 19.452  0.368   22.703  1.00 51.01 ? 56  LEU A N   1 
ATOM   418  C CA  . LEU A 1 62  ? 18.626  1.462   23.187  1.00 50.10 ? 56  LEU A CA  1 
ATOM   419  C C   . LEU A 1 62  ? 17.198  1.357   22.659  1.00 50.34 ? 56  LEU A C   1 
ATOM   420  O O   . LEU A 1 62  ? 16.353  2.176   22.999  1.00 50.44 ? 56  LEU A O   1 
ATOM   421  C CB  . LEU A 1 62  ? 19.214  2.799   22.758  1.00 48.79 ? 56  LEU A CB  1 
ATOM   422  C CG  . LEU A 1 62  ? 20.642  3.167   23.175  1.00 47.87 ? 56  LEU A CG  1 
ATOM   423  C CD1 . LEU A 1 62  ? 21.003  4.487   22.520  1.00 46.62 ? 56  LEU A CD1 1 
ATOM   424  C CD2 . LEU A 1 62  ? 20.759  3.260   24.689  1.00 46.82 ? 56  LEU A CD2 1 
ATOM   425  N N   . GLN A 1 63  ? 16.937  0.347   21.827  1.00 50.56 ? 57  GLN A N   1 
ATOM   426  C CA  . GLN A 1 63  ? 15.615  0.147   21.215  1.00 50.02 ? 57  GLN A CA  1 
ATOM   427  C C   . GLN A 1 63  ? 14.607  -0.540  22.124  1.00 49.42 ? 57  GLN A C   1 
ATOM   428  O O   . GLN A 1 63  ? 14.901  -1.569  22.730  1.00 49.42 ? 57  GLN A O   1 
ATOM   429  C CB  . GLN A 1 63  ? 15.747  -0.679  19.930  1.00 50.48 ? 57  GLN A CB  1 
ATOM   430  C CG  . GLN A 1 63  ? 14.412  -0.957  19.231  1.00 51.23 ? 57  GLN A CG  1 
ATOM   431  C CD  . GLN A 1 63  ? 14.514  -1.994  18.097  1.00 51.98 ? 57  GLN A CD  1 
ATOM   432  O OE1 . GLN A 1 63  ? 13.492  -2.390  17.515  1.00 52.27 ? 57  GLN A OE1 1 
ATOM   433  N NE2 . GLN A 1 63  ? 15.740  -2.430  17.780  1.00 51.72 ? 57  GLN A NE2 1 
ATOM   434  N N   . VAL A 1 64  ? 13.405  0.017   22.200  1.00 48.48 ? 58  VAL A N   1 
ATOM   435  C CA  . VAL A 1 64  ? 12.362  -0.579  23.030  1.00 47.44 ? 58  VAL A CA  1 
ATOM   436  C C   . VAL A 1 64  ? 11.745  -1.770  22.292  1.00 47.34 ? 58  VAL A C   1 
ATOM   437  O O   . VAL A 1 64  ? 11.401  -1.661  21.121  1.00 46.86 ? 58  VAL A O   1 
ATOM   438  C CB  . VAL A 1 64  ? 11.216  0.426   23.315  1.00 47.86 ? 58  VAL A CB  1 
ATOM   439  C CG1 . VAL A 1 64  ? 10.293  -0.141  24.382  1.00 47.79 ? 58  VAL A CG1 1 
ATOM   440  C CG2 . VAL A 1 64  ? 11.774  1.778   23.739  1.00 47.50 ? 58  VAL A CG2 1 
ATOM   441  N N   . VAL A 1 65  ? 11.606  -2.904  22.965  1.00 47.27 ? 59  VAL A N   1 
ATOM   442  C CA  . VAL A 1 65  ? 10.986  -4.063  22.336  1.00 46.46 ? 59  VAL A CA  1 
ATOM   443  C C   . VAL A 1 65  ? 9.481   -3.851  22.353  1.00 47.36 ? 59  VAL A C   1 
ATOM   444  O O   . VAL A 1 65  ? 8.927   -3.403  23.356  1.00 47.98 ? 59  VAL A O   1 
ATOM   445  C CB  . VAL A 1 65  ? 11.313  -5.333  23.080  1.00 46.99 ? 59  VAL A CB  1 
ATOM   446  C CG1 . VAL A 1 65  ? 10.607  -6.500  22.424  1.00 46.78 ? 59  VAL A CG1 1 
ATOM   447  C CG2 . VAL A 1 65  ? 12.813  -5.551  23.066  1.00 47.03 ? 59  VAL A CG2 1 
ATOM   448  N N   . PRO A 1 66  ? 8.796   -4.157  21.245  1.00 47.82 ? 60  PRO A N   1 
ATOM   449  C CA  . PRO A 1 66  ? 7.341   -3.955  21.214  1.00 46.29 ? 60  PRO A CA  1 
ATOM   450  C C   . PRO A 1 66  ? 6.502   -5.115  21.753  1.00 47.40 ? 60  PRO A C   1 
ATOM   451  O O   . PRO A 1 66  ? 7.025   -6.182  22.103  1.00 47.23 ? 60  PRO A O   1 
ATOM   452  C CB  . PRO A 1 66  ? 7.055   -3.706  19.726  1.00 47.29 ? 60  PRO A CB  1 
ATOM   453  C CG  . PRO A 1 66  ? 8.439   -3.459  19.094  1.00 47.13 ? 60  PRO A CG  1 
ATOM   454  C CD  . PRO A 1 66  ? 9.326   -4.363  19.889  1.00 47.03 ? 60  PRO A CD  1 
ATOM   455  N N   . PRO A 1 67  ? 5.175   -4.919  21.833  1.00 48.63 ? 61  PRO A N   1 
ATOM   456  C CA  . PRO A 1 67  ? 4.265   -5.964  22.324  1.00 47.92 ? 61  PRO A CA  1 
ATOM   457  C C   . PRO A 1 67  ? 4.307   -7.210  21.435  1.00 48.88 ? 61  PRO A C   1 
ATOM   458  O O   . PRO A 1 67  ? 4.597   -7.120  20.230  1.00 49.52 ? 61  PRO A O   1 
ATOM   459  C CB  . PRO A 1 67  ? 2.908   -5.280  22.284  1.00 47.97 ? 61  PRO A CB  1 
ATOM   460  C CG  . PRO A 1 67  ? 3.258   -3.861  22.628  1.00 47.59 ? 61  PRO A CG  1 
ATOM   461  C CD  . PRO A 1 67  ? 4.498   -3.610  21.789  1.00 47.53 ? 61  PRO A CD  1 
ATOM   462  N N   . LEU A 1 68  ? 4.018   -8.371  22.016  1.00 49.23 ? 62  LEU A N   1 
ATOM   463  C CA  . LEU A 1 68  ? 4.031   -9.610  21.238  1.00 49.44 ? 62  LEU A CA  1 
ATOM   464  C C   . LEU A 1 68  ? 3.017   -9.568  20.097  1.00 49.26 ? 62  LEU A C   1 
ATOM   465  O O   . LEU A 1 68  ? 3.242   -10.149 19.031  1.00 49.41 ? 62  LEU A O   1 
ATOM   466  C CB  . LEU A 1 68  ? 3.717   -10.812 22.126  1.00 49.50 ? 62  LEU A CB  1 
ATOM   467  C CG  . LEU A 1 68  ? 4.852   -11.238 23.044  1.00 49.61 ? 62  LEU A CG  1 
ATOM   468  C CD1 . LEU A 1 68  ? 4.446   -12.493 23.813  1.00 49.82 ? 62  LEU A CD1 1 
ATOM   469  C CD2 . LEU A 1 68  ? 6.098   -11.486 22.198  1.00 49.47 ? 62  LEU A CD2 1 
ATOM   470  N N   . THR A 1 69  ? 1.899   -8.886  20.336  1.00 48.81 ? 63  THR A N   1 
ATOM   471  C CA  . THR A 1 69  ? 0.847   -8.776  19.343  1.00 48.22 ? 63  THR A CA  1 
ATOM   472  C C   . THR A 1 69  ? 1.319   -7.884  18.222  1.00 47.25 ? 63  THR A C   1 
ATOM   473  O O   . THR A 1 69  ? 1.196   -8.238  17.051  1.00 47.53 ? 63  THR A O   1 
ATOM   474  C CB  . THR A 1 69  ? -0.441  -8.210  19.963  1.00 48.37 ? 63  THR A CB  1 
ATOM   475  O OG1 . THR A 1 69  ? -0.129  -7.039  20.731  1.00 48.55 ? 63  THR A OG1 1 
ATOM   476  C CG2 . THR A 1 69  ? -1.100  -9.261  20.864  1.00 48.28 ? 63  THR A CG2 1 
ATOM   477  N N   . VAL A 1 70  ? 1.869   -6.730  18.600  1.00 46.74 ? 64  VAL A N   1 
ATOM   478  C CA  . VAL A 1 70  ? 2.407   -5.746  17.662  1.00 45.51 ? 64  VAL A CA  1 
ATOM   479  C C   . VAL A 1 70  ? 3.293   -6.429  16.607  1.00 45.12 ? 64  VAL A C   1 
ATOM   480  O O   . VAL A 1 70  ? 3.198   -6.133  15.410  1.00 44.65 ? 64  VAL A O   1 
ATOM   481  C CB  . VAL A 1 70  ? 3.213   -4.687  18.435  1.00 45.31 ? 64  VAL A CB  1 
ATOM   482  C CG1 . VAL A 1 70  ? 3.828   -3.667  17.495  1.00 44.25 ? 64  VAL A CG1 1 
ATOM   483  C CG2 . VAL A 1 70  ? 2.286   -3.994  19.420  1.00 45.32 ? 64  VAL A CG2 1 
ATOM   484  N N   . SER A 1 71  ? 4.130   -7.362  17.048  1.00 44.57 ? 65  SER A N   1 
ATOM   485  C CA  . SER A 1 71  ? 5.013   -8.079  16.133  1.00 44.25 ? 65  SER A CA  1 
ATOM   486  C C   . SER A 1 71  ? 4.255   -9.139  15.350  1.00 43.76 ? 65  SER A C   1 
ATOM   487  O O   . SER A 1 71  ? 4.570   -9.419  14.185  1.00 43.62 ? 65  SER A O   1 
ATOM   488  C CB  . SER A 1 71  ? 6.145   -8.748  16.905  1.00 44.33 ? 65  SER A CB  1 
ATOM   489  O OG  . SER A 1 71  ? 6.796   -7.809  17.741  1.00 45.29 ? 65  SER A OG  1 
ATOM   490  N N   . GLU A 1 72  ? 3.266   -9.749  15.993  1.00 42.88 ? 66  GLU A N   1 
ATOM   491  C CA  . GLU A 1 72  ? 2.474   -10.772 15.320  1.00 42.21 ? 66  GLU A CA  1 
ATOM   492  C C   . GLU A 1 72  ? 1.800   -10.116 14.103  1.00 41.64 ? 66  GLU A C   1 
ATOM   493  O O   . GLU A 1 72  ? 1.887   -10.627 12.986  1.00 41.54 ? 66  GLU A O   1 
ATOM   494  C CB  . GLU A 1 72  ? 1.428   -11.349 16.280  1.00 41.77 ? 66  GLU A CB  1 
ATOM   495  N N   . THR A 1 73  ? 1.157   -8.969  14.325  1.00 40.97 ? 67  THR A N   1 
ATOM   496  C CA  . THR A 1 73  ? 0.487   -8.234  13.258  1.00 40.47 ? 67  THR A CA  1 
ATOM   497  C C   . THR A 1 73  ? 1.418   -7.818  12.128  1.00 40.57 ? 67  THR A C   1 
ATOM   498  O O   . THR A 1 73  ? 1.161   -8.086  10.946  1.00 40.83 ? 67  THR A O   1 
ATOM   499  C CB  . THR A 1 73  ? -0.176  -6.967  13.798  1.00 40.55 ? 67  THR A CB  1 
ATOM   500  O OG1 . THR A 1 73  ? -1.460  -7.296  14.343  1.00 40.13 ? 67  THR A OG1 1 
ATOM   501  C CG2 . THR A 1 73  ? -0.335  -5.929  12.689  1.00 40.18 ? 67  THR A CG2 1 
ATOM   502  N N   . LYS A 1 74  ? 2.501   -7.151  12.493  1.00 39.97 ? 68  LYS A N   1 
ATOM   503  C CA  . LYS A 1 74  ? 3.452   -6.684  11.509  1.00 39.45 ? 68  LYS A CA  1 
ATOM   504  C C   . LYS A 1 74  ? 4.036   -7.881  10.746  1.00 38.52 ? 68  LYS A C   1 
ATOM   505  O O   . LYS A 1 74  ? 4.197   -7.841  9.527   1.00 38.35 ? 68  LYS A O   1 
ATOM   506  C CB  . LYS A 1 74  ? 4.538   -5.867  12.220  1.00 39.57 ? 68  LYS A CB  1 
ATOM   507  C CG  . LYS A 1 74  ? 5.239   -4.840  11.347  1.00 41.22 ? 68  LYS A CG  1 
ATOM   508  C CD  . LYS A 1 74  ? 6.382   -4.140  12.112  1.00 42.16 ? 68  LYS A CD  1 
ATOM   509  C CE  . LYS A 1 74  ? 7.150   -3.167  11.212  1.00 43.54 ? 68  LYS A CE  1 
ATOM   510  N NZ  . LYS A 1 74  ? 8.331   -2.571  11.915  1.00 44.25 ? 68  LYS A NZ  1 
ATOM   511  N N   . GLY A 1 75  ? 4.353   -8.955  11.457  1.00 37.96 ? 69  GLY A N   1 
ATOM   512  C CA  . GLY A 1 75  ? 4.887   -10.118 10.772  1.00 37.02 ? 69  GLY A CA  1 
ATOM   513  C C   . GLY A 1 75  ? 3.846   -10.688 9.817   1.00 36.84 ? 69  GLY A C   1 
ATOM   514  O O   . GLY A 1 75  ? 4.152   -11.125 8.702   1.00 36.81 ? 69  GLY A O   1 
ATOM   515  N N   . HIS A 1 76  ? 2.592   -10.665 10.251  1.00 36.74 ? 70  HIS A N   1 
ATOM   516  C CA  . HIS A 1 76  ? 1.502   -11.191 9.443   1.00 36.79 ? 70  HIS A CA  1 
ATOM   517  C C   . HIS A 1 76  ? 1.348   -10.389 8.159   1.00 36.85 ? 70  HIS A C   1 
ATOM   518  O O   . HIS A 1 76  ? 1.316   -10.957 7.055   1.00 36.18 ? 70  HIS A O   1 
ATOM   519  C CB  . HIS A 1 76  ? 0.198   -11.160 10.246  1.00 36.94 ? 70  HIS A CB  1 
ATOM   520  C CG  . HIS A 1 76  ? -0.977  -11.709 9.499   1.00 36.83 ? 70  HIS A CG  1 
ATOM   521  N ND1 . HIS A 1 76  ? -1.190  -13.062 9.335   1.00 36.31 ? 70  HIS A ND1 1 
ATOM   522  C CD2 . HIS A 1 76  ? -1.974  -11.085 8.825   1.00 36.08 ? 70  HIS A CD2 1 
ATOM   523  C CE1 . HIS A 1 76  ? -2.266  -13.245 8.591   1.00 36.00 ? 70  HIS A CE1 1 
ATOM   524  N NE2 . HIS A 1 76  ? -2.758  -12.060 8.266   1.00 35.79 ? 70  HIS A NE2 1 
ATOM   525  N N   . ASN A 1 77  ? 1.257   -9.070  8.298   1.00 37.19 ? 71  ASN A N   1 
ATOM   526  C CA  . ASN A 1 77  ? 1.119   -8.218  7.120   1.00 37.92 ? 71  ASN A CA  1 
ATOM   527  C C   . ASN A 1 77  ? 2.291   -8.391  6.161   1.00 38.40 ? 71  ASN A C   1 
ATOM   528  O O   . ASN A 1 77  ? 2.101   -8.435  4.944   1.00 39.09 ? 71  ASN A O   1 
ATOM   529  C CB  . ASN A 1 77  ? 1.018   -6.741  7.499   1.00 38.02 ? 71  ASN A CB  1 
ATOM   530  C CG  . ASN A 1 77  ? -0.239  -6.419  8.286   1.00 37.96 ? 71  ASN A CG  1 
ATOM   531  O OD1 . ASN A 1 77  ? -1.291  -7.012  8.070   1.00 37.79 ? 71  ASN A OD1 1 
ATOM   532  N ND2 . ASN A 1 77  ? -0.137  -5.455  9.188   1.00 38.32 ? 71  ASN A ND2 1 
ATOM   533  N N   . ALA A 1 78  ? 3.502   -8.487  6.696   1.00 38.29 ? 72  ALA A N   1 
ATOM   534  C CA  . ALA A 1 78  ? 4.686   -8.642  5.851   1.00 38.43 ? 72  ALA A CA  1 
ATOM   535  C C   . ALA A 1 78  ? 4.578   -9.818  4.889   1.00 38.46 ? 72  ALA A C   1 
ATOM   536  O O   . ALA A 1 78  ? 4.867   -9.685  3.705   1.00 38.43 ? 72  ALA A O   1 
ATOM   537  C CB  . ALA A 1 78  ? 5.929   -8.792  6.723   1.00 38.32 ? 72  ALA A CB  1 
ATOM   538  N N   . ILE A 1 79  ? 4.164   -10.973 5.402   1.00 39.50 ? 73  ILE A N   1 
ATOM   539  C CA  . ILE A 1 79  ? 4.023   -12.186 4.589   1.00 40.38 ? 73  ILE A CA  1 
ATOM   540  C C   . ILE A 1 79  ? 2.982   -12.013 3.487   1.00 40.48 ? 73  ILE A C   1 
ATOM   541  O O   . ILE A 1 79  ? 3.070   -12.640 2.426   1.00 40.56 ? 73  ILE A O   1 
ATOM   542  C CB  . ILE A 1 79  ? 3.650   -13.400 5.482   1.00 41.06 ? 73  ILE A CB  1 
ATOM   543  C CG1 . ILE A 1 79  ? 4.912   -13.944 6.160   1.00 41.82 ? 73  ILE A CG1 1 
ATOM   544  C CG2 . ILE A 1 79  ? 2.965   -14.488 4.670   1.00 40.86 ? 73  ILE A CG2 1 
ATOM   545  C CD1 . ILE A 1 79  ? 4.670   -15.239 6.954   1.00 42.97 ? 73  ILE A CD1 1 
ATOM   546  N N   . GLU A 1 80  ? 2.005   -11.151 3.750   1.00 40.67 ? 74  GLU A N   1 
ATOM   547  C CA  . GLU A 1 80  ? 0.936   -10.855 2.797   1.00 40.82 ? 74  GLU A CA  1 
ATOM   548  C C   . GLU A 1 80  ? 1.587   -10.066 1.669   1.00 40.27 ? 74  GLU A C   1 
ATOM   549  O O   . GLU A 1 80  ? 1.550   -10.465 0.512   1.00 39.69 ? 74  GLU A O   1 
ATOM   550  C CB  . GLU A 1 80  ? -0.147  -10.007 3.488   1.00 42.14 ? 74  GLU A CB  1 
ATOM   551  C CG  . GLU A 1 80  ? -1.584  -10.192 2.987   1.00 44.39 ? 74  GLU A CG  1 
ATOM   552  C CD  . GLU A 1 80  ? -2.153  -11.581 3.311   1.00 45.76 ? 74  GLU A CD  1 
ATOM   553  O OE1 . GLU A 1 80  ? -1.856  -12.106 4.407   1.00 46.54 ? 74  GLU A OE1 1 
ATOM   554  O OE2 . GLU A 1 80  ? -2.914  -12.139 2.481   1.00 46.13 ? 74  GLU A OE2 1 
ATOM   555  N N   . MET A 1 81  ? 2.196   -8.942  2.019   1.00 40.52 ? 75  MET A N   1 
ATOM   556  C CA  . MET A 1 81  ? 2.882   -8.096  1.044   1.00 40.66 ? 75  MET A CA  1 
ATOM   557  C C   . MET A 1 81  ? 3.968   -8.887  0.319   1.00 40.24 ? 75  MET A C   1 
ATOM   558  O O   . MET A 1 81  ? 4.209   -8.694  -0.882  1.00 39.36 ? 75  MET A O   1 
ATOM   559  C CB  . MET A 1 81  ? 3.516   -6.898  1.747   1.00 41.94 ? 75  MET A CB  1 
ATOM   560  C CG  . MET A 1 81  ? 2.514   -6.018  2.443   1.00 44.55 ? 75  MET A CG  1 
ATOM   561  S SD  . MET A 1 81  ? 1.210   -5.438  1.155   1.00 49.90 ? 75  MET A SD  1 
ATOM   562  C CE  . MET A 1 81  ? 2.391   -4.335  0.070   1.00 47.85 ? 75  MET A CE  1 
ATOM   563  N N   . GLN A 1 82  ? 4.625   -9.780  1.055   1.00 39.68 ? 76  GLN A N   1 
ATOM   564  C CA  . GLN A 1 82  ? 5.684   -10.590 0.470   1.00 39.90 ? 76  GLN A CA  1 
ATOM   565  C C   . GLN A 1 82  ? 5.139   -11.454 -0.646  1.00 40.05 ? 76  GLN A C   1 
ATOM   566  O O   . GLN A 1 82  ? 5.676   -11.470 -1.748  1.00 40.70 ? 76  GLN A O   1 
ATOM   567  C CB  . GLN A 1 82  ? 6.327   -11.502 1.523   1.00 39.97 ? 76  GLN A CB  1 
ATOM   568  C CG  . GLN A 1 82  ? 7.683   -12.081 1.079   1.00 39.31 ? 76  GLN A CG  1 
ATOM   569  C CD  . GLN A 1 82  ? 8.181   -13.190 1.992   1.00 39.06 ? 76  GLN A CD  1 
ATOM   570  O OE1 . GLN A 1 82  ? 8.030   -13.122 3.214   1.00 38.69 ? 76  GLN A OE1 1 
ATOM   571  N NE2 . GLN A 1 82  ? 8.791   -14.213 1.403   1.00 39.64 ? 76  GLN A NE2 1 
ATOM   572  N N   . MET A 1 83  ? 4.058   -12.168 -0.356  1.00 40.07 ? 77  MET A N   1 
ATOM   573  C CA  . MET A 1 83  ? 3.461   -13.060 -1.340  1.00 39.89 ? 77  MET A CA  1 
ATOM   574  C C   . MET A 1 83  ? 2.827   -12.363 -2.530  1.00 39.80 ? 77  MET A C   1 
ATOM   575  O O   . MET A 1 83  ? 2.941   -12.836 -3.656  1.00 40.94 ? 77  MET A O   1 
ATOM   576  C CB  . MET A 1 83  ? 2.442   -13.996 -0.671  1.00 40.40 ? 77  MET A CB  1 
ATOM   577  C CG  . MET A 1 83  ? 3.092   -15.077 0.173   1.00 40.37 ? 77  MET A CG  1 
ATOM   578  S SD  . MET A 1 83  ? 1.959   -16.369 0.775   1.00 50.20 ? 77  MET A SD  1 
ATOM   579  C CE  . MET A 1 83  ? 0.590   -15.365 1.557   1.00 41.95 ? 77  MET A CE  1 
ATOM   580  N N   . HIS A 1 84  ? 2.168   -11.240 -2.302  1.00 39.32 ? 78  HIS A N   1 
ATOM   581  C CA  . HIS A 1 84  ? 1.544   -10.542 -3.414  1.00 38.08 ? 78  HIS A CA  1 
ATOM   582  C C   . HIS A 1 84  ? 2.567   -9.973  -4.370  1.00 37.40 ? 78  HIS A C   1 
ATOM   583  O O   . HIS A 1 84  ? 2.368   -10.005 -5.586  1.00 36.86 ? 78  HIS A O   1 
ATOM   584  C CB  . HIS A 1 84  ? 0.613   -9.447  -2.903  1.00 38.13 ? 78  HIS A CB  1 
ATOM   585  C CG  . HIS A 1 84  ? -0.680  -9.976  -2.383  1.00 38.26 ? 78  HIS A CG  1 
ATOM   586  N ND1 . HIS A 1 84  ? -1.514  -10.766 -3.146  1.00 38.63 ? 78  HIS A ND1 1 
ATOM   587  C CD2 . HIS A 1 84  ? -1.265  -9.882  -1.164  1.00 38.84 ? 78  HIS A CD2 1 
ATOM   588  C CE1 . HIS A 1 84  ? -2.552  -11.143 -2.421  1.00 38.52 ? 78  HIS A CE1 1 
ATOM   589  N NE2 . HIS A 1 84  ? -2.426  -10.621 -1.215  1.00 39.19 ? 78  HIS A NE2 1 
ATOM   590  N N   . LEU A 1 85  ? 3.671   -9.470  -3.830  1.00 36.83 ? 79  LEU A N   1 
ATOM   591  C CA  . LEU A 1 85  ? 4.714   -8.902  -4.675  1.00 37.27 ? 79  LEU A CA  1 
ATOM   592  C C   . LEU A 1 85  ? 5.402   -9.967  -5.510  1.00 38.02 ? 79  LEU A C   1 
ATOM   593  O O   . LEU A 1 85  ? 5.677   -9.759  -6.705  1.00 37.76 ? 79  LEU A O   1 
ATOM   594  C CB  . LEU A 1 85  ? 5.747   -8.158  -3.829  1.00 36.48 ? 79  LEU A CB  1 
ATOM   595  C CG  . LEU A 1 85  ? 5.308   -6.738  -3.473  1.00 35.86 ? 79  LEU A CG  1 
ATOM   596  C CD1 . LEU A 1 85  ? 6.372   -6.040  -2.644  1.00 35.47 ? 79  LEU A CD1 1 
ATOM   597  C CD2 . LEU A 1 85  ? 5.057   -5.983  -4.750  1.00 34.94 ? 79  LEU A CD2 1 
ATOM   598  N N   . GLU A 1 86  ? 5.677   -11.109 -4.890  1.00 39.03 ? 80  GLU A N   1 
ATOM   599  C CA  . GLU A 1 86  ? 6.326   -12.189 -5.609  1.00 40.25 ? 80  GLU A CA  1 
ATOM   600  C C   . GLU A 1 86  ? 5.483   -12.621 -6.795  1.00 40.26 ? 80  GLU A C   1 
ATOM   601  O O   . GLU A 1 86  ? 6.017   -12.890 -7.880  1.00 40.45 ? 80  GLU A O   1 
ATOM   602  C CB  . GLU A 1 86  ? 6.583   -13.359 -4.673  1.00 41.06 ? 80  GLU A CB  1 
ATOM   603  C CG  . GLU A 1 86  ? 7.484   -12.942 -3.540  1.00 42.43 ? 80  GLU A CG  1 
ATOM   604  C CD  . GLU A 1 86  ? 8.089   -14.113 -2.804  1.00 43.54 ? 80  GLU A CD  1 
ATOM   605  O OE1 . GLU A 1 86  ? 7.329   -14.839 -2.103  1.00 44.01 ? 80  GLU A OE1 1 
ATOM   606  O OE2 . GLU A 1 86  ? 9.333   -14.298 -2.937  1.00 44.41 ? 80  GLU A OE2 1 
ATOM   607  N N   . SER A 1 87  ? 4.166   -12.671 -6.602  1.00 40.35 ? 81  SER A N   1 
ATOM   608  C CA  . SER A 1 87  ? 3.274   -13.059 -7.689  1.00 40.29 ? 81  SER A CA  1 
ATOM   609  C C   . SER A 1 87  ? 3.433   -12.037 -8.810  1.00 40.16 ? 81  SER A C   1 
ATOM   610  O O   . SER A 1 87  ? 3.751   -12.398 -9.935  1.00 40.16 ? 81  SER A O   1 
ATOM   611  C CB  . SER A 1 87  ? 1.820   -13.096 -7.205  1.00 41.09 ? 81  SER A CB  1 
ATOM   612  O OG  . SER A 1 87  ? 0.948   -13.555 -8.233  1.00 42.12 ? 81  SER A OG  1 
ATOM   613  N N   . LEU A 1 88  ? 3.248   -10.755 -8.487  1.00 40.36 ? 82  LEU A N   1 
ATOM   614  C CA  . LEU A 1 88  ? 3.369   -9.673  -9.466  1.00 39.96 ? 82  LEU A CA  1 
ATOM   615  C C   . LEU A 1 88  ? 4.704   -9.700  -10.195 1.00 40.69 ? 82  LEU A C   1 
ATOM   616  O O   . LEU A 1 88  ? 4.769   -9.538  -11.413 1.00 41.12 ? 82  LEU A O   1 
ATOM   617  C CB  . LEU A 1 88  ? 3.221   -8.328  -8.770  1.00 39.31 ? 82  LEU A CB  1 
ATOM   618  C CG  . LEU A 1 88  ? 3.177   -7.063  -9.637  1.00 39.28 ? 82  LEU A CG  1 
ATOM   619  C CD1 . LEU A 1 88  ? 1.796   -6.932  -10.239 1.00 39.07 ? 82  LEU A CD1 1 
ATOM   620  C CD2 . LEU A 1 88  ? 3.472   -5.829  -8.803  1.00 38.41 ? 82  LEU A CD2 1 
ATOM   621  N N   . ALA A 1 89  ? 5.771   -9.905  -9.435  1.00 41.21 ? 83  ALA A N   1 
ATOM   622  C CA  . ALA A 1 89  ? 7.125   -9.933  -9.981  1.00 41.89 ? 83  ALA A CA  1 
ATOM   623  C C   . ALA A 1 89  ? 7.342   -10.903 -11.152 1.00 42.35 ? 83  ALA A C   1 
ATOM   624  O O   . ALA A 1 89  ? 8.248   -10.704 -11.967 1.00 42.25 ? 83  ALA A O   1 
ATOM   625  C CB  . ALA A 1 89  ? 8.118   -10.236 -8.860  1.00 41.76 ? 83  ALA A CB  1 
ATOM   626  N N   . LYS A 1 90  ? 6.527   -11.950 -11.225 1.00 43.14 ? 84  LYS A N   1 
ATOM   627  C CA  . LYS A 1 90  ? 6.631   -12.940 -12.303 1.00 43.80 ? 84  LYS A CA  1 
ATOM   628  C C   . LYS A 1 90  ? 6.074   -12.414 -13.627 1.00 44.14 ? 84  LYS A C   1 
ATOM   629  O O   . LYS A 1 90  ? 6.208   -13.071 -14.667 1.00 44.91 ? 84  LYS A O   1 
ATOM   630  C CB  . LYS A 1 90  ? 5.861   -14.215 -11.939 1.00 43.82 ? 84  LYS A CB  1 
ATOM   631  C CG  . LYS A 1 90  ? 6.323   -14.876 -10.667 1.00 44.48 ? 84  LYS A CG  1 
ATOM   632  C CD  . LYS A 1 90  ? 5.423   -16.040 -10.296 1.00 45.53 ? 84  LYS A CD  1 
ATOM   633  C CE  . LYS A 1 90  ? 5.910   -16.715 -9.012  1.00 46.46 ? 84  LYS A CE  1 
ATOM   634  N NZ  . LYS A 1 90  ? 5.005   -17.828 -8.573  1.00 47.87 ? 84  LYS A NZ  1 
ATOM   635  N N   . THR A 1 91  ? 5.449   -11.239 -13.600 1.00 43.85 ? 85  THR A N   1 
ATOM   636  C CA  . THR A 1 91  ? 4.871   -10.691 -14.822 1.00 43.13 ? 85  THR A CA  1 
ATOM   637  C C   . THR A 1 91  ? 5.686   -9.616  -15.500 1.00 42.67 ? 85  THR A C   1 
ATOM   638  O O   . THR A 1 91  ? 6.762   -9.231  -15.048 1.00 42.94 ? 85  THR A O   1 
ATOM   639  C CB  . THR A 1 91  ? 3.481   -10.110 -14.571 1.00 43.01 ? 85  THR A CB  1 
ATOM   640  O OG1 . THR A 1 91  ? 3.597   -8.989  -13.692 1.00 42.77 ? 85  THR A OG1 1 
ATOM   641  C CG2 . THR A 1 91  ? 2.560   -11.163 -13.943 1.00 42.56 ? 85  THR A CG2 1 
ATOM   642  N N   . GLN A 1 92  ? 5.140   -9.130  -16.601 1.00 42.64 ? 86  GLN A N   1 
ATOM   643  C CA  . GLN A 1 92  ? 5.766   -8.094  -17.400 1.00 42.43 ? 86  GLN A CA  1 
ATOM   644  C C   . GLN A 1 92  ? 5.683   -6.790  -16.632 1.00 42.06 ? 86  GLN A C   1 
ATOM   645  O O   . GLN A 1 92  ? 6.336   -5.799  -16.994 1.00 42.00 ? 86  GLN A O   1 
ATOM   646  C CB  . GLN A 1 92  ? 4.997   -7.944  -18.702 1.00 42.87 ? 86  GLN A CB  1 
ATOM   647  C CG  . GLN A 1 92  ? 3.520   -7.676  -18.434 1.00 44.40 ? 86  GLN A CG  1 
ATOM   648  C CD  . GLN A 1 92  ? 2.720   -7.385  -19.681 1.00 45.19 ? 86  GLN A CD  1 
ATOM   649  O OE1 . GLN A 1 92  ? 3.036   -6.461  -20.435 1.00 46.26 ? 86  GLN A OE1 1 
ATOM   650  N NE2 . GLN A 1 92  ? 1.667   -8.167  -19.903 1.00 45.33 ? 86  GLN A NE2 1 
ATOM   651  N N   . TYR A 1 93  ? 4.850   -6.785  -15.592 1.00 41.27 ? 87  TYR A N   1 
ATOM   652  C CA  . TYR A 1 93  ? 4.666   -5.591  -14.782 1.00 40.95 ? 87  TYR A CA  1 
ATOM   653  C C   . TYR A 1 93  ? 5.775   -5.536  -13.753 1.00 40.96 ? 87  TYR A C   1 
ATOM   654  O O   . TYR A 1 93  ? 6.104   -4.481  -13.225 1.00 40.97 ? 87  TYR A O   1 
ATOM   655  C CB  . TYR A 1 93  ? 3.302   -5.622  -14.098 1.00 40.51 ? 87  TYR A CB  1 
ATOM   656  C CG  . TYR A 1 93  ? 2.159   -5.831  -15.066 1.00 39.94 ? 87  TYR A CG  1 
ATOM   657  C CD1 . TYR A 1 93  ? 1.255   -6.885  -14.894 1.00 39.78 ? 87  TYR A CD1 1 
ATOM   658  C CD2 . TYR A 1 93  ? 2.001   -5.006  -16.181 1.00 40.46 ? 87  TYR A CD2 1 
ATOM   659  C CE1 . TYR A 1 93  ? 0.225   -7.120  -15.809 1.00 39.73 ? 87  TYR A CE1 1 
ATOM   660  C CE2 . TYR A 1 93  ? 0.968   -5.237  -17.110 1.00 40.99 ? 87  TYR A CE2 1 
ATOM   661  C CZ  . TYR A 1 93  ? 0.090   -6.296  -16.909 1.00 40.14 ? 87  TYR A CZ  1 
ATOM   662  O OH  . TYR A 1 93  ? -0.918  -6.525  -17.807 1.00 40.65 ? 87  TYR A OH  1 
ATOM   663  N N   . GLY A 1 94  ? 6.366   -6.687  -13.479 1.00 41.51 ? 88  GLY A N   1 
ATOM   664  C CA  . GLY A 1 94  ? 7.439   -6.730  -12.509 1.00 41.71 ? 88  GLY A CA  1 
ATOM   665  C C   . GLY A 1 94  ? 8.705   -6.036  -12.978 1.00 41.89 ? 88  GLY A C   1 
ATOM   666  O O   . GLY A 1 94  ? 9.504   -5.622  -12.147 1.00 42.41 ? 88  GLY A O   1 
ATOM   667  N N   . VAL A 1 95  ? 8.902   -5.906  -14.290 1.00 41.62 ? 89  VAL A N   1 
ATOM   668  C CA  . VAL A 1 95  ? 10.111  -5.267  -14.803 1.00 41.73 ? 89  VAL A CA  1 
ATOM   669  C C   . VAL A 1 95  ? 9.983   -3.754  -14.775 1.00 41.73 ? 89  VAL A C   1 
ATOM   670  O O   . VAL A 1 95  ? 10.959  -3.027  -15.014 1.00 41.90 ? 89  VAL A O   1 
ATOM   671  C CB  . VAL A 1 95  ? 10.430  -5.720  -16.257 1.00 41.70 ? 89  VAL A CB  1 
ATOM   672  C CG1 . VAL A 1 95  ? 10.607  -7.232  -16.309 1.00 41.76 ? 89  VAL A CG1 1 
ATOM   673  C CG2 . VAL A 1 95  ? 9.313   -5.305  -17.194 1.00 41.86 ? 89  VAL A CG2 1 
ATOM   674  N N   . GLU A 1 96  ? 8.774   -3.278  -14.498 1.00 41.47 ? 90  GLU A N   1 
ATOM   675  C CA  . GLU A 1 96  ? 8.534   -1.843  -14.423 1.00 41.57 ? 90  GLU A CA  1 
ATOM   676  C C   . GLU A 1 96  ? 9.214   -1.303  -13.164 1.00 41.12 ? 90  GLU A C   1 
ATOM   677  O O   . GLU A 1 96  ? 9.678   -2.075  -12.313 1.00 41.29 ? 90  GLU A O   1 
ATOM   678  C CB  . GLU A 1 96  ? 7.031   -1.537  -14.333 1.00 41.71 ? 90  GLU A CB  1 
ATOM   679  C CG  . GLU A 1 96  ? 6.176   -1.993  -15.510 1.00 41.66 ? 90  GLU A CG  1 
ATOM   680  C CD  . GLU A 1 96  ? 4.743   -1.490  -15.389 1.00 41.80 ? 90  GLU A CD  1 
ATOM   681  O OE1 . GLU A 1 96  ? 4.374   -1.007  -14.295 1.00 42.21 ? 90  GLU A OE1 1 
ATOM   682  O OE2 . GLU A 1 96  ? 3.983   -1.580  -16.377 1.00 41.68 ? 90  GLU A OE2 1 
ATOM   683  N N   . PRO A 1 97  ? 9.300   0.027   -13.036 1.00 40.63 ? 91  PRO A N   1 
ATOM   684  C CA  . PRO A 1 97  ? 9.923   0.646   -11.859 1.00 40.56 ? 91  PRO A CA  1 
ATOM   685  C C   . PRO A 1 97  ? 8.952   0.565   -10.670 1.00 40.66 ? 91  PRO A C   1 
ATOM   686  O O   . PRO A 1 97  ? 7.804   0.988   -10.786 1.00 40.92 ? 91  PRO A O   1 
ATOM   687  C CB  . PRO A 1 97  ? 10.129  2.100   -12.288 1.00 40.14 ? 91  PRO A CB  1 
ATOM   688  C CG  . PRO A 1 97  ? 10.027  2.065   -13.800 1.00 40.23 ? 91  PRO A CG  1 
ATOM   689  C CD  . PRO A 1 97  ? 8.993   1.031   -14.071 1.00 40.17 ? 91  PRO A CD  1 
ATOM   690  N N   . TRP A 1 98  ? 9.397   0.029   -9.539  1.00 40.74 ? 92  TRP A N   1 
ATOM   691  C CA  . TRP A 1 98  ? 8.538   -0.057  -8.365  1.00 40.50 ? 92  TRP A CA  1 
ATOM   692  C C   . TRP A 1 98  ? 9.220   0.514   -7.120  1.00 40.66 ? 92  TRP A C   1 
ATOM   693  O O   . TRP A 1 98  ? 10.155  -0.082  -6.579  1.00 40.21 ? 92  TRP A O   1 
ATOM   694  C CB  . TRP A 1 98  ? 8.131   -1.507  -8.090  1.00 40.84 ? 92  TRP A CB  1 
ATOM   695  C CG  . TRP A 1 98  ? 7.092   -2.071  -9.028  1.00 40.60 ? 92  TRP A CG  1 
ATOM   696  C CD1 . TRP A 1 98  ? 7.316   -2.827  -10.138 1.00 40.82 ? 92  TRP A CD1 1 
ATOM   697  C CD2 . TRP A 1 98  ? 5.673   -1.896  -8.943  1.00 40.38 ? 92  TRP A CD2 1 
ATOM   698  N NE1 . TRP A 1 98  ? 6.125   -3.138  -10.755 1.00 40.76 ? 92  TRP A NE1 1 
ATOM   699  C CE2 . TRP A 1 98  ? 5.099   -2.584  -10.040 1.00 40.62 ? 92  TRP A CE2 1 
ATOM   700  C CE3 . TRP A 1 98  ? 4.828   -1.236  -8.043  1.00 40.06 ? 92  TRP A CE3 1 
ATOM   701  C CZ2 . TRP A 1 98  ? 3.711   -2.613  -10.273 1.00 40.56 ? 92  TRP A CZ2 1 
ATOM   702  C CZ3 . TRP A 1 98  ? 3.442   -1.263  -8.275  1.00 40.14 ? 92  TRP A CZ3 1 
ATOM   703  C CH2 . TRP A 1 98  ? 2.902   -1.954  -9.379  1.00 39.84 ? 92  TRP A CH2 1 
ATOM   704  N N   . THR A 1 99  ? 8.739   1.665   -6.654  1.00 40.86 ? 93  THR A N   1 
ATOM   705  C CA  . THR A 1 99  ? 9.318   2.290   -5.476  1.00 41.00 ? 93  THR A CA  1 
ATOM   706  C C   . THR A 1 99  ? 8.841   1.695   -4.158  1.00 41.04 ? 93  THR A C   1 
ATOM   707  O O   . THR A 1 99  ? 7.789   1.057   -4.076  1.00 40.85 ? 93  THR A O   1 
ATOM   708  C CB  . THR A 1 99  ? 9.052   3.801   -5.446  1.00 40.87 ? 93  THR A CB  1 
ATOM   709  O OG1 . THR A 1 99  ? 7.679   4.055   -5.118  1.00 40.68 ? 93  THR A OG1 1 
ATOM   710  C CG2 . THR A 1 99  ? 9.383   4.406   -6.796  1.00 40.56 ? 93  THR A CG2 1 
ATOM   711  N N   . LEU A 1 100 ? 9.647   1.917   -3.126  1.00 41.68 ? 94  LEU A N   1 
ATOM   712  C CA  . LEU A 1 100 ? 9.360   1.418   -1.793  1.00 42.74 ? 94  LEU A CA  1 
ATOM   713  C C   . LEU A 1 100 ? 7.982   1.909   -1.343  1.00 42.80 ? 94  LEU A C   1 
ATOM   714  O O   . LEU A 1 100 ? 7.317   1.275   -0.524  1.00 42.42 ? 94  LEU A O   1 
ATOM   715  C CB  . LEU A 1 100 ? 10.451  1.894   -0.835  1.00 43.52 ? 94  LEU A CB  1 
ATOM   716  C CG  . LEU A 1 100 ? 10.622  1.227   0.534   1.00 44.50 ? 94  LEU A CG  1 
ATOM   717  C CD1 . LEU A 1 100 ? 10.225  -0.256  0.489   1.00 44.79 ? 94  LEU A CD1 1 
ATOM   718  C CD2 . LEU A 1 100 ? 12.094  1.400   0.954   1.00 45.46 ? 94  LEU A CD2 1 
ATOM   719  N N   . GLN A 1 101 ? 7.557   3.039   -1.900  1.00 42.63 ? 95  GLN A N   1 
ATOM   720  C CA  . GLN A 1 101 ? 6.260   3.606   -1.576  1.00 42.47 ? 95  GLN A CA  1 
ATOM   721  C C   . GLN A 1 101 ? 5.152   2.910   -2.373  1.00 41.89 ? 95  GLN A C   1 
ATOM   722  O O   . GLN A 1 101 ? 4.056   2.666   -1.857  1.00 42.08 ? 95  GLN A O   1 
ATOM   723  C CB  . GLN A 1 101 ? 6.242   5.104   -1.882  1.00 43.09 ? 95  GLN A CB  1 
ATOM   724  C CG  . GLN A 1 101 ? 4.886   5.739   -1.649  1.00 44.48 ? 95  GLN A CG  1 
ATOM   725  C CD  . GLN A 1 101 ? 4.794   7.144   -2.191  1.00 45.54 ? 95  GLN A CD  1 
ATOM   726  O OE1 . GLN A 1 101 ? 5.100   7.398   -3.371  1.00 46.51 ? 95  GLN A OE1 1 
ATOM   727  N NE2 . GLN A 1 101 ? 4.360   8.074   -1.345  1.00 46.38 ? 95  GLN A NE2 1 
ATOM   728  N N   . ASP A 1 102 ? 5.429   2.599   -3.635  1.00 40.69 ? 96  ASP A N   1 
ATOM   729  C CA  . ASP A 1 102 ? 4.442   1.926   -4.457  1.00 39.53 ? 96  ASP A CA  1 
ATOM   730  C C   . ASP A 1 102 ? 4.125   0.584   -3.836  1.00 39.36 ? 96  ASP A C   1 
ATOM   731  O O   . ASP A 1 102 ? 3.080   -0.005  -4.116  1.00 39.27 ? 96  ASP A O   1 
ATOM   732  C CB  . ASP A 1 102 ? 4.970   1.684   -5.867  1.00 39.69 ? 96  ASP A CB  1 
ATOM   733  C CG  . ASP A 1 102 ? 5.117   2.951   -6.663  1.00 39.97 ? 96  ASP A CG  1 
ATOM   734  O OD1 . ASP A 1 102 ? 4.324   3.884   -6.423  1.00 40.48 ? 96  ASP A OD1 1 
ATOM   735  O OD2 . ASP A 1 102 ? 6.008   3.006   -7.540  1.00 40.75 ? 96  ASP A OD2 1 
ATOM   736  N N   . THR A 1 103 ? 5.041   0.093   -3.005  1.00 39.18 ? 97  THR A N   1 
ATOM   737  C CA  . THR A 1 103 ? 4.855   -1.207  -2.378  1.00 39.28 ? 97  THR A CA  1 
ATOM   738  C C   . THR A 1 103 ? 4.658   -1.182  -0.876  1.00 39.03 ? 97  THR A C   1 
ATOM   739  O O   . THR A 1 103 ? 4.848   -2.195  -0.214  1.00 39.11 ? 97  THR A O   1 
ATOM   740  C CB  . THR A 1 103 ? 6.033   -2.169  -2.701  1.00 38.91 ? 97  THR A CB  1 
ATOM   741  O OG1 . THR A 1 103 ? 7.266   -1.608  -2.229  1.00 39.12 ? 97  THR A OG1 1 
ATOM   742  C CG2 . THR A 1 103 ? 6.118   -2.397  -4.185  1.00 38.22 ? 97  THR A CG2 1 
ATOM   743  N N   . SER A 1 104 ? 4.265   -0.040  -0.331  1.00 39.67 ? 98  SER A N   1 
ATOM   744  C CA  . SER A 1 104 ? 4.040   0.056   1.110   1.00 40.28 ? 98  SER A CA  1 
ATOM   745  C C   . SER A 1 104 ? 2.663   -0.529  1.468   1.00 40.96 ? 98  SER A C   1 
ATOM   746  O O   . SER A 1 104 ? 1.771   -0.619  0.610   1.00 40.88 ? 98  SER A O   1 
ATOM   747  C CB  . SER A 1 104 ? 4.112   1.510   1.551   1.00 39.62 ? 98  SER A CB  1 
ATOM   748  O OG  . SER A 1 104 ? 3.128   2.277   0.878   1.00 40.04 ? 98  SER A OG  1 
ATOM   749  N N   . TYR A 1 105 ? 2.500   -0.935  2.726   1.00 41.56 ? 99  TYR A N   1 
ATOM   750  C CA  . TYR A 1 105 ? 1.239   -1.514  3.196   1.00 42.58 ? 99  TYR A CA  1 
ATOM   751  C C   . TYR A 1 105 ? 0.161   -0.439  3.313   1.00 43.58 ? 99  TYR A C   1 
ATOM   752  O O   . TYR A 1 105 ? -1.031  -0.718  3.171   1.00 43.89 ? 99  TYR A O   1 
ATOM   753  C CB  . TYR A 1 105 ? 1.432   -2.183  4.555   1.00 42.14 ? 99  TYR A CB  1 
ATOM   754  C CG  . TYR A 1 105 ? 0.179   -2.837  5.097   1.00 41.39 ? 99  TYR A CG  1 
ATOM   755  C CD1 . TYR A 1 105 ? -0.334  -3.989  4.506   1.00 41.00 ? 99  TYR A CD1 1 
ATOM   756  C CD2 . TYR A 1 105 ? -0.508  -2.288  6.187   1.00 41.02 ? 99  TYR A CD2 1 
ATOM   757  C CE1 . TYR A 1 105 ? -1.497  -4.584  4.976   1.00 41.08 ? 99  TYR A CE1 1 
ATOM   758  C CE2 . TYR A 1 105 ? -1.677  -2.877  6.666   1.00 41.30 ? 99  TYR A CE2 1 
ATOM   759  C CZ  . TYR A 1 105 ? -2.166  -4.029  6.052   1.00 41.37 ? 99  TYR A CZ  1 
ATOM   760  O OH  . TYR A 1 105 ? -3.325  -4.639  6.510   1.00 42.73 ? 99  TYR A OH  1 
ATOM   761  N N   . GLU A 1 106 ? 0.581   0.790   3.581   1.00 44.55 ? 100 GLU A N   1 
ATOM   762  C CA  . GLU A 1 106 ? -0.359  1.897   3.702   1.00 45.30 ? 100 GLU A CA  1 
ATOM   763  C C   . GLU A 1 106 ? -0.947  2.142   2.312   1.00 44.41 ? 100 GLU A C   1 
ATOM   764  O O   . GLU A 1 106 ? -2.152  2.303   2.143   1.00 44.72 ? 100 GLU A O   1 
ATOM   765  C CB  . GLU A 1 106 ? 0.366   3.148   4.229   1.00 46.81 ? 100 GLU A CB  1 
ATOM   766  C CG  . GLU A 1 106 ? 1.913   3.044   4.282   1.00 49.24 ? 100 GLU A CG  1 
ATOM   767  C CD  . GLU A 1 106 ? 2.419   1.912   5.181   1.00 50.58 ? 100 GLU A CD  1 
ATOM   768  O OE1 . GLU A 1 106 ? 1.952   1.820   6.342   1.00 51.47 ? 100 GLU A OE1 1 
ATOM   769  O OE2 . GLU A 1 106 ? 3.284   1.118   4.728   1.00 51.55 ? 100 GLU A OE2 1 
ATOM   770  N N   . MET A 1 107 ? -0.078  2.138   1.311   1.00 43.75 ? 101 MET A N   1 
ATOM   771  C CA  . MET A 1 107 ? -0.497  2.325   -0.070  1.00 42.72 ? 101 MET A CA  1 
ATOM   772  C C   . MET A 1 107 ? -1.526  1.263   -0.479  1.00 41.91 ? 101 MET A C   1 
ATOM   773  O O   . MET A 1 107 ? -2.540  1.567   -1.101  1.00 42.32 ? 101 MET A O   1 
ATOM   774  C CB  . MET A 1 107 ? 0.710   2.217   -0.981  1.00 43.61 ? 101 MET A CB  1 
ATOM   775  C CG  . MET A 1 107 ? 0.453   2.765   -2.353  1.00 44.60 ? 101 MET A CG  1 
ATOM   776  S SD  . MET A 1 107 ? -0.096  4.480   -2.196  1.00 52.44 ? 101 MET A SD  1 
ATOM   777  C CE  . MET A 1 107 ? -1.815  4.203   -2.460  1.00 47.40 ? 101 MET A CE  1 
ATOM   778  N N   . TRP A 1 108 ? -1.235  0.020   -0.114  1.00 40.60 ? 102 TRP A N   1 
ATOM   779  C CA  . TRP A 1 108 ? -2.054  -1.150  -0.410  1.00 39.18 ? 102 TRP A CA  1 
ATOM   780  C C   . TRP A 1 108 ? -3.454  -1.043  0.171   1.00 39.19 ? 102 TRP A C   1 
ATOM   781  O O   . TRP A 1 108 ? -4.400  -1.691  -0.306  1.00 38.88 ? 102 TRP A O   1 
ATOM   782  C CB  . TRP A 1 108 ? -1.307  -2.368  0.140   1.00 37.98 ? 102 TRP A CB  1 
ATOM   783  C CG  . TRP A 1 108 ? -2.037  -3.693  0.205   1.00 36.93 ? 102 TRP A CG  1 
ATOM   784  C CD1 . TRP A 1 108 ? -2.597  -4.267  1.318   1.00 35.78 ? 102 TRP A CD1 1 
ATOM   785  C CD2 . TRP A 1 108 ? -2.144  -4.671  -0.842  1.00 36.08 ? 102 TRP A CD2 1 
ATOM   786  N NE1 . TRP A 1 108 ? -3.024  -5.535  1.028   1.00 35.91 ? 102 TRP A NE1 1 
ATOM   787  C CE2 . TRP A 1 108 ? -2.762  -5.808  -0.289  1.00 35.78 ? 102 TRP A CE2 1 
ATOM   788  C CE3 . TRP A 1 108 ? -1.773  -4.694  -2.188  1.00 36.15 ? 102 TRP A CE3 1 
ATOM   789  C CZ2 . TRP A 1 108 ? -3.019  -6.959  -1.038  1.00 36.07 ? 102 TRP A CZ2 1 
ATOM   790  C CZ3 . TRP A 1 108 ? -2.029  -5.836  -2.935  1.00 35.88 ? 102 TRP A CZ3 1 
ATOM   791  C CH2 . TRP A 1 108 ? -2.644  -6.954  -2.359  1.00 36.46 ? 102 TRP A CH2 1 
ATOM   792  N N   . LEU A 1 109 ? -3.581  -0.204  1.192   1.00 38.95 ? 103 LEU A N   1 
ATOM   793  C CA  . LEU A 1 109 ? -4.843  0.005   1.887   1.00 38.75 ? 103 LEU A CA  1 
ATOM   794  C C   . LEU A 1 109 ? -5.564  1.268   1.438   1.00 38.38 ? 103 LEU A C   1 
ATOM   795  O O   . LEU A 1 109 ? -6.533  1.701   2.071   1.00 38.89 ? 103 LEU A O   1 
ATOM   796  C CB  . LEU A 1 109 ? -4.585  0.069   3.394   1.00 38.98 ? 103 LEU A CB  1 
ATOM   797  C CG  . LEU A 1 109 ? -5.044  -1.095  4.266   1.00 38.41 ? 103 LEU A CG  1 
ATOM   798  C CD1 . LEU A 1 109 ? -4.688  -2.442  3.655   1.00 38.60 ? 103 LEU A CD1 1 
ATOM   799  C CD2 . LEU A 1 109 ? -4.375  -0.925  5.608   1.00 38.88 ? 103 LEU A CD2 1 
ATOM   800  N N   . THR A 1 110 ? -5.072  1.866   0.363   1.00 37.73 ? 104 THR A N   1 
ATOM   801  C CA  . THR A 1 110 ? -5.661  3.076   -0.207  1.00 36.75 ? 104 THR A CA  1 
ATOM   802  C C   . THR A 1 110 ? -6.614  2.597   -1.307  1.00 36.39 ? 104 THR A C   1 
ATOM   803  O O   . THR A 1 110 ? -6.254  1.745   -2.112  1.00 36.57 ? 104 THR A O   1 
ATOM   804  C CB  . THR A 1 110 ? -4.543  3.985   -0.818  1.00 37.48 ? 104 THR A CB  1 
ATOM   805  O OG1 . THR A 1 110 ? -3.852  4.663   0.240   1.00 36.85 ? 104 THR A OG1 1 
ATOM   806  C CG2 . THR A 1 110 ? -5.116  5.023   -1.784  1.00 37.47 ? 104 THR A CG2 1 
ATOM   807  N N   . PRO A 1 111 ? -7.849  3.117   -1.344  1.00 36.16 ? 105 PRO A N   1 
ATOM   808  C CA  . PRO A 1 111 ? -8.813  2.698   -2.377  1.00 35.05 ? 105 PRO A CA  1 
ATOM   809  C C   . PRO A 1 111 ? -8.220  2.794   -3.790  1.00 35.06 ? 105 PRO A C   1 
ATOM   810  O O   . PRO A 1 111 ? -7.605  3.798   -4.136  1.00 36.02 ? 105 PRO A O   1 
ATOM   811  C CB  . PRO A 1 111 ? -9.978  3.666   -2.178  1.00 34.94 ? 105 PRO A CB  1 
ATOM   812  C CG  . PRO A 1 111 ? -9.913  3.973   -0.705  1.00 34.95 ? 105 PRO A CG  1 
ATOM   813  C CD  . PRO A 1 111 ? -8.426  4.147   -0.464  1.00 34.85 ? 105 PRO A CD  1 
ATOM   814  N N   . PRO A 1 112 ? -8.345  1.735   -4.612  1.00 35.40 ? 106 PRO A N   1 
ATOM   815  C CA  . PRO A 1 112 ? -8.974  0.430   -4.401  1.00 34.75 ? 106 PRO A CA  1 
ATOM   816  C C   . PRO A 1 112 ? -8.095  -0.417  -3.492  1.00 35.58 ? 106 PRO A C   1 
ATOM   817  O O   . PRO A 1 112 ? -6.914  -0.635  -3.789  1.00 36.09 ? 106 PRO A O   1 
ATOM   818  C CB  . PRO A 1 112 ? -9.032  -0.180  -5.796  1.00 34.24 ? 106 PRO A CB  1 
ATOM   819  C CG  . PRO A 1 112 ? -8.414  0.841   -6.725  1.00 34.21 ? 106 PRO A CG  1 
ATOM   820  C CD  . PRO A 1 112 ? -7.611  1.761   -5.884  1.00 34.51 ? 106 PRO A CD  1 
ATOM   821  N N   . LYS A 1 113 ? -8.671  -0.908  -2.396  1.00 36.53 ? 107 LYS A N   1 
ATOM   822  C CA  . LYS A 1 113 ? -7.929  -1.719  -1.439  1.00 36.83 ? 107 LYS A CA  1 
ATOM   823  C C   . LYS A 1 113 ? -7.412  -3.021  -2.041  1.00 37.07 ? 107 LYS A C   1 
ATOM   824  O O   . LYS A 1 113 ? -8.049  -3.616  -2.908  1.00 36.77 ? 107 LYS A O   1 
ATOM   825  C CB  . LYS A 1 113 ? -8.809  -2.025  -0.249  1.00 36.68 ? 107 LYS A CB  1 
ATOM   826  N N   . ARG A 1 114 ? -6.242  -3.447  -1.572  1.00 37.69 ? 108 ARG A N   1 
ATOM   827  C CA  . ARG A 1 114 ? -5.621  -4.701  -1.997  1.00 38.08 ? 108 ARG A CA  1 
ATOM   828  C C   . ARG A 1 114 ? -5.259  -4.798  -3.476  1.00 38.37 ? 108 ARG A C   1 
ATOM   829  O O   . ARG A 1 114 ? -5.396  -5.847  -4.103  1.00 38.34 ? 108 ARG A O   1 
ATOM   830  C CB  . ARG A 1 114 ? -6.522  -5.881  -1.583  1.00 38.49 ? 108 ARG A CB  1 
ATOM   831  C CG  . ARG A 1 114 ? -6.830  -5.928  -0.061  1.00 38.76 ? 108 ARG A CG  1 
ATOM   832  C CD  . ARG A 1 114 ? -7.568  -7.220  0.370   1.00 40.06 ? 108 ARG A CD  1 
ATOM   833  N NE  . ARG A 1 114 ? -6.719  -8.417  0.243   1.00 40.79 ? 108 ARG A NE  1 
ATOM   834  C CZ  . ARG A 1 114 ? -6.027  -8.974  1.243   1.00 40.76 ? 108 ARG A CZ  1 
ATOM   835  N NH1 . ARG A 1 114 ? -6.079  -8.459  2.470   1.00 40.38 ? 108 ARG A NH1 1 
ATOM   836  N NH2 . ARG A 1 114 ? -5.262  -10.042 1.015   1.00 40.74 ? 108 ARG A NH2 1 
ATOM   837  N N   . CYS A 1 115 ? -4.792  -3.693  -4.033  1.00 39.12 ? 109 CYS A N   1 
ATOM   838  C CA  . CYS A 1 115 ? -4.390  -3.651  -5.428  1.00 39.86 ? 109 CYS A CA  1 
ATOM   839  C C   . CYS A 1 115 ? -3.177  -2.732  -5.438  1.00 39.15 ? 109 CYS A C   1 
ATOM   840  O O   . CYS A 1 115 ? -3.146  -1.742  -4.705  1.00 38.67 ? 109 CYS A O   1 
ATOM   841  C CB  . CYS A 1 115 ? -5.482  -3.030  -6.309  1.00 41.34 ? 109 CYS A CB  1 
ATOM   842  S SG  . CYS A 1 115 ? -7.165  -3.769  -6.220  1.00 46.11 ? 109 CYS A SG  1 
ATOM   843  N N   . PHE A 1 116 ? -2.170  -3.056  -6.236  1.00 38.31 ? 110 PHE A N   1 
ATOM   844  C CA  . PHE A 1 116 ? -1.010  -2.183  -6.309  1.00 37.92 ? 110 PHE A CA  1 
ATOM   845  C C   . PHE A 1 116 ? -1.396  -1.143  -7.322  1.00 37.88 ? 110 PHE A C   1 
ATOM   846  O O   . PHE A 1 116 ? -2.355  -1.341  -8.068  1.00 37.92 ? 110 PHE A O   1 
ATOM   847  C CB  . PHE A 1 116 ? 0.233   -2.936  -6.773  1.00 36.81 ? 110 PHE A CB  1 
ATOM   848  C CG  . PHE A 1 116 ? 0.703   -3.961  -5.793  1.00 36.30 ? 110 PHE A CG  1 
ATOM   849  C CD1 . PHE A 1 116 ? 0.397   -5.308  -5.974  1.00 35.88 ? 110 PHE A CD1 1 
ATOM   850  C CD2 . PHE A 1 116 ? 1.410   -3.579  -4.658  1.00 35.85 ? 110 PHE A CD2 1 
ATOM   851  C CE1 . PHE A 1 116 ? 0.788   -6.262  -5.039  1.00 35.63 ? 110 PHE A CE1 1 
ATOM   852  C CE2 . PHE A 1 116 ? 1.807   -4.517  -3.713  1.00 35.67 ? 110 PHE A CE2 1 
ATOM   853  C CZ  . PHE A 1 116 ? 1.496   -5.865  -3.903  1.00 35.85 ? 110 PHE A CZ  1 
ATOM   854  N N   . LYS A 1 117 ? -0.667  -0.033  -7.328  1.00 38.35 ? 111 LYS A N   1 
ATOM   855  C CA  . LYS A 1 117 ? -0.933  1.043   -8.265  1.00 39.15 ? 111 LYS A CA  1 
ATOM   856  C C   . LYS A 1 117 ? 0.073   2.179   -8.168  1.00 40.01 ? 111 LYS A C   1 
ATOM   857  O O   . LYS A 1 117 ? 0.851   2.277   -7.207  1.00 40.25 ? 111 LYS A O   1 
ATOM   858  C CB  . LYS A 1 117 ? -2.326  1.614   -8.039  1.00 38.82 ? 111 LYS A CB  1 
ATOM   859  C CG  . LYS A 1 117 ? -2.576  2.121   -6.651  1.00 38.55 ? 111 LYS A CG  1 
ATOM   860  C CD  . LYS A 1 117 ? -3.265  1.055   -5.831  1.00 38.36 ? 111 LYS A CD  1 
ATOM   861  C CE  . LYS A 1 117 ? -3.815  1.640   -4.541  1.00 37.69 ? 111 LYS A CE  1 
ATOM   862  N NZ  . LYS A 1 117 ? -4.543  0.588   -3.770  1.00 38.04 ? 111 LYS A NZ  1 
ATOM   863  N N   . LYS A 1 118 ? 0.054   3.042   -9.175  1.00 40.20 ? 112 LYS A N   1 
ATOM   864  C CA  . LYS A 1 118 ? 0.943   4.183   -9.183  1.00 41.03 ? 112 LYS A CA  1 
ATOM   865  C C   . LYS A 1 118 ? 0.429   5.264   -10.094 1.00 41.95 ? 112 LYS A C   1 
ATOM   866  O O   . LYS A 1 118 ? -0.509  5.043   -10.868 1.00 42.16 ? 112 LYS A O   1 
ATOM   867  C CB  . LYS A 1 118 ? 2.349   3.762   -9.588  1.00 40.66 ? 112 LYS A CB  1 
ATOM   868  C CG  . LYS A 1 118 ? 2.408   2.696   -10.650 1.00 39.42 ? 112 LYS A CG  1 
ATOM   869  C CD  . LYS A 1 118 ? 3.794   2.076   -10.653 1.00 39.24 ? 112 LYS A CD  1 
ATOM   870  C CE  . LYS A 1 118 ? 3.889   0.948   -11.652 1.00 39.10 ? 112 LYS A CE  1 
ATOM   871  N NZ  . LYS A 1 118 ? 5.313   0.612   -11.850 1.00 39.84 ? 112 LYS A NZ  1 
ATOM   872  N N   . GLN A 1 119 ? 1.054   6.431   -9.991  1.00 43.36 ? 113 GLN A N   1 
ATOM   873  C CA  . GLN A 1 119 ? 0.668   7.599   -10.773 1.00 44.69 ? 113 GLN A CA  1 
ATOM   874  C C   . GLN A 1 119 ? -0.685  8.098   -10.276 1.00 44.63 ? 113 GLN A C   1 
ATOM   875  O O   . GLN A 1 119 ? -1.591  8.341   -11.067 1.00 44.79 ? 113 GLN A O   1 
ATOM   876  C CB  . GLN A 1 119 ? 0.557   7.247   -12.257 1.00 46.26 ? 113 GLN A CB  1 
ATOM   877  C CG  . GLN A 1 119 ? 1.869   7.053   -12.964 1.00 48.63 ? 113 GLN A CG  1 
ATOM   878  C CD  . GLN A 1 119 ? 2.017   8.021   -14.121 1.00 50.44 ? 113 GLN A CD  1 
ATOM   879  O OE1 . GLN A 1 119 ? 1.122   8.137   -14.974 1.00 50.59 ? 113 GLN A OE1 1 
ATOM   880  N NE2 . GLN A 1 119 ? 3.152   8.725   -14.162 1.00 50.82 ? 113 GLN A NE2 1 
ATOM   881  N N   . GLY A 1 120 ? -0.817  8.252   -8.965  1.00 44.77 ? 114 GLY A N   1 
ATOM   882  C CA  . GLY A 1 120 ? -2.073  8.716   -8.409  1.00 45.15 ? 114 GLY A CA  1 
ATOM   883  C C   . GLY A 1 120 ? -2.218  10.227  -8.435  1.00 45.36 ? 114 GLY A C   1 
ATOM   884  O O   . GLY A 1 120 ? -1.494  10.947  -7.739  1.00 44.72 ? 114 GLY A O   1 
ATOM   885  N N   . ASN A 1 121 ? -3.150  10.712  -9.250  1.00 45.69 ? 115 ASN A N   1 
ATOM   886  C CA  . ASN A 1 121 ? -3.400  12.143  -9.338  1.00 46.26 ? 115 ASN A CA  1 
ATOM   887  C C   . ASN A 1 121 ? -4.432  12.549  -8.289  1.00 46.57 ? 115 ASN A C   1 
ATOM   888  O O   . ASN A 1 121 ? -5.309  11.758  -7.907  1.00 46.98 ? 115 ASN A O   1 
ATOM   889  C CB  . ASN A 1 121 ? -3.909  12.522  -10.729 1.00 46.31 ? 115 ASN A CB  1 
ATOM   890  C CG  . ASN A 1 121 ? -2.936  12.143  -11.819 1.00 47.05 ? 115 ASN A CG  1 
ATOM   891  O OD1 . ASN A 1 121 ? -1.712  12.176  -11.616 1.00 46.97 ? 115 ASN A OD1 1 
ATOM   892  N ND2 . ASN A 1 121 ? -3.464  11.785  -12.989 1.00 47.54 ? 115 ASN A ND2 1 
ATOM   893  N N   . THR A 1 122 ? -4.328  13.785  -7.822  1.00 46.74 ? 116 THR A N   1 
ATOM   894  C CA  . THR A 1 122 ? -5.252  14.263  -6.826  1.00 47.50 ? 116 THR A CA  1 
ATOM   895  C C   . THR A 1 122 ? -6.454  14.961  -7.435  1.00 48.26 ? 116 THR A C   1 
ATOM   896  O O   . THR A 1 122 ? -6.327  15.765  -8.347  1.00 48.42 ? 116 THR A O   1 
ATOM   897  C CB  . THR A 1 122 ? -4.550  15.199  -5.831  1.00 47.43 ? 116 THR A CB  1 
ATOM   898  O OG1 . THR A 1 122 ? -3.734  14.412  -4.940  1.00 47.08 ? 116 THR A OG1 1 
ATOM   899  C CG2 . THR A 1 122 ? -5.576  16.005  -5.028  1.00 46.70 ? 116 THR A CG2 1 
ATOM   900  N N   . VAL A 1 123 ? -7.626  14.598  -6.935  1.00 49.35 ? 117 VAL A N   1 
ATOM   901  C CA  . VAL A 1 123 ? -8.891  15.171  -7.353  1.00 50.31 ? 117 VAL A CA  1 
ATOM   902  C C   . VAL A 1 123 ? -9.413  15.804  -6.076  1.00 51.12 ? 117 VAL A C   1 
ATOM   903  O O   . VAL A 1 123 ? -9.167  15.288  -4.981  1.00 51.33 ? 117 VAL A O   1 
ATOM   904  C CB  . VAL A 1 123 ? -9.897  14.072  -7.808  1.00 50.47 ? 117 VAL A CB  1 
ATOM   905  C CG1 . VAL A 1 123 ? -11.336 14.583  -7.708  1.00 50.24 ? 117 VAL A CG1 1 
ATOM   906  C CG2 . VAL A 1 123 ? -9.616  13.676  -9.233  1.00 50.78 ? 117 VAL A CG2 1 
ATOM   907  N N   . GLU A 1 124 ? -10.111 16.924  -6.206  1.00 52.13 ? 118 GLU A N   1 
ATOM   908  C CA  . GLU A 1 124 ? -10.670 17.600  -5.044  1.00 53.13 ? 118 GLU A CA  1 
ATOM   909  C C   . GLU A 1 124 ? -12.173 17.636  -5.175  1.00 53.16 ? 118 GLU A C   1 
ATOM   910  O O   . GLU A 1 124 ? -12.704 17.880  -6.256  1.00 52.71 ? 118 GLU A O   1 
ATOM   911  C CB  . GLU A 1 124 ? -10.153 19.031  -4.940  1.00 54.24 ? 118 GLU A CB  1 
ATOM   912  C CG  . GLU A 1 124 ? -10.728 19.769  -3.744  1.00 56.63 ? 118 GLU A CG  1 
ATOM   913  C CD  . GLU A 1 124 ? -10.326 21.233  -3.698  1.00 58.15 ? 118 GLU A CD  1 
ATOM   914  O OE1 . GLU A 1 124 ? -9.284  21.604  -4.301  1.00 58.95 ? 118 GLU A OE1 1 
ATOM   915  O OE2 . GLU A 1 124 ? -11.055 22.012  -3.036  1.00 59.53 ? 118 GLU A OE2 1 
ATOM   916  N N   . VAL A 1 125 ? -12.857 17.391  -4.069  1.00 53.67 ? 119 VAL A N   1 
ATOM   917  C CA  . VAL A 1 125 ? -14.313 17.408  -4.054  1.00 54.42 ? 119 VAL A CA  1 
ATOM   918  C C   . VAL A 1 125 ? -14.777 18.375  -2.970  1.00 55.21 ? 119 VAL A C   1 
ATOM   919  O O   . VAL A 1 125 ? -14.431 18.209  -1.797  1.00 55.40 ? 119 VAL A O   1 
ATOM   920  C CB  . VAL A 1 125 ? -14.890 16.000  -3.755  1.00 54.50 ? 119 VAL A CB  1 
ATOM   921  C CG1 . VAL A 1 125 ? -16.416 16.049  -3.723  1.00 54.19 ? 119 VAL A CG1 1 
ATOM   922  C CG2 . VAL A 1 125 ? -14.417 15.012  -4.809  1.00 54.51 ? 119 VAL A CG2 1 
ATOM   923  N N   . LYS A 1 126 ? -15.547 19.388  -3.371  1.00 55.87 ? 120 LYS A N   1 
ATOM   924  C CA  . LYS A 1 126 ? -16.074 20.385  -2.437  1.00 56.60 ? 120 LYS A CA  1 
ATOM   925  C C   . LYS A 1 126 ? -17.523 20.042  -2.119  1.00 57.40 ? 120 LYS A C   1 
ATOM   926  O O   . LYS A 1 126 ? -18.336 19.845  -3.028  1.00 57.58 ? 120 LYS A O   1 
ATOM   927  C CB  . LYS A 1 126 ? -15.990 21.784  -3.041  1.00 56.24 ? 120 LYS A CB  1 
ATOM   928  N N   . PHE A 1 127 ? -17.842 19.955  -0.830  1.00 58.24 ? 121 PHE A N   1 
ATOM   929  C CA  . PHE A 1 127 ? -19.201 19.625  -0.405  1.00 59.10 ? 121 PHE A CA  1 
ATOM   930  C C   . PHE A 1 127 ? -19.902 20.886  0.068   1.00 59.58 ? 121 PHE A C   1 
ATOM   931  O O   . PHE A 1 127 ? -19.376 21.989  -0.109  1.00 60.25 ? 121 PHE A O   1 
ATOM   932  C CB  . PHE A 1 127 ? -19.183 18.599  0.734   1.00 59.19 ? 121 PHE A CB  1 
ATOM   933  C CG  . PHE A 1 127 ? -18.260 17.438  0.494   1.00 58.89 ? 121 PHE A CG  1 
ATOM   934  C CD1 . PHE A 1 127 ? -16.912 17.528  0.833   1.00 59.01 ? 121 PHE A CD1 1 
ATOM   935  C CD2 . PHE A 1 127 ? -18.736 16.259  -0.076  1.00 58.80 ? 121 PHE A CD2 1 
ATOM   936  C CE1 . PHE A 1 127 ? -16.046 16.454  0.610   1.00 59.27 ? 121 PHE A CE1 1 
ATOM   937  C CE2 . PHE A 1 127 ? -17.887 15.180  -0.306  1.00 59.08 ? 121 PHE A CE2 1 
ATOM   938  C CZ  . PHE A 1 127 ? -16.536 15.274  0.037   1.00 59.26 ? 121 PHE A CZ  1 
ATOM   939  N N   . VAL A 1 134 ? -13.575 20.634  2.322   1.00 55.98 ? 128 VAL A N   1 
ATOM   940  C CA  . VAL A 1 134 ? -13.446 19.760  1.151   1.00 55.95 ? 128 VAL A CA  1 
ATOM   941  C C   . VAL A 1 134 ? -12.603 18.516  1.456   1.00 55.71 ? 128 VAL A C   1 
ATOM   942  O O   . VAL A 1 134 ? -12.181 18.280  2.593   1.00 55.86 ? 128 VAL A O   1 
ATOM   943  C CB  . VAL A 1 134 ? -12.822 20.539  -0.011  1.00 56.17 ? 128 VAL A CB  1 
ATOM   944  N N   . MET A 1 135 ? -12.383 17.700  0.439   1.00 54.94 ? 129 MET A N   1 
ATOM   945  C CA  . MET A 1 135 ? -11.582 16.508  0.617   1.00 53.98 ? 129 MET A CA  1 
ATOM   946  C C   . MET A 1 135 ? -10.834 16.194  -0.653  1.00 53.25 ? 129 MET A C   1 
ATOM   947  O O   . MET A 1 135 ? -11.285 16.529  -1.749  1.00 53.94 ? 129 MET A O   1 
ATOM   948  C CB  . MET A 1 135 ? -12.460 15.307  0.975   1.00 54.63 ? 129 MET A CB  1 
ATOM   949  C CG  . MET A 1 135 ? -13.052 15.327  2.374   1.00 55.00 ? 129 MET A CG  1 
ATOM   950  S SD  . MET A 1 135 ? -11.821 15.421  3.689   1.00 60.74 ? 129 MET A SD  1 
ATOM   951  C CE  . MET A 1 135 ? -10.296 14.775  2.847   1.00 56.22 ? 129 MET A CE  1 
ATOM   952  N N   . GLU A 1 136 ? -9.681  15.557  -0.496  1.00 51.81 ? 130 GLU A N   1 
ATOM   953  C CA  . GLU A 1 136 ? -8.878  15.140  -1.633  1.00 49.99 ? 130 GLU A CA  1 
ATOM   954  C C   . GLU A 1 136 ? -8.988  13.628  -1.720  1.00 48.29 ? 130 GLU A C   1 
ATOM   955  O O   . GLU A 1 136 ? -9.233  12.955  -0.717  1.00 47.68 ? 130 GLU A O   1 
ATOM   956  C CB  . GLU A 1 136 ? -7.416  15.551  -1.460  1.00 50.30 ? 130 GLU A CB  1 
ATOM   957  C CG  . GLU A 1 136 ? -7.196  17.057  -1.469  1.00 51.41 ? 130 GLU A CG  1 
ATOM   958  C CD  . GLU A 1 136 ? -5.734  17.417  -1.337  1.00 52.56 ? 130 GLU A CD  1 
ATOM   959  O OE1 . GLU A 1 136 ? -5.018  16.695  -0.599  1.00 53.27 ? 130 GLU A OE1 1 
ATOM   960  O OE2 . GLU A 1 136 ? -5.297  18.418  -1.959  1.00 53.19 ? 130 GLU A OE2 1 
ATOM   961  N N   . TYR A 1 137 ? -8.853  13.107  -2.931  1.00 46.73 ? 131 TYR A N   1 
ATOM   962  C CA  . TYR A 1 137 ? -8.920  11.676  -3.163  1.00 45.22 ? 131 TYR A CA  1 
ATOM   963  C C   . TYR A 1 137 ? -7.936  11.412  -4.270  1.00 43.76 ? 131 TYR A C   1 
ATOM   964  O O   . TYR A 1 137 ? -7.590  12.321  -5.031  1.00 43.91 ? 131 TYR A O   1 
ATOM   965  C CB  . TYR A 1 137 ? -10.321 11.256  -3.615  1.00 46.08 ? 131 TYR A CB  1 
ATOM   966  C CG  . TYR A 1 137 ? -11.404 11.712  -2.680  1.00 47.29 ? 131 TYR A CG  1 
ATOM   967  C CD1 . TYR A 1 137 ? -11.944 12.990  -2.784  1.00 47.99 ? 131 TYR A CD1 1 
ATOM   968  C CD2 . TYR A 1 137 ? -11.846 10.895  -1.641  1.00 48.28 ? 131 TYR A CD2 1 
ATOM   969  C CE1 . TYR A 1 137 ? -12.892 13.447  -1.879  1.00 48.80 ? 131 TYR A CE1 1 
ATOM   970  C CE2 . TYR A 1 137 ? -12.798 11.346  -0.724  1.00 48.82 ? 131 TYR A CE2 1 
ATOM   971  C CZ  . TYR A 1 137 ? -13.312 12.621  -0.853  1.00 48.82 ? 131 TYR A CZ  1 
ATOM   972  O OH  . TYR A 1 137 ? -14.245 13.080  0.042   1.00 49.33 ? 131 TYR A OH  1 
ATOM   973  N N   . VAL A 1 138 ? -7.480  10.176  -4.371  1.00 41.54 ? 132 VAL A N   1 
ATOM   974  C CA  . VAL A 1 138 ? -6.529  9.845   -5.405  1.00 40.12 ? 132 VAL A CA  1 
ATOM   975  C C   . VAL A 1 138 ? -7.165  9.088   -6.574  1.00 37.81 ? 132 VAL A C   1 
ATOM   976  O O   . VAL A 1 138 ? -7.999  8.205   -6.388  1.00 37.38 ? 132 VAL A O   1 
ATOM   977  C CB  . VAL A 1 138 ? -5.371  8.998   -4.819  1.00 39.81 ? 132 VAL A CB  1 
ATOM   978  C CG1 . VAL A 1 138 ? -4.422  8.577   -5.931  1.00 40.16 ? 132 VAL A CG1 1 
ATOM   979  C CG2 . VAL A 1 138 ? -4.624  9.805   -3.749  1.00 39.63 ? 132 VAL A CG2 1 
ATOM   980  N N   . VAL A 1 139 ? -6.777  9.469   -7.783  1.00 36.44 ? 133 VAL A N   1 
ATOM   981  C CA  . VAL A 1 139 ? -7.255  8.805   -8.985  1.00 35.50 ? 133 VAL A CA  1 
ATOM   982  C C   . VAL A 1 139 ? -6.012  8.142   -9.519  1.00 34.50 ? 133 VAL A C   1 
ATOM   983  O O   . VAL A 1 139 ? -5.074  8.832   -9.930  1.00 34.31 ? 133 VAL A O   1 
ATOM   984  C CB  . VAL A 1 139 ? -7.705  9.784   -10.049 1.00 34.56 ? 133 VAL A CB  1 
ATOM   985  C CG1 . VAL A 1 139 ? -8.498  9.051   -11.112 1.00 33.12 ? 133 VAL A CG1 1 
ATOM   986  C CG2 . VAL A 1 139 ? -8.485  10.892  -9.422  1.00 33.63 ? 133 VAL A CG2 1 
ATOM   987  N N   . TRP A 1 140 ? -5.991  6.817   -9.523  1.00 33.87 ? 134 TRP A N   1 
ATOM   988  C CA  . TRP A 1 140 ? -4.817  6.106   -9.991  1.00 34.07 ? 134 TRP A CA  1 
ATOM   989  C C   . TRP A 1 140 ? -4.758  5.938   -11.479 1.00 33.93 ? 134 TRP A C   1 
ATOM   990  O O   . TRP A 1 140 ? -5.698  5.462   -12.087 1.00 34.32 ? 134 TRP A O   1 
ATOM   991  C CB  . TRP A 1 140 ? -4.739  4.747   -9.323  1.00 33.47 ? 134 TRP A CB  1 
ATOM   992  C CG  . TRP A 1 140 ? -4.739  4.902   -7.861  1.00 32.78 ? 134 TRP A CG  1 
ATOM   993  C CD1 . TRP A 1 140 ? -5.809  4.807   -7.017  1.00 32.11 ? 134 TRP A CD1 1 
ATOM   994  C CD2 . TRP A 1 140 ? -3.624  5.275   -7.061  1.00 33.05 ? 134 TRP A CD2 1 
ATOM   995  N NE1 . TRP A 1 140 ? -5.421  5.098   -5.735  1.00 32.28 ? 134 TRP A NE1 1 
ATOM   996  C CE2 . TRP A 1 140 ? -4.084  5.386   -5.734  1.00 32.56 ? 134 TRP A CE2 1 
ATOM   997  C CE3 . TRP A 1 140 ? -2.273  5.519   -7.337  1.00 32.91 ? 134 TRP A CE3 1 
ATOM   998  C CZ2 . TRP A 1 140 ? -3.246  5.740   -4.690  1.00 33.37 ? 134 TRP A CZ2 1 
ATOM   999  C CZ3 . TRP A 1 140 ? -1.442  5.868   -6.306  1.00 33.33 ? 134 TRP A CZ3 1 
ATOM   1000 C CH2 . TRP A 1 140 ? -1.928  5.974   -4.989  1.00 33.85 ? 134 TRP A CH2 1 
ATOM   1001 N N   . THR A 1 141 ? -3.637  6.323   -12.071 1.00 34.08 ? 135 THR A N   1 
ATOM   1002 C CA  . THR A 1 141 ? -3.480  6.187   -13.512 1.00 33.84 ? 135 THR A CA  1 
ATOM   1003 C C   . THR A 1 141 ? -3.288  4.726   -13.878 1.00 33.89 ? 135 THR A C   1 
ATOM   1004 O O   . THR A 1 141 ? -3.748  4.276   -14.923 1.00 34.15 ? 135 THR A O   1 
ATOM   1005 C CB  . THR A 1 141 ? -2.278  6.957   -13.997 1.00 33.35 ? 135 THR A CB  1 
ATOM   1006 O OG1 . THR A 1 141 ? -2.380  8.300   -13.544 1.00 33.80 ? 135 THR A OG1 1 
ATOM   1007 C CG2 . THR A 1 141 ? -2.220  6.939   -15.500 1.00 33.34 ? 135 THR A CG2 1 
ATOM   1008 N N   . HIS A 1 142 ? -2.584  4.004   -13.011 1.00 33.57 ? 136 HIS A N   1 
ATOM   1009 C CA  . HIS A 1 142 ? -2.319  2.590   -13.218 1.00 33.78 ? 136 HIS A CA  1 
ATOM   1010 C C   . HIS A 1 142 ? -2.678  1.779   -12.000 1.00 33.15 ? 136 HIS A C   1 
ATOM   1011 O O   . HIS A 1 142 ? -2.123  1.987   -10.917 1.00 33.02 ? 136 HIS A O   1 
ATOM   1012 C CB  . HIS A 1 142 ? -0.849  2.367   -13.527 1.00 35.43 ? 136 HIS A CB  1 
ATOM   1013 C CG  . HIS A 1 142 ? -0.370  3.159   -14.694 1.00 36.47 ? 136 HIS A CG  1 
ATOM   1014 N ND1 . HIS A 1 142 ? -0.878  2.980   -15.962 1.00 36.89 ? 136 HIS A ND1 1 
ATOM   1015 C CD2 . HIS A 1 142 ? 0.525   4.171   -14.778 1.00 36.53 ? 136 HIS A CD2 1 
ATOM   1016 C CE1 . HIS A 1 142 ? -0.317  3.853   -16.781 1.00 37.52 ? 136 HIS A CE1 1 
ATOM   1017 N NE2 . HIS A 1 142 ? 0.538   4.587   -16.087 1.00 37.68 ? 136 HIS A NE2 1 
ATOM   1018 N N   . ILE A 1 143 ? -3.610  0.855   -12.191 1.00 32.90 ? 137 ILE A N   1 
ATOM   1019 C CA  . ILE A 1 143 ? -4.072  -0.045  -11.142 1.00 32.11 ? 137 ILE A CA  1 
ATOM   1020 C C   . ILE A 1 143 ? -3.856  -1.459  -11.667 1.00 31.85 ? 137 ILE A C   1 
ATOM   1021 O O   . ILE A 1 143 ? -4.252  -1.762  -12.781 1.00 31.75 ? 137 ILE A O   1 
ATOM   1022 C CB  . ILE A 1 143 ? -5.571  0.194   -10.873 1.00 31.43 ? 137 ILE A CB  1 
ATOM   1023 C CG1 . ILE A 1 143 ? -5.739  1.491   -10.082 1.00 30.80 ? 137 ILE A CG1 1 
ATOM   1024 C CG2 . ILE A 1 143 ? -6.184  -1.005  -10.153 1.00 30.86 ? 137 ILE A CG2 1 
ATOM   1025 C CD1 . ILE A 1 143 ? -7.158  1.930   -9.920  1.00 30.83 ? 137 ILE A CD1 1 
ATOM   1026 N N   . TYR A 1 144 ? -3.226  -2.318  -10.878 1.00 32.70 ? 138 TYR A N   1 
ATOM   1027 C CA  . TYR A 1 144 ? -2.983  -3.702  -11.304 1.00 33.53 ? 138 TYR A CA  1 
ATOM   1028 C C   . TYR A 1 144 ? -3.846  -4.630  -10.477 1.00 35.00 ? 138 TYR A C   1 
ATOM   1029 O O   . TYR A 1 144 ? -3.719  -4.650  -9.249  1.00 35.43 ? 138 TYR A O   1 
ATOM   1030 C CB  . TYR A 1 144 ? -1.506  -4.065  -11.123 1.00 32.31 ? 138 TYR A CB  1 
ATOM   1031 C CG  . TYR A 1 144 ? -0.564  -3.037  -11.732 1.00 30.75 ? 138 TYR A CG  1 
ATOM   1032 C CD1 . TYR A 1 144 ? -0.461  -1.750  -11.188 1.00 29.39 ? 138 TYR A CD1 1 
ATOM   1033 C CD2 . TYR A 1 144 ? 0.201   -3.346  -12.868 1.00 30.28 ? 138 TYR A CD2 1 
ATOM   1034 C CE1 . TYR A 1 144 ? 0.379   -0.785  -11.762 1.00 30.10 ? 138 TYR A CE1 1 
ATOM   1035 C CE2 . TYR A 1 144 ? 1.054   -2.392  -13.452 1.00 30.05 ? 138 TYR A CE2 1 
ATOM   1036 C CZ  . TYR A 1 144 ? 1.134   -1.114  -12.898 1.00 30.51 ? 138 TYR A CZ  1 
ATOM   1037 O OH  . TYR A 1 144 ? 1.934   -0.158  -13.490 1.00 32.01 ? 138 TYR A OH  1 
ATOM   1038 N N   . LEU A 1 145 ? -4.727  -5.385  -11.140 1.00 36.07 ? 139 LEU A N   1 
ATOM   1039 C CA  . LEU A 1 145 ? -5.628  -6.295  -10.437 1.00 37.69 ? 139 LEU A CA  1 
ATOM   1040 C C   . LEU A 1 145 ? -5.142  -7.735  -10.440 1.00 39.06 ? 139 LEU A C   1 
ATOM   1041 O O   . LEU A 1 145 ? -4.650  -8.228  -11.449 1.00 39.82 ? 139 LEU A O   1 
ATOM   1042 C CB  . LEU A 1 145 ? -7.038  -6.190  -11.040 1.00 36.42 ? 139 LEU A CB  1 
ATOM   1043 C CG  . LEU A 1 145 ? -7.589  -4.754  -10.921 1.00 35.96 ? 139 LEU A CG  1 
ATOM   1044 C CD1 . LEU A 1 145 ? -8.952  -4.620  -11.584 1.00 34.36 ? 139 LEU A CD1 1 
ATOM   1045 C CD2 . LEU A 1 145 ? -7.672  -4.379  -9.448  1.00 34.98 ? 139 LEU A CD2 1 
ATOM   1046 N N   . GLN A 1 146 ? -5.271  -8.404  -9.300  1.00 41.04 ? 140 GLN A N   1 
ATOM   1047 C CA  . GLN A 1 146 ? -4.830  -9.790  -9.165  1.00 43.11 ? 140 GLN A CA  1 
ATOM   1048 C C   . GLN A 1 146 ? -5.961  -10.805 -9.132  1.00 44.51 ? 140 GLN A C   1 
ATOM   1049 O O   . GLN A 1 146 ? -6.812  -10.773 -8.245  1.00 44.78 ? 140 GLN A O   1 
ATOM   1050 C CB  . GLN A 1 146 ? -3.987  -9.953  -7.894  1.00 42.82 ? 140 GLN A CB  1 
ATOM   1051 C CG  . GLN A 1 146 ? -3.513  -11.381 -7.589  1.00 42.66 ? 140 GLN A CG  1 
ATOM   1052 C CD  . GLN A 1 146 ? -2.544  -11.447 -6.398  1.00 42.69 ? 140 GLN A CD  1 
ATOM   1053 O OE1 . GLN A 1 146 ? -2.519  -10.549 -5.542  1.00 42.56 ? 140 GLN A OE1 1 
ATOM   1054 N NE2 . GLN A 1 146 ? -1.750  -12.519 -6.336  1.00 42.02 ? 140 GLN A NE2 1 
ATOM   1055 N N   . ASP A 1 147 ? -5.973  -11.696 -10.117 1.00 46.25 ? 141 ASP A N   1 
ATOM   1056 C CA  . ASP A 1 147 ? -6.959  -12.759 -10.158 1.00 48.14 ? 141 ASP A CA  1 
ATOM   1057 C C   . ASP A 1 147 ? -6.136  -14.026 -9.985  1.00 49.08 ? 141 ASP A C   1 
ATOM   1058 O O   . ASP A 1 147 ? -5.488  -14.498 -10.927 1.00 49.54 ? 141 ASP A O   1 
ATOM   1059 C CB  . ASP A 1 147 ? -7.696  -12.783 -11.489 1.00 48.62 ? 141 ASP A CB  1 
ATOM   1060 C CG  . ASP A 1 147 ? -8.722  -13.894 -11.556 1.00 49.17 ? 141 ASP A CG  1 
ATOM   1061 O OD1 . ASP A 1 147 ? -9.480  -14.073 -10.576 1.00 49.33 ? 141 ASP A OD1 1 
ATOM   1062 O OD2 . ASP A 1 147 ? -8.772  -14.582 -12.600 1.00 50.38 ? 141 ASP A OD2 1 
ATOM   1063 N N   . ASN A 1 148 ? -6.165  -14.562 -8.767  1.00 50.15 ? 142 ASN A N   1 
ATOM   1064 C CA  . ASN A 1 148 ? -5.393  -15.745 -8.420  1.00 51.46 ? 142 ASN A CA  1 
ATOM   1065 C C   . ASN A 1 148 ? -3.924  -15.357 -8.531  1.00 51.35 ? 142 ASN A C   1 
ATOM   1066 O O   . ASN A 1 148 ? -3.409  -14.598 -7.708  1.00 51.11 ? 142 ASN A O   1 
ATOM   1067 C CB  . ASN A 1 148 ? -5.715  -16.915 -9.365  1.00 52.30 ? 142 ASN A CB  1 
ATOM   1068 C CG  . ASN A 1 148 ? -6.974  -17.668 -8.949  1.00 53.55 ? 142 ASN A CG  1 
ATOM   1069 O OD1 . ASN A 1 148 ? -8.008  -17.060 -8.655  1.00 53.74 ? 142 ASN A OD1 1 
ATOM   1070 N ND2 . ASN A 1 148 ? -6.893  -18.997 -8.929  1.00 53.87 ? 142 ASN A ND2 1 
ATOM   1071 N N   . ASP A 1 149 ? -3.258  -15.864 -9.560  1.00 51.45 ? 143 ASP A N   1 
ATOM   1072 C CA  . ASP A 1 149 ? -1.861  -15.554 -9.766  1.00 50.94 ? 143 ASP A CA  1 
ATOM   1073 C C   . ASP A 1 149 ? -1.711  -14.826 -11.094 1.00 49.87 ? 143 ASP A C   1 
ATOM   1074 O O   . ASP A 1 149 ? -0.597  -14.677 -11.603 1.00 50.28 ? 143 ASP A O   1 
ATOM   1075 C CB  . ASP A 1 149 ? -1.037  -16.848 -9.748  1.00 52.85 ? 143 ASP A CB  1 
ATOM   1076 C CG  . ASP A 1 149 ? 0.237   -16.721 -8.912  1.00 54.25 ? 143 ASP A CG  1 
ATOM   1077 O OD1 . ASP A 1 149 ? 0.139   -16.335 -7.716  1.00 54.78 ? 143 ASP A OD1 1 
ATOM   1078 O OD2 . ASP A 1 149 ? 1.333   -17.006 -9.455  1.00 55.27 ? 143 ASP A OD2 1 
ATOM   1079 N N   . SER A 1 150 ? -2.838  -14.373 -11.651 1.00 48.16 ? 144 SER A N   1 
ATOM   1080 C CA  . SER A 1 150 ? -2.848  -13.642 -12.930 1.00 46.19 ? 144 SER A CA  1 
ATOM   1081 C C   . SER A 1 150 ? -3.037  -12.145 -12.700 1.00 44.55 ? 144 SER A C   1 
ATOM   1082 O O   . SER A 1 150 ? -3.694  -11.735 -11.736 1.00 44.21 ? 144 SER A O   1 
ATOM   1083 C CB  . SER A 1 150 ? -3.972  -14.153 -13.831 1.00 46.37 ? 144 SER A CB  1 
ATOM   1084 O OG  . SER A 1 150 ? -3.871  -15.558 -13.991 1.00 47.13 ? 144 SER A OG  1 
ATOM   1085 N N   . TRP A 1 151 ? -2.479  -11.330 -13.593 1.00 42.37 ? 145 TRP A N   1 
ATOM   1086 C CA  . TRP A 1 151 ? -2.580  -9.886  -13.442 1.00 40.32 ? 145 TRP A CA  1 
ATOM   1087 C C   . TRP A 1 151 ? -3.063  -9.129  -14.663 1.00 39.73 ? 145 TRP A C   1 
ATOM   1088 O O   . TRP A 1 151 ? -2.821  -9.529  -15.803 1.00 39.96 ? 145 TRP A O   1 
ATOM   1089 C CB  . TRP A 1 151 ? -1.230  -9.302  -13.010 1.00 39.47 ? 145 TRP A CB  1 
ATOM   1090 C CG  . TRP A 1 151 ? -0.829  -9.678  -11.623 1.00 37.97 ? 145 TRP A CG  1 
ATOM   1091 C CD1 . TRP A 1 151 ? -0.321  -10.875 -11.210 1.00 37.26 ? 145 TRP A CD1 1 
ATOM   1092 C CD2 . TRP A 1 151 ? -0.977  -8.874  -10.445 1.00 37.53 ? 145 TRP A CD2 1 
ATOM   1093 N NE1 . TRP A 1 151 ? -0.146  -10.870 -9.842  1.00 36.96 ? 145 TRP A NE1 1 
ATOM   1094 C CE2 . TRP A 1 151 ? -0.543  -9.654  -9.349  1.00 37.16 ? 145 TRP A CE2 1 
ATOM   1095 C CE3 . TRP A 1 151 ? -1.437  -7.570  -10.210 1.00 36.84 ? 145 TRP A CE3 1 
ATOM   1096 C CZ2 . TRP A 1 151 ? -0.555  -9.174  -8.040  1.00 36.64 ? 145 TRP A CZ2 1 
ATOM   1097 C CZ3 . TRP A 1 151 ? -1.449  -7.092  -8.910  1.00 36.81 ? 145 TRP A CZ3 1 
ATOM   1098 C CH2 . TRP A 1 151 ? -1.011  -7.893  -7.840  1.00 36.96 ? 145 TRP A CH2 1 
ATOM   1099 N N   . VAL A 1 152 ? -3.738  -8.012  -14.414 1.00 38.60 ? 146 VAL A N   1 
ATOM   1100 C CA  . VAL A 1 152 ? -4.241  -7.177  -15.490 1.00 37.55 ? 146 VAL A CA  1 
ATOM   1101 C C   . VAL A 1 152 ? -3.921  -5.740  -15.117 1.00 37.05 ? 146 VAL A C   1 
ATOM   1102 O O   . VAL A 1 152 ? -3.799  -5.421  -13.939 1.00 36.25 ? 146 VAL A O   1 
ATOM   1103 C CB  . VAL A 1 152 ? -5.777  -7.332  -15.660 1.00 37.61 ? 146 VAL A CB  1 
ATOM   1104 C CG1 . VAL A 1 152 ? -6.256  -6.496  -16.826 1.00 37.32 ? 146 VAL A CG1 1 
ATOM   1105 C CG2 . VAL A 1 152 ? -6.135  -8.782  -15.896 1.00 36.80 ? 146 VAL A CG2 1 
ATOM   1106 N N   . LYS A 1 153 ? -3.767  -4.878  -16.119 1.00 36.77 ? 147 LYS A N   1 
ATOM   1107 C CA  . LYS A 1 153 ? -3.460  -3.471  -15.876 1.00 36.53 ? 147 LYS A CA  1 
ATOM   1108 C C   . LYS A 1 153 ? -4.591  -2.601  -16.426 1.00 36.31 ? 147 LYS A C   1 
ATOM   1109 O O   . LYS A 1 153 ? -4.890  -2.601  -17.625 1.00 36.33 ? 147 LYS A O   1 
ATOM   1110 C CB  . LYS A 1 153 ? -2.135  -3.106  -16.540 1.00 37.02 ? 147 LYS A CB  1 
ATOM   1111 C CG  . LYS A 1 153 ? -1.780  -1.624  -16.462 1.00 37.82 ? 147 LYS A CG  1 
ATOM   1112 C CD  . LYS A 1 153 ? -0.425  -1.372  -17.119 1.00 38.33 ? 147 LYS A CD  1 
ATOM   1113 C CE  . LYS A 1 153 ? 0.087   0.027   -16.839 1.00 39.38 ? 147 LYS A CE  1 
ATOM   1114 N NZ  . LYS A 1 153 ? 1.527   0.112   -17.216 1.00 39.48 ? 147 LYS A NZ  1 
ATOM   1115 N N   . VAL A 1 154 ? -5.229  -1.850  -15.548 1.00 35.73 ? 148 VAL A N   1 
ATOM   1116 C CA  . VAL A 1 154 ? -6.343  -1.028  -15.983 1.00 35.02 ? 148 VAL A CA  1 
ATOM   1117 C C   . VAL A 1 154 ? -6.114  0.394   -15.558 1.00 35.64 ? 148 VAL A C   1 
ATOM   1118 O O   . VAL A 1 154 ? -5.125  0.689   -14.883 1.00 35.67 ? 148 VAL A O   1 
ATOM   1119 C CB  . VAL A 1 154 ? -7.649  -1.556  -15.375 1.00 34.57 ? 148 VAL A CB  1 
ATOM   1120 C CG1 . VAL A 1 154 ? -7.844  -2.996  -15.803 1.00 33.63 ? 148 VAL A CG1 1 
ATOM   1121 C CG2 . VAL A 1 154 ? -7.595  -1.476  -13.845 1.00 32.95 ? 148 VAL A CG2 1 
ATOM   1122 N N   . THR A 1 155 ? -7.015  1.287   -15.942 1.00 36.50 ? 149 THR A N   1 
ATOM   1123 C CA  . THR A 1 155 ? -6.841  2.683   -15.559 1.00 36.88 ? 149 THR A CA  1 
ATOM   1124 C C   . THR A 1 155 ? -8.090  3.240   -14.915 1.00 36.88 ? 149 THR A C   1 
ATOM   1125 O O   . THR A 1 155 ? -9.144  2.592   -14.934 1.00 37.22 ? 149 THR A O   1 
ATOM   1126 C CB  . THR A 1 155 ? -6.476  3.573   -16.760 1.00 37.35 ? 149 THR A CB  1 
ATOM   1127 O OG1 . THR A 1 155 ? -6.230  4.909   -16.294 1.00 38.35 ? 149 THR A OG1 1 
ATOM   1128 C CG2 . THR A 1 155 ? -7.616  3.596   -17.776 1.00 37.04 ? 149 THR A CG2 1 
ATOM   1129 N N   . SER A 1 156 ? -7.954  4.440   -14.352 1.00 36.67 ? 150 SER A N   1 
ATOM   1130 C CA  . SER A 1 156 ? -9.043  5.109   -13.665 1.00 36.91 ? 150 SER A CA  1 
ATOM   1131 C C   . SER A 1 156 ? -9.641  6.250   -14.462 1.00 37.56 ? 150 SER A C   1 
ATOM   1132 O O   . SER A 1 156 ? -9.075  6.714   -15.454 1.00 37.43 ? 150 SER A O   1 
ATOM   1133 C CB  . SER A 1 156 ? -8.567  5.662   -12.326 1.00 36.26 ? 150 SER A CB  1 
ATOM   1134 O OG  . SER A 1 156 ? -8.004  4.645   -11.527 1.00 36.87 ? 150 SER A OG  1 
ATOM   1135 N N   . SER A 1 157 ? -10.786 6.715   -13.979 1.00 38.24 ? 151 SER A N   1 
ATOM   1136 C CA  . SER A 1 157 ? -11.525 7.795   -14.596 1.00 38.97 ? 151 SER A CA  1 
ATOM   1137 C C   . SER A 1 157 ? -12.276 8.422   -13.439 1.00 39.03 ? 151 SER A C   1 
ATOM   1138 O O   . SER A 1 157 ? -12.283 7.870   -12.339 1.00 38.99 ? 151 SER A O   1 
ATOM   1139 C CB  . SER A 1 157 ? -12.498 7.211   -15.613 1.00 39.56 ? 151 SER A CB  1 
ATOM   1140 O OG  . SER A 1 157 ? -11.910 6.070   -16.245 1.00 41.35 ? 151 SER A OG  1 
ATOM   1141 N N   . VAL A 1 158 ? -12.887 9.577   -13.681 1.00 39.67 ? 152 VAL A N   1 
ATOM   1142 C CA  . VAL A 1 158 ? -13.640 10.293  -12.658 1.00 40.04 ? 152 VAL A CA  1 
ATOM   1143 C C   . VAL A 1 158 ? -14.935 10.772  -13.296 1.00 40.54 ? 152 VAL A C   1 
ATOM   1144 O O   . VAL A 1 158 ? -14.966 11.057  -14.493 1.00 40.49 ? 152 VAL A O   1 
ATOM   1145 C CB  . VAL A 1 158 ? -12.886 11.544  -12.181 1.00 40.04 ? 152 VAL A CB  1 
ATOM   1146 C CG1 . VAL A 1 158 ? -13.500 12.060  -10.911 1.00 39.98 ? 152 VAL A CG1 1 
ATOM   1147 C CG2 . VAL A 1 158 ? -11.415 11.234  -11.983 1.00 39.88 ? 152 VAL A CG2 1 
ATOM   1148 N N   . ASP A 1 159 ? -16.005 10.832  -12.511 1.00 40.93 ? 153 ASP A N   1 
ATOM   1149 C CA  . ASP A 1 159 ? -17.282 11.320  -13.007 1.00 41.21 ? 153 ASP A CA  1 
ATOM   1150 C C   . ASP A 1 159 ? -18.083 11.918  -11.859 1.00 41.41 ? 153 ASP A C   1 
ATOM   1151 O O   . ASP A 1 159 ? -17.544 12.137  -10.773 1.00 42.06 ? 153 ASP A O   1 
ATOM   1152 C CB  . ASP A 1 159 ? -18.075 10.220  -13.746 1.00 41.93 ? 153 ASP A CB  1 
ATOM   1153 C CG  . ASP A 1 159 ? -18.569 9.103   -12.836 1.00 42.01 ? 153 ASP A CG  1 
ATOM   1154 O OD1 . ASP A 1 159 ? -18.800 9.347   -11.636 1.00 43.23 ? 153 ASP A OD1 1 
ATOM   1155 O OD2 . ASP A 1 159 ? -18.756 7.974   -13.337 1.00 41.25 ? 153 ASP A OD2 1 
ATOM   1156 N N   . ALA A 1 160 ? -19.357 12.192  -12.083 1.00 41.41 ? 154 ALA A N   1 
ATOM   1157 C CA  . ALA A 1 160 ? -20.181 12.801  -11.043 1.00 41.75 ? 154 ALA A CA  1 
ATOM   1158 C C   . ALA A 1 160 ? -20.443 11.906  -9.841  1.00 41.63 ? 154 ALA A C   1 
ATOM   1159 O O   . ALA A 1 160 ? -20.633 12.392  -8.720  1.00 41.46 ? 154 ALA A O   1 
ATOM   1160 C CB  . ALA A 1 160 ? -21.507 13.260  -11.638 1.00 42.30 ? 154 ALA A CB  1 
ATOM   1161 N N   . LYS A 1 161 ? -20.477 10.598  -10.078 1.00 41.53 ? 155 LYS A N   1 
ATOM   1162 C CA  . LYS A 1 161 ? -20.725 9.652   -8.993  1.00 41.58 ? 155 LYS A CA  1 
ATOM   1163 C C   . LYS A 1 161 ? -19.459 9.290   -8.201  1.00 40.99 ? 155 LYS A C   1 
ATOM   1164 O O   . LYS A 1 161 ? -19.553 8.818   -7.064  1.00 41.14 ? 155 LYS A O   1 
ATOM   1165 C CB  . LYS A 1 161 ? -21.377 8.381   -9.542  1.00 42.27 ? 155 LYS A CB  1 
ATOM   1166 C CG  . LYS A 1 161 ? -22.731 8.609   -10.200 1.00 43.25 ? 155 LYS A CG  1 
ATOM   1167 C CD  . LYS A 1 161 ? -23.147 7.381   -10.980 1.00 44.67 ? 155 LYS A CD  1 
ATOM   1168 C CE  . LYS A 1 161 ? -24.455 7.602   -11.742 1.00 45.89 ? 155 LYS A CE  1 
ATOM   1169 N NZ  . LYS A 1 161 ? -24.857 6.374   -12.524 1.00 46.34 ? 155 LYS A NZ  1 
ATOM   1170 N N   . GLY A 1 162 ? -18.282 9.504   -8.788  1.00 39.83 ? 156 GLY A N   1 
ATOM   1171 C CA  . GLY A 1 162 ? -17.054 9.183   -8.069  1.00 38.61 ? 156 GLY A CA  1 
ATOM   1172 C C   . GLY A 1 162 ? -15.867 8.739   -8.900  1.00 37.52 ? 156 GLY A C   1 
ATOM   1173 O O   . GLY A 1 162 ? -15.835 8.916   -10.122 1.00 38.00 ? 156 GLY A O   1 
ATOM   1174 N N   . ILE A 1 163 ? -14.880 8.146   -8.240  1.00 36.14 ? 157 ILE A N   1 
ATOM   1175 C CA  . ILE A 1 163 ? -13.691 7.681   -8.943  1.00 34.75 ? 157 ILE A CA  1 
ATOM   1176 C C   . ILE A 1 163 ? -13.769 6.172   -9.211  1.00 35.17 ? 157 ILE A C   1 
ATOM   1177 O O   . ILE A 1 163 ? -14.129 5.389   -8.318  1.00 35.23 ? 157 ILE A O   1 
ATOM   1178 C CB  . ILE A 1 163 ? -12.444 8.029   -8.133  1.00 32.76 ? 157 ILE A CB  1 
ATOM   1179 C CG1 . ILE A 1 163 ? -12.510 9.502   -7.751  1.00 30.67 ? 157 ILE A CG1 1 
ATOM   1180 C CG2 . ILE A 1 163 ? -11.190 7.732   -8.954  1.00 31.70 ? 157 ILE A CG2 1 
ATOM   1181 C CD1 . ILE A 1 163 ? -11.326 9.971   -6.982  1.00 29.81 ? 157 ILE A CD1 1 
ATOM   1182 N N   . TYR A 1 164 ? -13.419 5.755   -10.425 1.00 35.14 ? 158 TYR A N   1 
ATOM   1183 C CA  . TYR A 1 164 ? -13.537 4.342   -10.755 1.00 35.88 ? 158 TYR A CA  1 
ATOM   1184 C C   . TYR A 1 164 ? -12.537 3.831   -11.786 1.00 36.27 ? 158 TYR A C   1 
ATOM   1185 O O   . TYR A 1 164 ? -11.958 4.612   -12.544 1.00 37.13 ? 158 TYR A O   1 
ATOM   1186 C CB  . TYR A 1 164 ? -14.948 4.098   -11.279 1.00 36.31 ? 158 TYR A CB  1 
ATOM   1187 C CG  . TYR A 1 164 ? -15.221 4.837   -12.576 1.00 36.56 ? 158 TYR A CG  1 
ATOM   1188 C CD1 . TYR A 1 164 ? -14.972 4.234   -13.810 1.00 36.74 ? 158 TYR A CD1 1 
ATOM   1189 C CD2 . TYR A 1 164 ? -15.701 6.143   -12.570 1.00 36.62 ? 158 TYR A CD2 1 
ATOM   1190 C CE1 . TYR A 1 164 ? -15.194 4.910   -15.005 1.00 37.44 ? 158 TYR A CE1 1 
ATOM   1191 C CE2 . TYR A 1 164 ? -15.927 6.831   -13.763 1.00 37.34 ? 158 TYR A CE2 1 
ATOM   1192 C CZ  . TYR A 1 164 ? -15.673 6.204   -14.973 1.00 37.27 ? 158 TYR A CZ  1 
ATOM   1193 O OH  . TYR A 1 164 ? -15.922 6.864   -16.153 1.00 37.78 ? 158 TYR A OH  1 
ATOM   1194 N N   . TYR A 1 165 ? -12.332 2.517   -11.813 1.00 36.24 ? 159 TYR A N   1 
ATOM   1195 C CA  . TYR A 1 165 ? -11.426 1.933   -12.792 1.00 36.46 ? 159 TYR A CA  1 
ATOM   1196 C C   . TYR A 1 165 ? -12.253 1.032   -13.689 1.00 37.55 ? 159 TYR A C   1 
ATOM   1197 O O   . TYR A 1 165 ? -13.392 0.684   -13.354 1.00 37.42 ? 159 TYR A O   1 
ATOM   1198 C CB  . TYR A 1 165 ? -10.265 1.165   -12.122 1.00 34.70 ? 159 TYR A CB  1 
ATOM   1199 C CG  . TYR A 1 165 ? -10.616 -0.076  -11.323 1.00 33.92 ? 159 TYR A CG  1 
ATOM   1200 C CD1 . TYR A 1 165 ? -11.048 -1.244  -11.945 1.00 32.98 ? 159 TYR A CD1 1 
ATOM   1201 C CD2 . TYR A 1 165 ? -10.488 -0.083  -9.936  1.00 33.53 ? 159 TYR A CD2 1 
ATOM   1202 C CE1 . TYR A 1 165 ? -11.340 -2.378  -11.213 1.00 32.47 ? 159 TYR A CE1 1 
ATOM   1203 C CE2 . TYR A 1 165 ? -10.776 -1.206  -9.198  1.00 32.93 ? 159 TYR A CE2 1 
ATOM   1204 C CZ  . TYR A 1 165 ? -11.201 -2.350  -9.836  1.00 32.84 ? 159 TYR A CZ  1 
ATOM   1205 O OH  . TYR A 1 165 ? -11.479 -3.466  -9.082  1.00 32.07 ? 159 TYR A OH  1 
ATOM   1206 N N   . THR A 1 166 ? -11.709 0.661   -14.841 1.00 38.68 ? 160 THR A N   1 
ATOM   1207 C CA  . THR A 1 166 ? -12.486 -0.170  -15.738 1.00 39.97 ? 160 THR A CA  1 
ATOM   1208 C C   . THR A 1 166 ? -11.793 -1.450  -16.163 1.00 40.59 ? 160 THR A C   1 
ATOM   1209 O O   . THR A 1 166 ? -10.664 -1.422  -16.652 1.00 41.13 ? 160 THR A O   1 
ATOM   1210 C CB  . THR A 1 166 ? -12.896 0.645   -16.977 1.00 40.22 ? 160 THR A CB  1 
ATOM   1211 O OG1 . THR A 1 166 ? -13.679 1.772   -16.551 1.00 40.17 ? 160 THR A OG1 1 
ATOM   1212 C CG2 . THR A 1 166 ? -13.719 -0.206  -17.936 1.00 40.21 ? 160 THR A CG2 1 
ATOM   1213 N N   . CYS A 1 167 ? -12.482 -2.570  -15.974 1.00 41.80 ? 161 CYS A N   1 
ATOM   1214 C CA  . CYS A 1 167 ? -11.958 -3.880  -16.349 1.00 43.39 ? 161 CYS A CA  1 
ATOM   1215 C C   . CYS A 1 167 ? -13.018 -4.554  -17.233 1.00 43.69 ? 161 CYS A C   1 
ATOM   1216 O O   . CYS A 1 167 ? -13.798 -5.399  -16.777 1.00 43.58 ? 161 CYS A O   1 
ATOM   1217 C CB  . CYS A 1 167 ? -11.680 -4.713  -15.093 1.00 43.85 ? 161 CYS A CB  1 
ATOM   1218 S SG  . CYS A 1 167 ? -10.661 -6.169  -15.414 1.00 47.20 ? 161 CYS A SG  1 
ATOM   1219 N N   . GLY A 1 168 ? -13.034 -4.159  -18.506 1.00 44.43 ? 162 GLY A N   1 
ATOM   1220 C CA  . GLY A 1 168 ? -14.011 -4.673  -19.455 1.00 44.06 ? 162 GLY A CA  1 
ATOM   1221 C C   . GLY A 1 168 ? -15.057 -3.592  -19.669 1.00 44.36 ? 162 GLY A C   1 
ATOM   1222 O O   . GLY A 1 168 ? -14.730 -2.431  -19.927 1.00 45.03 ? 162 GLY A O   1 
ATOM   1223 N N   . GLN A 1 169 ? -16.322 -3.966  -19.551 1.00 44.55 ? 163 GLN A N   1 
ATOM   1224 C CA  . GLN A 1 169 ? -17.424 -3.025  -19.717 1.00 44.17 ? 163 GLN A CA  1 
ATOM   1225 C C   . GLN A 1 169 ? -17.879 -2.567  -18.336 1.00 43.41 ? 163 GLN A C   1 
ATOM   1226 O O   . GLN A 1 169 ? -18.581 -1.559  -18.197 1.00 43.22 ? 163 GLN A O   1 
ATOM   1227 C CB  . GLN A 1 169 ? -18.572 -3.718  -20.433 1.00 44.59 ? 163 GLN A CB  1 
ATOM   1228 C CG  . GLN A 1 169 ? -18.101 -4.548  -21.619 1.00 45.96 ? 163 GLN A CG  1 
ATOM   1229 C CD  . GLN A 1 169 ? -17.518 -3.699  -22.733 1.00 46.58 ? 163 GLN A CD  1 
ATOM   1230 O OE1 . GLN A 1 169 ? -18.202 -2.816  -23.272 1.00 47.16 ? 163 GLN A OE1 1 
ATOM   1231 N NE2 . GLN A 1 169 ? -16.251 -3.960  -23.093 1.00 46.85 ? 163 GLN A NE2 1 
ATOM   1232 N N   . PHE A 1 170 ? -17.459 -3.321  -17.318 1.00 42.52 ? 164 PHE A N   1 
ATOM   1233 C CA  . PHE A 1 170 ? -17.798 -3.051  -15.927 1.00 41.31 ? 164 PHE A CA  1 
ATOM   1234 C C   . PHE A 1 170 ? -16.912 -2.013  -15.258 1.00 40.60 ? 164 PHE A C   1 
ATOM   1235 O O   . PHE A 1 170 ? -15.695 -2.008  -15.431 1.00 40.32 ? 164 PHE A O   1 
ATOM   1236 C CB  . PHE A 1 170 ? -17.724 -4.351  -15.132 1.00 41.70 ? 164 PHE A CB  1 
ATOM   1237 C CG  . PHE A 1 170 ? -18.720 -5.393  -15.583 1.00 42.13 ? 164 PHE A CG  1 
ATOM   1238 C CD1 . PHE A 1 170 ? -18.323 -6.716  -15.807 1.00 41.67 ? 164 PHE A CD1 1 
ATOM   1239 C CD2 . PHE A 1 170 ? -20.061 -5.051  -15.784 1.00 41.63 ? 164 PHE A CD2 1 
ATOM   1240 C CE1 . PHE A 1 170 ? -19.253 -7.677  -16.221 1.00 41.95 ? 164 PHE A CE1 1 
ATOM   1241 C CE2 . PHE A 1 170 ? -20.987 -6.009  -16.197 1.00 41.64 ? 164 PHE A CE2 1 
ATOM   1242 C CZ  . PHE A 1 170 ? -20.581 -7.322  -16.416 1.00 41.62 ? 164 PHE A CZ  1 
ATOM   1243 N N   . LYS A 1 171 ? -17.536 -1.130  -14.485 1.00 40.08 ? 165 LYS A N   1 
ATOM   1244 C CA  . LYS A 1 171 ? -16.810 -0.109  -13.751 1.00 39.37 ? 165 LYS A CA  1 
ATOM   1245 C C   . LYS A 1 171 ? -16.846 -0.482  -12.272 1.00 38.82 ? 165 LYS A C   1 
ATOM   1246 O O   . LYS A 1 171 ? -17.806 -1.079  -11.800 1.00 38.49 ? 165 LYS A O   1 
ATOM   1247 C CB  . LYS A 1 171 ? -17.463 1.258   -13.942 1.00 40.01 ? 165 LYS A CB  1 
ATOM   1248 C CG  . LYS A 1 171 ? -17.407 1.806   -15.363 1.00 41.67 ? 165 LYS A CG  1 
ATOM   1249 C CD  . LYS A 1 171 ? -18.097 3.174   -15.434 1.00 42.44 ? 165 LYS A CD  1 
ATOM   1250 C CE  . LYS A 1 171 ? -18.207 3.697   -16.873 1.00 43.12 ? 165 LYS A CE  1 
ATOM   1251 N NZ  . LYS A 1 171 ? -18.923 5.022   -16.961 1.00 42.60 ? 165 LYS A NZ  1 
ATOM   1252 N N   . THR A 1 172 ? -15.785 -0.131  -11.549 1.00 38.68 ? 166 THR A N   1 
ATOM   1253 C CA  . THR A 1 172 ? -15.681 -0.418  -10.121 1.00 37.37 ? 166 THR A CA  1 
ATOM   1254 C C   . THR A 1 172 ? -15.312 0.866   -9.400  1.00 37.20 ? 166 THR A C   1 
ATOM   1255 O O   . THR A 1 172 ? -14.203 1.363   -9.529  1.00 37.43 ? 166 THR A O   1 
ATOM   1256 C CB  . THR A 1 172 ? -14.599 -1.470  -9.847  1.00 36.98 ? 166 THR A CB  1 
ATOM   1257 O OG1 . THR A 1 172 ? -14.866 -2.643  -10.629 1.00 35.73 ? 166 THR A OG1 1 
ATOM   1258 C CG2 . THR A 1 172 ? -14.570 -1.825  -8.367  1.00 36.82 ? 166 THR A CG2 1 
ATOM   1259 N N   . TYR A 1 173 ? -16.249 1.412   -8.643  1.00 37.00 ? 167 TYR A N   1 
ATOM   1260 C CA  . TYR A 1 173 ? -15.974 2.643   -7.934  1.00 36.80 ? 167 TYR A CA  1 
ATOM   1261 C C   . TYR A 1 173 ? -15.251 2.307   -6.659  1.00 36.86 ? 167 TYR A C   1 
ATOM   1262 O O   . TYR A 1 173 ? -15.629 1.365   -5.962  1.00 37.42 ? 167 TYR A O   1 
ATOM   1263 C CB  . TYR A 1 173 ? -17.271 3.407   -7.628  1.00 36.44 ? 167 TYR A CB  1 
ATOM   1264 C CG  . TYR A 1 173 ? -17.920 3.968   -8.870  1.00 36.52 ? 167 TYR A CG  1 
ATOM   1265 C CD1 . TYR A 1 173 ? -18.546 3.130   -9.780  1.00 36.01 ? 167 TYR A CD1 1 
ATOM   1266 C CD2 . TYR A 1 173 ? -17.850 5.334   -9.171  1.00 37.13 ? 167 TYR A CD2 1 
ATOM   1267 C CE1 . TYR A 1 173 ? -19.078 3.617   -10.958 1.00 37.10 ? 167 TYR A CE1 1 
ATOM   1268 C CE2 . TYR A 1 173 ? -18.392 5.842   -10.364 1.00 37.38 ? 167 TYR A CE2 1 
ATOM   1269 C CZ  . TYR A 1 173 ? -18.998 4.966   -11.255 1.00 37.88 ? 167 TYR A CZ  1 
ATOM   1270 O OH  . TYR A 1 173 ? -19.475 5.409   -12.485 1.00 38.66 ? 167 TYR A OH  1 
ATOM   1271 N N   . TYR A 1 174 ? -14.190 3.057   -6.377  1.00 36.11 ? 168 TYR A N   1 
ATOM   1272 C CA  . TYR A 1 174 ? -13.426 2.851   -5.166  1.00 35.15 ? 168 TYR A CA  1 
ATOM   1273 C C   . TYR A 1 174 ? -13.520 4.101   -4.317  1.00 35.88 ? 168 TYR A C   1 
ATOM   1274 O O   . TYR A 1 174 ? -13.037 4.154   -3.190  1.00 36.03 ? 168 TYR A O   1 
ATOM   1275 C CB  . TYR A 1 174 ? -11.985 2.446   -5.489  1.00 33.68 ? 168 TYR A CB  1 
ATOM   1276 C CG  . TYR A 1 174 ? -11.196 3.331   -6.436  1.00 32.69 ? 168 TYR A CG  1 
ATOM   1277 C CD1 . TYR A 1 174 ? -10.531 4.479   -5.975  1.00 32.14 ? 168 TYR A CD1 1 
ATOM   1278 C CD2 . TYR A 1 174 ? -11.027 2.969   -7.766  1.00 32.11 ? 168 TYR A CD2 1 
ATOM   1279 C CE1 . TYR A 1 174 ? -9.713  5.231   -6.824  1.00 32.06 ? 168 TYR A CE1 1 
ATOM   1280 C CE2 . TYR A 1 174 ? -10.214 3.707   -8.614  1.00 31.24 ? 168 TYR A CE2 1 
ATOM   1281 C CZ  . TYR A 1 174 ? -9.558  4.828   -8.139  1.00 31.35 ? 168 TYR A CZ  1 
ATOM   1282 O OH  . TYR A 1 174 ? -8.715  5.512   -8.976  1.00 30.73 ? 168 TYR A OH  1 
ATOM   1283 N N   . VAL A 1 175 ? -14.170 5.110   -4.884  1.00 37.10 ? 169 VAL A N   1 
ATOM   1284 C CA  . VAL A 1 175 ? -14.463 6.353   -4.185  1.00 38.19 ? 169 VAL A CA  1 
ATOM   1285 C C   . VAL A 1 175 ? -15.876 6.681   -4.659  1.00 39.43 ? 169 VAL A C   1 
ATOM   1286 O O   . VAL A 1 175 ? -16.131 6.762   -5.861  1.00 39.33 ? 169 VAL A O   1 
ATOM   1287 C CB  . VAL A 1 175 ? -13.544 7.510   -4.569  1.00 38.01 ? 169 VAL A CB  1 
ATOM   1288 C CG1 . VAL A 1 175 ? -13.816 8.677   -3.641  1.00 37.40 ? 169 VAL A CG1 1 
ATOM   1289 C CG2 . VAL A 1 175 ? -12.091 7.086   -4.475  1.00 37.65 ? 169 VAL A CG2 1 
ATOM   1290 N N   . ASN A 1 176 ? -16.779 6.843   -3.701  1.00 41.16 ? 170 ASN A N   1 
ATOM   1291 C CA  . ASN A 1 176 ? -18.188 7.130   -3.957  1.00 43.08 ? 170 ASN A CA  1 
ATOM   1292 C C   . ASN A 1 176 ? -18.486 8.543   -3.477  1.00 43.99 ? 170 ASN A C   1 
ATOM   1293 O O   . ASN A 1 176 ? -18.794 8.745   -2.304  1.00 43.96 ? 170 ASN A O   1 
ATOM   1294 C CB  . ASN A 1 176 ? -19.038 6.128   -3.168  1.00 43.67 ? 170 ASN A CB  1 
ATOM   1295 C CG  . ASN A 1 176 ? -20.507 6.186   -3.519  1.00 44.71 ? 170 ASN A CG  1 
ATOM   1296 O OD1 . ASN A 1 176 ? -21.121 7.260   -3.538  1.00 45.39 ? 170 ASN A OD1 1 
ATOM   1297 N ND2 . ASN A 1 176 ? -21.091 5.015   -3.786  1.00 45.38 ? 170 ASN A ND2 1 
ATOM   1298 N N   . PHE A 1 177 ? -18.396 9.521   -4.374  1.00 45.71 ? 171 PHE A N   1 
ATOM   1299 C CA  . PHE A 1 177 ? -18.640 10.904  -3.981  1.00 47.10 ? 171 PHE A CA  1 
ATOM   1300 C C   . PHE A 1 177 ? -19.935 11.047  -3.200  1.00 48.65 ? 171 PHE A C   1 
ATOM   1301 O O   . PHE A 1 177 ? -20.008 11.814  -2.236  1.00 49.33 ? 171 PHE A O   1 
ATOM   1302 C CB  . PHE A 1 177 ? -18.656 11.802  -5.210  1.00 46.43 ? 171 PHE A CB  1 
ATOM   1303 C CG  . PHE A 1 177 ? -17.324 11.930  -5.873  1.00 46.42 ? 171 PHE A CG  1 
ATOM   1304 C CD1 . PHE A 1 177 ? -17.233 12.163  -7.236  1.00 46.34 ? 171 PHE A CD1 1 
ATOM   1305 C CD2 . PHE A 1 177 ? -16.152 11.780  -5.141  1.00 46.34 ? 171 PHE A CD2 1 
ATOM   1306 C CE1 . PHE A 1 177 ? -15.988 12.237  -7.866  1.00 46.39 ? 171 PHE A CE1 1 
ATOM   1307 C CE2 . PHE A 1 177 ? -14.912 11.854  -5.761  1.00 46.16 ? 171 PHE A CE2 1 
ATOM   1308 C CZ  . PHE A 1 177 ? -14.831 12.080  -7.128  1.00 46.07 ? 171 PHE A CZ  1 
ATOM   1309 N N   . ASN A 1 178 ? -20.956 10.296  -3.590  1.00 50.15 ? 172 ASN A N   1 
ATOM   1310 C CA  . ASN A 1 178 ? -22.219 10.379  -2.877  1.00 51.74 ? 172 ASN A CA  1 
ATOM   1311 C C   . ASN A 1 178 ? -22.022 10.002  -1.421  1.00 52.87 ? 172 ASN A C   1 
ATOM   1312 O O   . ASN A 1 178 ? -22.215 10.823  -0.516  1.00 53.28 ? 172 ASN A O   1 
ATOM   1313 C CB  . ASN A 1 178 ? -23.251 9.444   -3.491  1.00 51.85 ? 172 ASN A CB  1 
ATOM   1314 C CG  . ASN A 1 178 ? -24.471 9.290   -2.612  1.00 52.18 ? 172 ASN A CG  1 
ATOM   1315 O OD1 . ASN A 1 178 ? -24.987 10.276  -2.061  1.00 51.69 ? 172 ASN A OD1 1 
ATOM   1316 N ND2 . ASN A 1 178 ? -24.949 8.055   -2.478  1.00 52.11 ? 172 ASN A ND2 1 
ATOM   1317 N N   . LYS A 1 179 ? -21.644 8.747   -1.207  1.00 53.92 ? 173 LYS A N   1 
ATOM   1318 C CA  . LYS A 1 179 ? -21.416 8.228   0.129   1.00 55.00 ? 173 LYS A CA  1 
ATOM   1319 C C   . LYS A 1 179 ? -20.494 9.181   0.864   1.00 55.74 ? 173 LYS A C   1 
ATOM   1320 O O   . LYS A 1 179 ? -20.746 9.553   2.016   1.00 56.10 ? 173 LYS A O   1 
ATOM   1321 C CB  . LYS A 1 179 ? -20.783 6.833   0.047   1.00 54.79 ? 173 LYS A CB  1 
ATOM   1322 N N   . GLU A 1 180 ? -19.435 9.592   0.170   1.00 56.56 ? 174 GLU A N   1 
ATOM   1323 C CA  . GLU A 1 180 ? -18.438 10.490  0.733   1.00 57.64 ? 174 GLU A CA  1 
ATOM   1324 C C   . GLU A 1 180 ? -19.073 11.816  1.118   1.00 58.54 ? 174 GLU A C   1 
ATOM   1325 O O   . GLU A 1 180 ? -18.542 12.539  1.958   1.00 58.63 ? 174 GLU A O   1 
ATOM   1326 C CB  . GLU A 1 180 ? -17.313 10.715  -0.286  1.00 57.53 ? 174 GLU A CB  1 
ATOM   1327 C CG  . GLU A 1 180 ? -15.965 11.043  0.320   1.00 56.95 ? 174 GLU A CG  1 
ATOM   1328 C CD  . GLU A 1 180 ? -15.518 10.025  1.355   1.00 56.93 ? 174 GLU A CD  1 
ATOM   1329 O OE1 . GLU A 1 180 ? -15.639 8.809   1.096   1.00 56.93 ? 174 GLU A OE1 1 
ATOM   1330 O OE2 . GLU A 1 180 ? -15.034 10.441  2.429   1.00 57.30 ? 174 GLU A OE2 1 
ATOM   1331 N N   . ALA A 1 181 ? -20.217 12.120  0.509   1.00 59.63 ? 175 ALA A N   1 
ATOM   1332 C CA  . ALA A 1 181 ? -20.929 13.367  0.780   1.00 60.84 ? 175 ALA A CA  1 
ATOM   1333 C C   . ALA A 1 181 ? -21.731 13.341  2.083   1.00 61.93 ? 175 ALA A C   1 
ATOM   1334 O O   . ALA A 1 181 ? -22.191 14.382  2.555   1.00 61.72 ? 175 ALA A O   1 
ATOM   1335 C CB  . ALA A 1 181 ? -21.848 13.701  -0.389  1.00 60.85 ? 175 ALA A CB  1 
ATOM   1336 N N   . GLN A 1 182 ? -21.899 12.158  2.668   1.00 63.05 ? 176 GLN A N   1 
ATOM   1337 C CA  . GLN A 1 182 ? -22.646 12.033  3.921   1.00 64.07 ? 176 GLN A CA  1 
ATOM   1338 C C   . GLN A 1 182 ? -21.749 12.388  5.102   1.00 64.78 ? 176 GLN A C   1 
ATOM   1339 O O   . GLN A 1 182 ? -22.193 12.998  6.077   1.00 64.93 ? 176 GLN A O   1 
ATOM   1340 C CB  . GLN A 1 182 ? -23.158 10.605  4.104   1.00 64.46 ? 176 GLN A CB  1 
ATOM   1341 C CG  . GLN A 1 182 ? -23.831 10.030  2.871   1.00 65.30 ? 176 GLN A CG  1 
ATOM   1342 C CD  . GLN A 1 182 ? -24.286 8.594   3.073   1.00 65.75 ? 176 GLN A CD  1 
ATOM   1343 O OE1 . GLN A 1 182 ? -23.525 7.746   3.563   1.00 66.16 ? 176 GLN A OE1 1 
ATOM   1344 N NE2 . GLN A 1 182 ? -25.529 8.308   2.689   1.00 65.56 ? 176 GLN A NE2 1 
ATOM   1345 N N   . LYS A 1 183 ? -20.483 12.000  5.005   1.00 65.49 ? 177 LYS A N   1 
ATOM   1346 C CA  . LYS A 1 183 ? -19.523 12.263  6.068   1.00 66.05 ? 177 LYS A CA  1 
ATOM   1347 C C   . LYS A 1 183 ? -19.303 13.753  6.229   1.00 66.84 ? 177 LYS A C   1 
ATOM   1348 O O   . LYS A 1 183 ? -18.511 14.171  7.069   1.00 66.93 ? 177 LYS A O   1 
ATOM   1349 C CB  . LYS A 1 183 ? -18.177 11.604  5.755   1.00 66.24 ? 177 LYS A CB  1 
ATOM   1350 C CG  . LYS A 1 183 ? -18.255 10.117  5.438   1.00 66.31 ? 177 LYS A CG  1 
ATOM   1351 C CD  . LYS A 1 183 ? -16.868 9.510   5.230   1.00 66.23 ? 177 LYS A CD  1 
ATOM   1352 C CE  . LYS A 1 183 ? -16.015 9.585   6.500   1.00 66.32 ? 177 LYS A CE  1 
ATOM   1353 N NZ  . LYS A 1 183 ? -14.659 8.988   6.310   1.00 66.21 ? 177 LYS A NZ  1 
ATOM   1354 N N   . TYR A 1 184 ? -20.002 14.556  5.431   1.00 67.51 ? 178 TYR A N   1 
ATOM   1355 C CA  . TYR A 1 184 ? -19.830 16.002  5.498   1.00 68.00 ? 178 TYR A CA  1 
ATOM   1356 C C   . TYR A 1 184 ? -21.145 16.793  5.424   1.00 68.68 ? 178 TYR A C   1 
ATOM   1357 O O   . TYR A 1 184 ? -21.902 16.831  6.402   1.00 68.84 ? 178 TYR A O   1 
ATOM   1358 C CB  . TYR A 1 184 ? -18.866 16.422  4.389   1.00 67.77 ? 178 TYR A CB  1 
ATOM   1359 C CG  . TYR A 1 184 ? -17.631 15.537  4.330   1.00 67.73 ? 178 TYR A CG  1 
ATOM   1360 C CD1 . TYR A 1 184 ? -16.683 15.549  5.361   1.00 67.63 ? 178 TYR A CD1 1 
ATOM   1361 C CD2 . TYR A 1 184 ? -17.429 14.659  3.265   1.00 67.54 ? 178 TYR A CD2 1 
ATOM   1362 C CE1 . TYR A 1 184 ? -15.562 14.702  5.332   1.00 67.49 ? 178 TYR A CE1 1 
ATOM   1363 C CE2 . TYR A 1 184 ? -16.312 13.809  3.224   1.00 67.71 ? 178 TYR A CE2 1 
ATOM   1364 C CZ  . TYR A 1 184 ? -15.384 13.837  4.262   1.00 67.55 ? 178 TYR A CZ  1 
ATOM   1365 O OH  . TYR A 1 184 ? -14.287 13.004  4.227   1.00 67.56 ? 178 TYR A OH  1 
ATOM   1366 N N   . GLY A 1 185 ? -21.416 17.416  4.274   1.00 69.14 ? 179 GLY A N   1 
ATOM   1367 C CA  . GLY A 1 185 ? -22.636 18.217  4.083   1.00 69.65 ? 179 GLY A CA  1 
ATOM   1368 C C   . GLY A 1 185 ? -23.946 17.461  4.314   1.00 70.09 ? 179 GLY A C   1 
ATOM   1369 O O   . GLY A 1 185 ? -24.039 16.244  4.109   1.00 70.54 ? 179 GLY A O   1 
ATOM   1370 N N   . SER A 1 186 ? -24.963 18.205  4.738   1.00 70.31 ? 180 SER A N   1 
ATOM   1371 C CA  . SER A 1 186 ? -26.273 17.635  5.011   1.00 70.28 ? 180 SER A CA  1 
ATOM   1372 C C   . SER A 1 186 ? -27.044 17.425  3.710   1.00 70.21 ? 180 SER A C   1 
ATOM   1373 O O   . SER A 1 186 ? -28.025 16.673  3.674   1.00 70.40 ? 180 SER A O   1 
ATOM   1374 C CB  . SER A 1 186 ? -27.058 18.564  5.950   1.00 70.37 ? 180 SER A CB  1 
ATOM   1375 N N   . THR A 1 187 ? -26.597 18.091  2.643   1.00 69.69 ? 181 THR A N   1 
ATOM   1376 C CA  . THR A 1 187 ? -27.257 17.994  1.343   1.00 68.81 ? 181 THR A CA  1 
ATOM   1377 C C   . THR A 1 187 ? -26.725 16.831  0.523   1.00 68.43 ? 181 THR A C   1 
ATOM   1378 O O   . THR A 1 187 ? -25.937 16.010  1.010   1.00 68.66 ? 181 THR A O   1 
ATOM   1379 C CB  . THR A 1 187 ? -27.079 19.298  0.563   1.00 69.07 ? 181 THR A CB  1 
ATOM   1380 N N   . ASN A 1 188 ? -27.178 16.769  -0.726  1.00 67.20 ? 182 ASN A N   1 
ATOM   1381 C CA  . ASN A 1 188 ? -26.748 15.743  -1.662  1.00 66.20 ? 182 ASN A CA  1 
ATOM   1382 C C   . ASN A 1 188 ? -26.046 16.493  -2.790  1.00 65.65 ? 182 ASN A C   1 
ATOM   1383 O O   . ASN A 1 188 ? -25.993 16.028  -3.929  1.00 65.15 ? 182 ASN A O   1 
ATOM   1384 C CB  . ASN A 1 188 ? -27.953 14.988  -2.201  1.00 66.42 ? 182 ASN A CB  1 
ATOM   1385 N N   . HIS A 1 189 ? -25.516 17.667  -2.453  1.00 64.68 ? 183 HIS A N   1 
ATOM   1386 C CA  . HIS A 1 189 ? -24.824 18.505  -3.418  1.00 63.41 ? 183 HIS A CA  1 
ATOM   1387 C C   . HIS A 1 189 ? -23.307 18.524  -3.163  1.00 62.63 ? 183 HIS A C   1 
ATOM   1388 O O   . HIS A 1 189 ? -22.861 18.761  -2.033  1.00 61.88 ? 183 HIS A O   1 
ATOM   1389 C CB  . HIS A 1 189 ? -25.393 19.922  -3.359  1.00 62.71 ? 183 HIS A CB  1 
ATOM   1390 N N   . TRP A 1 190 ? -22.522 18.276  -4.210  1.00 61.04 ? 184 TRP A N   1 
ATOM   1391 C CA  . TRP A 1 190 ? -21.065 18.252  -4.126  1.00 58.91 ? 184 TRP A CA  1 
ATOM   1392 C C   . TRP A 1 190 ? -20.476 18.673  -5.487  1.00 58.55 ? 184 TRP A C   1 
ATOM   1393 O O   . TRP A 1 190 ? -21.135 18.571  -6.524  1.00 57.99 ? 184 TRP A O   1 
ATOM   1394 C CB  . TRP A 1 190 ? -20.597 16.840  -3.713  1.00 57.50 ? 184 TRP A CB  1 
ATOM   1395 C CG  . TRP A 1 190 ? -20.900 15.762  -4.717  1.00 56.18 ? 184 TRP A CG  1 
ATOM   1396 C CD1 . TRP A 1 190 ? -20.236 15.532  -5.883  1.00 55.77 ? 184 TRP A CD1 1 
ATOM   1397 C CD2 . TRP A 1 190 ? -21.948 14.778  -4.653  1.00 55.77 ? 184 TRP A CD2 1 
ATOM   1398 N NE1 . TRP A 1 190 ? -20.796 14.471  -6.549  1.00 55.78 ? 184 TRP A NE1 1 
ATOM   1399 C CE2 . TRP A 1 190 ? -21.847 13.986  -5.817  1.00 55.67 ? 184 TRP A CE2 1 
ATOM   1400 C CE3 . TRP A 1 190 ? -22.953 14.483  -3.721  1.00 55.68 ? 184 TRP A CE3 1 
ATOM   1401 C CZ2 . TRP A 1 190 ? -22.720 12.919  -6.085  1.00 55.33 ? 184 TRP A CZ2 1 
ATOM   1402 C CZ3 . TRP A 1 190 ? -23.828 13.414  -3.990  1.00 55.40 ? 184 TRP A CZ3 1 
ATOM   1403 C CH2 . TRP A 1 190 ? -23.697 12.647  -5.162  1.00 55.06 ? 184 TRP A CH2 1 
ATOM   1404 N N   . GLU A 1 191 ? -19.236 19.149  -5.483  1.00 58.22 ? 185 GLU A N   1 
ATOM   1405 C CA  . GLU A 1 191 ? -18.603 19.610  -6.714  1.00 58.19 ? 185 GLU A CA  1 
ATOM   1406 C C   . GLU A 1 191 ? -17.234 18.952  -6.916  1.00 58.31 ? 185 GLU A C   1 
ATOM   1407 O O   . GLU A 1 191 ? -16.398 18.961  -6.016  1.00 58.33 ? 185 GLU A O   1 
ATOM   1408 C CB  . GLU A 1 191 ? -18.472 21.131  -6.646  1.00 58.65 ? 185 GLU A CB  1 
ATOM   1409 C CG  . GLU A 1 191 ? -17.813 21.810  -7.834  1.00 59.05 ? 185 GLU A CG  1 
ATOM   1410 C CD  . GLU A 1 191 ? -17.722 23.322  -7.647  1.00 60.07 ? 185 GLU A CD  1 
ATOM   1411 O OE1 . GLU A 1 191 ? -18.779 23.969  -7.467  1.00 60.09 ? 185 GLU A OE1 1 
ATOM   1412 O OE2 . GLU A 1 191 ? -16.589 23.861  -7.675  1.00 60.22 ? 185 GLU A OE2 1 
ATOM   1413 N N   . VAL A 1 192 ? -17.006 18.398  -8.107  1.00 58.44 ? 186 VAL A N   1 
ATOM   1414 C CA  . VAL A 1 192 ? -15.755 17.700  -8.443  1.00 58.45 ? 186 VAL A CA  1 
ATOM   1415 C C   . VAL A 1 192 ? -14.794 18.521  -9.299  1.00 58.80 ? 186 VAL A C   1 
ATOM   1416 O O   . VAL A 1 192 ? -15.123 18.875  -10.433 1.00 58.66 ? 186 VAL A O   1 
ATOM   1417 C CB  . VAL A 1 192 ? -16.061 16.393  -9.208  1.00 58.18 ? 186 VAL A CB  1 
ATOM   1418 C CG1 . VAL A 1 192 ? -14.772 15.685  -9.566  1.00 57.75 ? 186 VAL A CG1 1 
ATOM   1419 C CG2 . VAL A 1 192 ? -16.956 15.495  -8.366  1.00 57.95 ? 186 VAL A CG2 1 
ATOM   1420 N N   . CYS A 1 193 ? -13.600 18.798  -8.773  1.00 59.19 ? 187 CYS A N   1 
ATOM   1421 C CA  . CYS A 1 193 ? -12.602 19.591  -9.503  1.00 59.53 ? 187 CYS A CA  1 
ATOM   1422 C C   . CYS A 1 193 ? -11.386 18.745  -9.876  1.00 59.72 ? 187 CYS A C   1 
ATOM   1423 O O   . CYS A 1 193 ? -10.666 18.261  -9.006  1.00 59.94 ? 187 CYS A O   1 
ATOM   1424 C CB  . CYS A 1 193 ? -12.148 20.779  -8.653  1.00 59.65 ? 187 CYS A CB  1 
ATOM   1425 S SG  . CYS A 1 193 ? -13.511 21.791  -7.977  1.00 60.80 ? 187 CYS A SG  1 
ATOM   1426 N N   . TYR A 1 194 ? -11.141 18.589  -11.170 1.00 59.99 ? 188 TYR A N   1 
ATOM   1427 C CA  . TYR A 1 194 ? -10.023 17.774  -11.651 1.00 60.18 ? 188 TYR A CA  1 
ATOM   1428 C C   . TYR A 1 194 ? -9.212  18.496  -12.735 1.00 60.29 ? 188 TYR A C   1 
ATOM   1429 O O   . TYR A 1 194 ? -9.555  18.455  -13.918 1.00 60.15 ? 188 TYR A O   1 
ATOM   1430 C CB  . TYR A 1 194 ? -10.587 16.438  -12.169 1.00 59.95 ? 188 TYR A CB  1 
ATOM   1431 C CG  . TYR A 1 194 ? -9.588  15.399  -12.646 1.00 59.88 ? 188 TYR A CG  1 
ATOM   1432 C CD1 . TYR A 1 194 ? -8.369  15.206  -11.994 1.00 59.65 ? 188 TYR A CD1 1 
ATOM   1433 C CD2 . TYR A 1 194 ? -9.900  14.550  -13.721 1.00 59.77 ? 188 TYR A CD2 1 
ATOM   1434 C CE1 . TYR A 1 194 ? -7.484  14.192  -12.401 1.00 59.43 ? 188 TYR A CE1 1 
ATOM   1435 C CE2 . TYR A 1 194 ? -9.024  13.537  -14.131 1.00 59.37 ? 188 TYR A CE2 1 
ATOM   1436 C CZ  . TYR A 1 194 ? -7.818  13.362  -13.469 1.00 59.38 ? 188 TYR A CZ  1 
ATOM   1437 O OH  . TYR A 1 194 ? -6.956  12.360  -13.874 1.00 59.53 ? 188 TYR A OH  1 
ATOM   1438 N N   . GLY A 1 195 ? -8.145  19.168  -12.309 1.00 60.37 ? 189 GLY A N   1 
ATOM   1439 C CA  . GLY A 1 195 ? -7.276  19.888  -13.228 1.00 60.76 ? 189 GLY A CA  1 
ATOM   1440 C C   . GLY A 1 195 ? -7.948  20.883  -14.166 1.00 61.02 ? 189 GLY A C   1 
ATOM   1441 O O   . GLY A 1 195 ? -7.902  20.715  -15.391 1.00 61.44 ? 189 GLY A O   1 
ATOM   1442 N N   . SER A 1 196 ? -8.554  21.925  -13.602 1.00 60.73 ? 190 SER A N   1 
ATOM   1443 C CA  . SER A 1 196 ? -9.234  22.968  -14.374 1.00 60.41 ? 190 SER A CA  1 
ATOM   1444 C C   . SER A 1 196 ? -10.569 22.476  -14.898 1.00 60.15 ? 190 SER A C   1 
ATOM   1445 O O   . SER A 1 196 ? -11.305 23.225  -15.544 1.00 60.13 ? 190 SER A O   1 
ATOM   1446 C CB  . SER A 1 196 ? -8.360  23.433  -15.535 1.00 60.18 ? 190 SER A CB  1 
ATOM   1447 N N   . THR A 1 197 ? -10.879 21.213  -14.622 1.00 60.13 ? 191 THR A N   1 
ATOM   1448 C CA  . THR A 1 197 ? -12.135 20.629  -15.066 1.00 59.84 ? 191 THR A CA  1 
ATOM   1449 C C   . THR A 1 197 ? -13.045 20.454  -13.847 1.00 59.87 ? 191 THR A C   1 
ATOM   1450 O O   . THR A 1 197 ? -12.570 20.110  -12.758 1.00 59.89 ? 191 THR A O   1 
ATOM   1451 C CB  . THR A 1 197 ? -11.885 19.281  -15.761 1.00 59.75 ? 191 THR A CB  1 
ATOM   1452 O OG1 . THR A 1 197 ? -11.009 19.486  -16.880 1.00 59.92 ? 191 THR A OG1 1 
ATOM   1453 C CG2 . THR A 1 197 ? -13.189 18.669  -16.246 1.00 59.13 ? 191 THR A CG2 1 
ATOM   1454 N N   . VAL A 1 198 ? -14.343 20.706  -14.024 1.00 59.41 ? 192 VAL A N   1 
ATOM   1455 C CA  . VAL A 1 198 ? -15.288 20.593  -12.924 1.00 59.17 ? 192 VAL A CA  1 
ATOM   1456 C C   . VAL A 1 198 ? -16.568 19.866  -13.317 1.00 59.33 ? 192 VAL A C   1 
ATOM   1457 O O   . VAL A 1 198 ? -17.333 20.339  -14.156 1.00 59.18 ? 192 VAL A O   1 
ATOM   1458 C CB  . VAL A 1 198 ? -15.696 21.988  -12.378 1.00 59.01 ? 192 VAL A CB  1 
ATOM   1459 C CG1 . VAL A 1 198 ? -16.492 21.839  -11.101 1.00 58.26 ? 192 VAL A CG1 1 
ATOM   1460 C CG2 . VAL A 1 198 ? -14.461 22.848  -12.132 1.00 59.11 ? 192 VAL A CG2 1 
ATOM   1461 N N   . ILE A 1 199 ? -16.805 18.715  -12.698 1.00 59.57 ? 193 ILE A N   1 
ATOM   1462 C CA  . ILE A 1 199 ? -18.025 17.950  -12.940 1.00 59.79 ? 193 ILE A CA  1 
ATOM   1463 C C   . ILE A 1 199 ? -18.889 18.200  -11.692 1.00 59.46 ? 193 ILE A C   1 
ATOM   1464 O O   . ILE A 1 199 ? -18.373 18.177  -10.578 1.00 59.27 ? 193 ILE A O   1 
ATOM   1465 C CB  . ILE A 1 199 ? -17.750 16.447  -13.047 1.00 59.70 ? 193 ILE A CB  1 
ATOM   1466 C CG1 . ILE A 1 199 ? -16.650 16.186  -14.082 1.00 59.62 ? 193 ILE A CG1 1 
ATOM   1467 C CG2 . ILE A 1 199 ? -19.040 15.726  -13.427 1.00 59.70 ? 193 ILE A CG2 1 
ATOM   1468 C CD1 . ILE A 1 199 ? -16.291 14.709  -14.264 1.00 59.20 ? 193 ILE A CD1 1 
ATOM   1469 N N   . CYS A 1 200 ? -20.184 18.462  -11.875 1.00 59.40 ? 194 CYS A N   1 
ATOM   1470 C CA  . CYS A 1 200 ? -21.080 18.739  -10.752 1.00 60.11 ? 194 CYS A CA  1 
ATOM   1471 C C   . CYS A 1 200 ? -22.331 17.855  -10.736 1.00 59.92 ? 194 CYS A C   1 
ATOM   1472 O O   . CYS A 1 200 ? -22.924 17.631  -11.779 1.00 58.43 ? 194 CYS A O   1 
ATOM   1473 C CB  . CYS A 1 200 ? -21.499 20.208  -10.800 1.00 60.94 ? 194 CYS A CB  1 
ATOM   1474 S SG  . CYS A 1 200 ? -22.560 20.657  -9.439  1.00 64.64 ? 194 CYS A SG  1 
ATOM   1475 N N   . SER A 1 201 ? -22.743 17.374  -9.559  1.00 60.79 ? 195 SER A N   1 
ATOM   1476 C CA  . SER A 1 201 ? -23.938 16.500  -9.405  1.00 60.86 ? 195 SER A CA  1 
ATOM   1477 C C   . SER A 1 201 ? -24.965 16.474  -10.560 1.00 61.27 ? 195 SER A C   1 
ATOM   1478 O O   . SER A 1 201 ? -25.200 15.387  -11.179 1.00 63.47 ? 195 SER A O   1 
ATOM   1479 C CB  . SER A 1 201 ? -24.652 16.845  -8.091  1.00 58.61 ? 195 SER A CB  1 
HETATM 1480 O O   . HOH B 2 .   ? -14.731 -0.818  -4.415  1.00 39.63 ? 202 HOH A O   1 
HETATM 1481 O O   . HOH B 2 .   ? -11.070 -0.291  -2.077  1.00 43.14 ? 203 HOH A O   1 
HETATM 1482 O O   . HOH B 2 .   ? -24.960 5.121   -2.927  1.00 41.41 ? 204 HOH A O   1 
HETATM 1483 O O   . HOH B 2 .   ? 3.177   2.230   -16.655 1.00 43.96 ? 205 HOH A O   1 
HETATM 1484 O O   . HOH B 2 .   ? 9.867   -12.013 28.516  1.00 44.45 ? 206 HOH A O   1 
HETATM 1485 O O   . HOH B 2 .   ? -6.896  -13.901 -6.326  1.00 46.79 ? 207 HOH A O   1 
HETATM 1486 O O   . HOH B 2 .   ? -12.771 -5.686  -9.596  1.00 43.08 ? 208 HOH A O   1 
HETATM 1487 O O   . HOH B 2 .   ? -3.077  2.173   -16.635 1.00 45.57 ? 209 HOH A O   1 
HETATM 1488 O O   . HOH B 2 .   ? -0.409  -13.149 -4.038  1.00 43.56 ? 210 HOH A O   1 
HETATM 1489 O O   . HOH B 2 .   ? 6.671   -17.001 -6.257  1.00 46.72 ? 211 HOH A O   1 
HETATM 1490 O O   . HOH B 2 .   ? -0.825  10.499  -4.884  1.00 42.66 ? 212 HOH A O   1 
HETATM 1491 O O   . HOH B 2 .   ? -18.718 7.651   -15.879 1.00 45.92 ? 213 HOH A O   1 
HETATM 1492 O O   . HOH B 2 .   ? -19.262 17.273  -8.050  1.00 53.02 ? 214 HOH A O   1 
HETATM 1493 O O   . HOH B 2 .   ? -16.118 -3.095  -5.402  1.00 47.92 ? 215 HOH A O   1 
HETATM 1494 O O   . HOH B 2 .   ? 15.280  -5.222  28.392  1.00 51.04 ? 216 HOH A O   1 
HETATM 1495 O O   . HOH B 2 .   ? -23.245 17.985  -6.119  1.00 47.63 ? 217 HOH A O   1 
HETATM 1496 O O   . HOH B 2 .   ? -15.912 21.140  0.735   1.00 45.47 ? 218 HOH A O   1 
HETATM 1497 O O   . HOH B 2 .   ? 1.119   -7.973  22.977  1.00 49.21 ? 219 HOH A O   1 
HETATM 1498 O O   . HOH B 2 .   ? 5.230   -15.973 -4.022  1.00 50.19 ? 220 HOH A O   1 
HETATM 1499 O O   . HOH B 2 .   ? 2.914   -9.254  24.272  1.00 43.77 ? 221 HOH A O   1 
HETATM 1500 O O   . HOH B 2 .   ? -15.710 2.699   -18.384 1.00 46.06 ? 222 HOH A O   1 
HETATM 1501 O O   . HOH B 2 .   ? 23.723  -11.598 19.926  1.00 47.55 ? 223 HOH A O   1 
HETATM 1502 O O   . HOH B 2 .   ? -18.658 0.153   -7.867  1.00 45.98 ? 224 HOH A O   1 
HETATM 1503 O O   . HOH B 2 .   ? 16.526  -13.610 1.225   1.00 47.51 ? 225 HOH A O   1 
HETATM 1504 O O   . HOH B 2 .   ? -9.127  0.533   -17.346 1.00 45.80 ? 226 HOH A O   1 
HETATM 1505 O O   . HOH B 2 .   ? 4.285   -0.780  6.554   1.00 48.23 ? 227 HOH A O   1 
HETATM 1506 O O   . HOH B 2 .   ? -5.264  -6.902  4.520   1.00 43.08 ? 228 HOH A O   1 
HETATM 1507 O O   . HOH B 2 .   ? -0.544  0.069   -4.026  1.00 43.64 ? 229 HOH A O   1 
HETATM 1508 O O   . HOH B 2 .   ? -19.372 0.700   -5.091  1.00 45.74 ? 230 HOH A O   1 
HETATM 1509 O O   . HOH B 2 .   ? -14.511 -5.235  -5.668  0.5  45.52 ? 231 HOH A O   1 
HETATM 1510 O O   . HOH B 2 .   ? -15.818 6.315   -1.289  1.00 44.84 ? 232 HOH A O   1 
HETATM 1511 O O   . HOH B 2 .   ? 0.028   -11.015 -16.955 1.00 45.04 ? 233 HOH A O   1 
HETATM 1512 O O   . HOH B 2 .   ? -20.755 16.396  1.917   1.00 53.25 ? 234 HOH A O   1 
HETATM 1513 O O   . HOH B 2 .   ? -16.751 -4.113  -9.660  1.00 42.35 ? 235 HOH A O   1 
HETATM 1514 O O   . HOH B 2 .   ? -18.866 20.523  -9.959  1.00 52.92 ? 236 HOH A O   1 
HETATM 1515 O O   . HOH B 2 .   ? 1.170   -15.352 10.074  0.5  41.37 ? 237 HOH A O   1 
# 
